data_7DLU
#
_entry.id   7DLU
#
_entity_poly.entity_id   1
_entity_poly.type   'polypeptide(L)'
_entity_poly.pdbx_seq_one_letter_code
;MELNYDRLVQQTESWLPIVLEYSGKVALALLTLAIGWWLINTLTGRVGGLLARRSVDRTLQGFVGSLVSIVLKILLVVSV
ASMIGIQTTSFVAAIGAAGLAIGLALQGSLANFAGGVLILLFRPFKVGDWIEAQGVAGTVDSILIFHTVLRSGDNKRIIV
PNGALSNGTVTNYSAEPVRRVIFDVGIDYDADLKNAQNILLAMADDPRVLKDPAPVAVVSNLGESAITLSLRVWVKNADY
WDVMFMFNEKARDALGKEGIGIPFPQRVVKVVQGAMAD
;
_entity_poly.pdbx_strand_id   A,B,C,D,E,F,G
#
# COMPACT_ATOMS: atom_id res chain seq x y z
N SER A 14 -19.73 -35.98 61.07
CA SER A 14 -20.67 -34.88 60.94
C SER A 14 -20.85 -34.48 59.48
N TRP A 15 -19.74 -34.12 58.84
CA TRP A 15 -19.66 -33.77 57.41
C TRP A 15 -20.69 -32.72 57.00
N LEU A 16 -21.22 -31.96 57.96
CA LEU A 16 -22.23 -30.94 57.70
C LEU A 16 -21.64 -29.65 57.14
N PRO A 17 -20.51 -29.13 57.65
CA PRO A 17 -19.99 -27.87 57.11
C PRO A 17 -19.70 -27.90 55.61
N ILE A 18 -19.10 -28.99 55.10
CA ILE A 18 -18.78 -29.04 53.68
C ILE A 18 -20.05 -29.13 52.84
N VAL A 19 -21.07 -29.82 53.34
CA VAL A 19 -22.31 -29.95 52.58
C VAL A 19 -22.98 -28.60 52.41
N LEU A 20 -23.07 -27.81 53.48
CA LEU A 20 -23.65 -26.48 53.36
C LEU A 20 -22.73 -25.53 52.59
N GLU A 21 -21.41 -25.73 52.66
CA GLU A 21 -20.49 -24.89 51.91
C GLU A 21 -20.65 -25.11 50.41
N TYR A 22 -20.95 -26.34 50.01
CA TYR A 22 -21.23 -26.58 48.60
C TYR A 22 -22.65 -26.16 48.22
N SER A 23 -23.60 -26.32 49.15
CA SER A 23 -24.98 -25.96 48.86
C SER A 23 -25.14 -24.47 48.65
N GLY A 24 -24.41 -23.65 49.43
CA GLY A 24 -24.46 -22.21 49.21
C GLY A 24 -23.94 -21.83 47.84
N LYS A 25 -22.84 -22.46 47.40
CA LYS A 25 -22.31 -22.19 46.08
C LYS A 25 -23.30 -22.59 44.99
N VAL A 26 -23.92 -23.76 45.13
CA VAL A 26 -24.87 -24.21 44.12
C VAL A 26 -26.09 -23.30 44.09
N ALA A 27 -26.57 -22.86 45.26
CA ALA A 27 -27.73 -21.98 45.29
C ALA A 27 -27.43 -20.63 44.67
N LEU A 28 -26.24 -20.07 44.97
CA LEU A 28 -25.85 -18.80 44.36
C LEU A 28 -25.70 -18.93 42.85
N ALA A 29 -25.14 -20.05 42.38
CA ALA A 29 -24.99 -20.25 40.95
C ALA A 29 -26.34 -20.36 40.26
N LEU A 30 -27.28 -21.08 40.86
CA LEU A 30 -28.61 -21.21 40.24
C LEU A 30 -29.36 -19.89 40.26
N LEU A 31 -29.26 -19.13 41.36
CA LEU A 31 -29.85 -17.80 41.39
C LEU A 31 -29.28 -16.91 40.30
N THR A 32 -27.96 -16.88 40.17
CA THR A 32 -27.33 -16.09 39.12
C THR A 32 -27.82 -16.52 37.75
N LEU A 33 -27.89 -17.82 37.50
CA LEU A 33 -28.34 -18.33 36.21
C LEU A 33 -29.75 -17.83 35.90
N ALA A 34 -30.68 -18.01 36.84
CA ALA A 34 -32.07 -17.63 36.60
C ALA A 34 -32.19 -16.12 36.37
N ILE A 35 -31.61 -15.32 37.27
CA ILE A 35 -31.74 -13.87 37.15
C ILE A 35 -31.10 -13.35 35.87
N GLY A 36 -29.92 -13.87 35.51
CA GLY A 36 -29.26 -13.45 34.29
C GLY A 36 -30.02 -13.83 33.05
N TRP A 37 -30.57 -15.05 33.02
CA TRP A 37 -31.39 -15.47 31.89
C TRP A 37 -32.58 -14.54 31.72
N TRP A 38 -33.26 -14.24 32.82
CA TRP A 38 -34.41 -13.33 32.74
C TRP A 38 -34.00 -11.96 32.23
N LEU A 39 -32.91 -11.41 32.77
CA LEU A 39 -32.47 -10.08 32.38
C LEU A 39 -32.10 -10.04 30.89
N ILE A 40 -31.42 -11.08 30.41
CA ILE A 40 -31.05 -11.13 28.99
C ILE A 40 -32.30 -11.20 28.13
N ASN A 41 -33.30 -11.99 28.54
CA ASN A 41 -34.53 -12.07 27.76
C ASN A 41 -35.23 -10.72 27.68
N THR A 42 -35.38 -10.03 28.82
CA THR A 42 -36.03 -8.72 28.78
C THR A 42 -35.24 -7.72 27.96
N LEU A 43 -33.90 -7.75 28.07
CA LEU A 43 -33.09 -6.80 27.32
C LEU A 43 -33.21 -7.04 25.82
N THR A 44 -33.16 -8.30 25.37
CA THR A 44 -33.26 -8.54 23.94
C THR A 44 -34.66 -8.24 23.42
N GLY A 45 -35.70 -8.50 24.23
CA GLY A 45 -37.04 -8.10 23.82
C GLY A 45 -37.16 -6.59 23.67
N ARG A 46 -36.60 -5.83 24.61
CA ARG A 46 -36.62 -4.38 24.53
C ARG A 46 -35.87 -3.88 23.30
N VAL A 47 -34.70 -4.46 23.03
CA VAL A 47 -33.91 -4.04 21.88
C VAL A 47 -34.67 -4.33 20.58
N GLY A 48 -35.29 -5.51 20.49
CA GLY A 48 -36.08 -5.82 19.32
C GLY A 48 -37.25 -4.87 19.13
N GLY A 49 -37.90 -4.50 20.24
CA GLY A 49 -39.01 -3.56 20.14
C GLY A 49 -38.57 -2.20 19.65
N LEU A 50 -37.49 -1.66 20.23
CA LEU A 50 -37.00 -0.37 19.78
C LEU A 50 -36.45 -0.41 18.35
N LEU A 51 -35.95 -1.57 17.90
CA LEU A 51 -35.52 -1.67 16.52
C LEU A 51 -36.70 -1.76 15.56
N ALA A 52 -37.80 -2.39 15.98
CA ALA A 52 -39.00 -2.44 15.15
C ALA A 52 -39.65 -1.07 15.06
N ARG A 53 -39.64 -0.31 16.16
CA ARG A 53 -40.25 1.01 16.15
C ARG A 53 -39.56 1.99 15.23
N ARG A 54 -38.28 1.79 14.92
CA ARG A 54 -37.53 2.70 14.06
C ARG A 54 -37.61 2.32 12.60
N SER A 55 -38.33 1.27 12.25
CA SER A 55 -38.58 0.85 10.87
C SER A 55 -37.28 0.56 10.13
N VAL A 56 -36.52 -0.40 10.68
CA VAL A 56 -35.37 -0.95 10.00
C VAL A 56 -35.79 -2.27 9.37
N ASP A 57 -35.08 -2.68 8.32
CA ASP A 57 -35.43 -3.90 7.61
C ASP A 57 -35.32 -5.11 8.54
N ARG A 58 -36.24 -6.06 8.34
CA ARG A 58 -36.35 -7.19 9.27
C ARG A 58 -35.18 -8.15 9.15
N THR A 59 -34.43 -8.09 8.05
CA THR A 59 -33.19 -8.87 7.97
C THR A 59 -32.17 -8.36 8.98
N LEU A 60 -32.21 -7.05 9.27
CA LEU A 60 -31.26 -6.43 10.18
C LEU A 60 -31.71 -6.46 11.63
N GLN A 61 -32.83 -7.10 11.92
CA GLN A 61 -33.31 -7.26 13.29
C GLN A 61 -33.05 -8.65 13.84
N GLY A 62 -33.18 -9.67 12.99
CA GLY A 62 -32.95 -11.04 13.41
C GLY A 62 -31.57 -11.28 13.98
N PHE A 63 -30.53 -10.99 13.21
CA PHE A 63 -29.17 -11.24 13.68
C PHE A 63 -28.62 -10.08 14.50
N VAL A 64 -29.46 -9.15 14.92
CA VAL A 64 -29.07 -8.26 16.02
C VAL A 64 -29.61 -8.80 17.34
N GLY A 65 -30.90 -9.14 17.37
CA GLY A 65 -31.46 -9.76 18.57
C GLY A 65 -30.79 -11.07 18.90
N SER A 66 -30.64 -11.95 17.90
CA SER A 66 -30.02 -13.24 18.13
C SER A 66 -28.55 -13.08 18.54
N LEU A 67 -27.84 -12.15 17.90
CA LEU A 67 -26.45 -11.90 18.26
C LEU A 67 -26.33 -11.51 19.73
N VAL A 68 -27.07 -10.48 20.14
CA VAL A 68 -27.00 -10.02 21.52
C VAL A 68 -27.34 -11.15 22.49
N SER A 69 -28.42 -11.87 22.20
CA SER A 69 -28.88 -12.92 23.12
C SER A 69 -27.84 -14.02 23.26
N ILE A 70 -27.30 -14.51 22.13
CA ILE A 70 -26.39 -15.64 22.22
C ILE A 70 -25.08 -15.23 22.87
N VAL A 71 -24.59 -14.02 22.60
CA VAL A 71 -23.35 -13.59 23.22
C VAL A 71 -23.50 -13.49 24.72
N LEU A 72 -24.57 -12.82 25.18
CA LEU A 72 -24.77 -12.66 26.62
C LEU A 72 -25.02 -14.01 27.29
N LYS A 73 -25.72 -14.91 26.60
CA LYS A 73 -26.00 -16.21 27.18
C LYS A 73 -24.74 -17.07 27.29
N ILE A 74 -23.86 -17.00 26.29
CA ILE A 74 -22.59 -17.70 26.39
C ILE A 74 -21.78 -17.18 27.57
N LEU A 75 -21.70 -15.86 27.71
CA LEU A 75 -20.95 -15.29 28.83
C LEU A 75 -21.52 -15.76 30.17
N LEU A 76 -22.84 -15.70 30.32
CA LEU A 76 -23.47 -16.08 31.59
C LEU A 76 -23.27 -17.56 31.89
N VAL A 77 -23.40 -18.42 30.87
CA VAL A 77 -23.25 -19.85 31.09
C VAL A 77 -21.83 -20.19 31.48
N VAL A 78 -20.83 -19.57 30.82
CA VAL A 78 -19.44 -19.78 31.23
C VAL A 78 -19.24 -19.35 32.67
N SER A 79 -19.81 -18.20 33.05
CA SER A 79 -19.64 -17.70 34.41
C SER A 79 -20.22 -18.66 35.45
N VAL A 80 -21.44 -19.14 35.22
CA VAL A 80 -22.06 -20.01 36.24
C VAL A 80 -21.39 -21.38 36.26
N ALA A 81 -20.99 -21.90 35.10
CA ALA A 81 -20.28 -23.18 35.07
C ALA A 81 -18.97 -23.09 35.84
N SER A 82 -18.27 -21.96 35.74
CA SER A 82 -17.09 -21.78 36.57
C SER A 82 -17.47 -21.55 38.02
N MET A 83 -18.67 -21.04 38.28
CA MET A 83 -19.06 -20.75 39.66
C MET A 83 -19.39 -22.02 40.44
N ILE A 84 -19.87 -23.08 39.78
CA ILE A 84 -20.18 -24.26 40.58
C ILE A 84 -18.90 -25.03 40.90
N GLY A 85 -18.30 -25.69 39.91
CA GLY A 85 -17.03 -26.33 40.16
C GLY A 85 -16.06 -26.48 39.00
N ILE A 86 -16.44 -26.02 37.81
CA ILE A 86 -15.79 -26.44 36.57
C ILE A 86 -14.70 -25.43 36.20
N GLN A 87 -13.59 -25.94 35.67
CA GLN A 87 -12.51 -25.11 35.16
C GLN A 87 -12.83 -24.66 33.74
N THR A 88 -12.85 -23.36 33.50
CA THR A 88 -13.26 -22.82 32.22
C THR A 88 -12.22 -21.86 31.64
N THR A 89 -10.94 -22.10 31.91
CA THR A 89 -9.90 -21.22 31.37
C THR A 89 -9.80 -21.35 29.86
N SER A 90 -10.00 -22.56 29.32
CA SER A 90 -9.97 -22.76 27.88
C SER A 90 -11.10 -22.03 27.19
N PHE A 91 -12.29 -22.07 27.77
CA PHE A 91 -13.43 -21.36 27.18
C PHE A 91 -13.27 -19.85 27.29
N VAL A 92 -12.65 -19.36 28.36
CA VAL A 92 -12.39 -17.94 28.45
C VAL A 92 -11.36 -17.51 27.41
N ALA A 93 -10.35 -18.34 27.17
CA ALA A 93 -9.38 -18.05 26.12
C ALA A 93 -10.06 -18.03 24.75
N ALA A 94 -10.95 -18.99 24.48
CA ALA A 94 -11.66 -19.01 23.21
C ALA A 94 -12.56 -17.80 23.04
N ILE A 95 -13.24 -17.40 24.12
CA ILE A 95 -14.10 -16.22 24.07
C ILE A 95 -13.28 -14.97 23.80
N GLY A 96 -12.10 -14.87 24.42
CA GLY A 96 -11.24 -13.73 24.15
C GLY A 96 -10.74 -13.69 22.72
N ALA A 97 -10.40 -14.85 22.17
CA ALA A 97 -9.97 -14.91 20.77
C ALA A 97 -11.11 -14.49 19.84
N ALA A 98 -12.32 -14.98 20.09
CA ALA A 98 -13.45 -14.60 19.25
C ALA A 98 -13.77 -13.11 19.38
N GLY A 99 -13.67 -12.57 20.59
CA GLY A 99 -13.91 -11.15 20.77
C GLY A 99 -12.88 -10.29 20.06
N LEU A 100 -11.62 -10.71 20.11
CA LEU A 100 -10.58 -9.97 19.39
C LEU A 100 -10.78 -10.06 17.88
N ALA A 101 -11.22 -11.21 17.38
CA ALA A 101 -11.55 -11.34 15.97
C ALA A 101 -12.67 -10.38 15.57
N ILE A 102 -13.75 -10.36 16.36
CA ILE A 102 -14.87 -9.47 16.05
C ILE A 102 -14.44 -8.02 16.13
N GLY A 103 -13.55 -7.70 17.08
CA GLY A 103 -13.07 -6.33 17.19
C GLY A 103 -12.22 -5.90 16.02
N LEU A 104 -11.38 -6.81 15.52
CA LEU A 104 -10.56 -6.49 14.35
C LEU A 104 -11.39 -6.43 13.08
N ALA A 105 -12.50 -7.16 13.04
CA ALA A 105 -13.39 -7.10 11.88
C ALA A 105 -14.31 -5.88 11.91
N LEU A 106 -14.03 -4.88 12.74
CA LEU A 106 -14.88 -3.71 12.88
C LEU A 106 -14.10 -2.40 12.75
N GLN A 107 -12.81 -2.46 12.43
CA GLN A 107 -11.96 -1.27 12.53
C GLN A 107 -12.37 -0.19 11.53
N GLY A 108 -12.83 -0.58 10.34
CA GLY A 108 -13.18 0.41 9.34
C GLY A 108 -14.36 1.29 9.75
N SER A 109 -15.43 0.66 10.22
CA SER A 109 -16.61 1.41 10.62
C SER A 109 -16.35 2.28 11.84
N LEU A 110 -15.62 1.75 12.82
CA LEU A 110 -15.30 2.55 14.00
C LEU A 110 -14.37 3.71 13.65
N ALA A 111 -13.46 3.50 12.70
CA ALA A 111 -12.64 4.61 12.22
C ALA A 111 -13.48 5.66 11.52
N ASN A 112 -14.53 5.23 10.79
CA ASN A 112 -15.42 6.19 10.16
C ASN A 112 -16.16 7.01 11.21
N PHE A 113 -16.62 6.38 12.29
CA PHE A 113 -17.33 7.12 13.33
C PHE A 113 -16.40 8.08 14.07
N ALA A 114 -15.15 7.69 14.30
CA ALA A 114 -14.20 8.59 14.94
C ALA A 114 -13.86 9.76 14.04
N GLY A 115 -13.68 9.51 12.74
CA GLY A 115 -13.47 10.61 11.81
C GLY A 115 -14.65 11.55 11.72
N GLY A 116 -15.86 11.02 11.84
CA GLY A 116 -17.03 11.87 11.86
C GLY A 116 -17.08 12.76 13.09
N VAL A 117 -16.74 12.20 14.25
CA VAL A 117 -16.66 13.01 15.47
C VAL A 117 -15.62 14.12 15.29
N LEU A 118 -14.47 13.78 14.70
CA LEU A 118 -13.44 14.79 14.49
C LEU A 118 -13.89 15.88 13.52
N ILE A 119 -14.61 15.50 12.46
CA ILE A 119 -15.10 16.49 11.51
C ILE A 119 -16.13 17.41 12.15
N LEU A 120 -16.93 16.88 13.08
CA LEU A 120 -17.87 17.74 13.78
C LEU A 120 -17.18 18.64 14.80
N LEU A 121 -16.07 18.18 15.38
CA LEU A 121 -15.39 18.98 16.40
C LEU A 121 -14.62 20.15 15.80
N PHE A 122 -13.60 19.86 15.01
CA PHE A 122 -12.94 20.87 14.19
C PHE A 122 -13.67 20.93 12.85
N ARG A 123 -14.06 22.12 12.44
CA ARG A 123 -14.89 22.22 11.25
C ARG A 123 -14.07 22.63 10.03
N PRO A 124 -13.61 21.68 9.21
CA PRO A 124 -12.83 22.04 8.03
C PRO A 124 -13.71 22.60 6.93
N PHE A 125 -14.96 22.13 6.88
CA PHE A 125 -15.90 22.57 5.87
C PHE A 125 -17.29 22.59 6.48
N LYS A 126 -18.19 23.30 5.83
CA LYS A 126 -19.58 23.44 6.24
C LYS A 126 -20.48 23.09 5.07
N VAL A 127 -21.79 23.06 5.32
CA VAL A 127 -22.75 22.77 4.27
C VAL A 127 -22.79 23.94 3.29
N GLY A 128 -22.65 23.64 2.01
CA GLY A 128 -22.62 24.65 0.97
C GLY A 128 -21.25 24.88 0.39
N ASP A 129 -20.19 24.41 1.04
CA ASP A 129 -18.83 24.63 0.56
C ASP A 129 -18.49 23.66 -0.56
N TRP A 130 -17.77 24.16 -1.57
CA TRP A 130 -17.18 23.32 -2.59
C TRP A 130 -15.84 22.82 -2.08
N ILE A 131 -15.71 21.50 -1.92
CA ILE A 131 -14.48 20.91 -1.42
C ILE A 131 -14.01 19.84 -2.41
N GLU A 132 -12.79 19.38 -2.18
CA GLU A 132 -12.16 18.37 -3.03
C GLU A 132 -11.26 17.52 -2.14
N ALA A 133 -11.53 16.22 -2.11
CA ALA A 133 -10.81 15.31 -1.24
C ALA A 133 -11.04 13.88 -1.71
N GLN A 134 -10.04 13.03 -1.50
CA GLN A 134 -10.11 11.60 -1.79
C GLN A 134 -10.37 11.31 -3.26
N GLY A 135 -9.96 12.20 -4.15
CA GLY A 135 -10.14 12.00 -5.57
C GLY A 135 -11.46 12.45 -6.14
N VAL A 136 -12.33 13.05 -5.32
CA VAL A 136 -13.62 13.56 -5.79
C VAL A 136 -13.73 15.02 -5.39
N ALA A 137 -14.78 15.67 -5.89
CA ALA A 137 -15.00 17.09 -5.62
C ALA A 137 -16.48 17.40 -5.73
N GLY A 138 -16.92 18.43 -5.02
CA GLY A 138 -18.30 18.83 -5.11
C GLY A 138 -18.73 19.66 -3.92
N THR A 139 -20.01 20.00 -3.93
CA THR A 139 -20.61 20.85 -2.90
C THR A 139 -21.13 19.99 -1.75
N VAL A 140 -20.73 20.34 -0.53
CA VAL A 140 -21.16 19.60 0.65
C VAL A 140 -22.66 19.80 0.84
N ASP A 141 -23.40 18.69 0.87
CA ASP A 141 -24.85 18.68 0.98
C ASP A 141 -25.34 18.32 2.37
N SER A 142 -24.61 17.46 3.08
CA SER A 142 -24.97 17.05 4.42
C SER A 142 -23.78 16.32 5.04
N ILE A 143 -23.53 16.61 6.32
CA ILE A 143 -22.47 15.96 7.07
C ILE A 143 -23.12 15.09 8.14
N LEU A 144 -22.84 13.80 8.11
CA LEU A 144 -23.27 12.87 9.13
C LEU A 144 -22.05 12.37 9.89
N ILE A 145 -22.28 11.51 10.87
CA ILE A 145 -21.15 11.01 11.65
C ILE A 145 -20.47 9.86 10.93
N PHE A 146 -21.17 9.19 10.00
CA PHE A 146 -20.53 8.08 9.31
C PHE A 146 -19.96 8.48 7.94
N HIS A 147 -20.67 9.31 7.19
CA HIS A 147 -20.20 9.72 5.87
C HIS A 147 -20.62 11.16 5.59
N THR A 148 -20.05 11.71 4.53
CA THR A 148 -20.36 13.04 4.03
C THR A 148 -20.92 12.90 2.62
N VAL A 149 -21.91 13.73 2.29
CA VAL A 149 -22.59 13.67 1.00
C VAL A 149 -22.24 14.93 0.20
N LEU A 150 -21.89 14.73 -1.06
CA LEU A 150 -21.50 15.80 -1.97
C LEU A 150 -22.39 15.76 -3.20
N ARG A 151 -22.64 16.91 -3.78
CA ARG A 151 -23.26 17.01 -5.10
C ARG A 151 -22.18 17.46 -6.08
N SER A 152 -21.98 16.66 -7.13
CA SER A 152 -20.95 16.92 -8.11
C SER A 152 -21.33 18.13 -8.97
N GLY A 153 -20.38 18.54 -9.81
CA GLY A 153 -20.66 19.60 -10.77
C GLY A 153 -21.74 19.24 -11.77
N ASP A 154 -21.94 17.94 -12.00
CA ASP A 154 -22.99 17.43 -12.86
C ASP A 154 -24.24 17.06 -12.09
N ASN A 155 -24.25 17.29 -10.77
CA ASN A 155 -25.37 17.03 -9.87
C ASN A 155 -25.59 15.53 -9.65
N LYS A 156 -24.51 14.78 -9.56
CA LYS A 156 -24.61 13.39 -9.10
C LYS A 156 -24.06 13.30 -7.68
N ARG A 157 -24.62 12.35 -6.92
CA ARG A 157 -24.40 12.28 -5.49
C ARG A 157 -23.19 11.41 -5.17
N ILE A 158 -22.28 11.94 -4.37
CA ILE A 158 -21.06 11.25 -3.96
C ILE A 158 -21.11 11.06 -2.45
N ILE A 159 -20.78 9.85 -1.99
CA ILE A 159 -20.76 9.53 -0.57
C ILE A 159 -19.33 9.19 -0.20
N VAL A 160 -18.77 9.96 0.73
CA VAL A 160 -17.38 9.81 1.15
C VAL A 160 -17.37 9.39 2.62
N PRO A 161 -16.74 8.27 2.97
CA PRO A 161 -16.63 7.91 4.38
C PRO A 161 -15.75 8.89 5.14
N ASN A 162 -16.08 9.07 6.42
CA ASN A 162 -15.48 10.15 7.21
C ASN A 162 -14.11 9.82 7.76
N GLY A 163 -13.75 8.55 7.84
CA GLY A 163 -12.44 8.18 8.37
C GLY A 163 -11.31 8.62 7.47
N ALA A 164 -11.30 8.11 6.24
CA ALA A 164 -10.29 8.51 5.27
C ALA A 164 -10.41 9.99 4.93
N LEU A 165 -11.61 10.55 5.03
CA LEU A 165 -11.80 11.98 4.77
C LEU A 165 -11.07 12.82 5.82
N SER A 166 -11.24 12.48 7.10
CA SER A 166 -10.60 13.23 8.16
C SER A 166 -9.12 12.90 8.30
N ASN A 167 -8.65 11.80 7.73
CA ASN A 167 -7.24 11.45 7.79
C ASN A 167 -6.46 11.83 6.54
N GLY A 168 -7.04 12.61 5.62
CA GLY A 168 -6.36 13.08 4.44
C GLY A 168 -6.48 14.59 4.30
N THR A 169 -5.92 15.09 3.20
CA THR A 169 -5.99 16.52 2.93
C THR A 169 -7.32 16.88 2.29
N VAL A 170 -7.83 18.06 2.63
CA VAL A 170 -9.08 18.58 2.11
C VAL A 170 -8.82 19.99 1.60
N THR A 171 -9.19 20.25 0.35
CA THR A 171 -9.09 21.58 -0.23
C THR A 171 -10.47 22.21 -0.22
N ASN A 172 -10.59 23.37 0.41
CA ASN A 172 -11.86 24.09 0.55
C ASN A 172 -11.80 25.32 -0.34
N TYR A 173 -12.62 25.34 -1.38
CA TYR A 173 -12.61 26.43 -2.35
C TYR A 173 -13.40 27.64 -1.89
N SER A 174 -14.22 27.52 -0.85
CA SER A 174 -15.13 28.59 -0.44
C SER A 174 -14.79 29.20 0.91
N ALA A 175 -13.68 28.78 1.54
CA ALA A 175 -13.38 29.26 2.88
C ALA A 175 -12.91 30.69 2.89
N GLU A 176 -12.16 31.12 1.87
CA GLU A 176 -11.61 32.46 1.87
C GLU A 176 -12.53 33.43 1.17
N PRO A 177 -12.63 34.67 1.64
CA PRO A 177 -13.54 35.63 1.01
C PRO A 177 -13.05 36.16 -0.34
N VAL A 178 -11.76 36.04 -0.63
CA VAL A 178 -11.16 36.59 -1.84
C VAL A 178 -10.27 35.53 -2.45
N ARG A 179 -10.32 35.42 -3.78
CA ARG A 179 -9.51 34.44 -4.50
C ARG A 179 -8.71 35.14 -5.59
N ARG A 180 -7.75 34.41 -6.16
CA ARG A 180 -6.85 34.95 -7.18
C ARG A 180 -7.08 34.20 -8.48
N VAL A 181 -7.73 34.86 -9.43
CA VAL A 181 -7.86 34.33 -10.79
C VAL A 181 -6.54 34.62 -11.50
N ILE A 182 -5.92 33.60 -12.07
CA ILE A 182 -4.64 33.98 -12.63
C ILE A 182 -4.83 34.34 -14.11
N PHE A 183 -4.58 33.39 -15.02
CA PHE A 183 -4.99 33.36 -16.43
C PHE A 183 -3.88 32.53 -17.08
N ASP A 184 -3.96 32.26 -18.39
CA ASP A 184 -2.78 31.84 -19.13
C ASP A 184 -3.08 31.95 -20.62
N VAL A 185 -2.20 32.62 -21.37
CA VAL A 185 -2.40 32.73 -22.81
C VAL A 185 -1.06 32.68 -23.52
N GLY A 186 -0.97 31.87 -24.57
CA GLY A 186 0.23 31.80 -25.39
C GLY A 186 0.14 32.74 -26.57
N ILE A 187 1.19 33.53 -26.78
CA ILE A 187 1.23 34.51 -27.84
C ILE A 187 2.43 34.21 -28.74
N ASP A 188 2.50 34.95 -29.85
CA ASP A 188 3.56 34.78 -30.83
C ASP A 188 4.93 35.00 -30.20
N TYR A 189 5.96 34.44 -30.84
CA TYR A 189 7.32 34.62 -30.34
C TYR A 189 7.88 35.97 -30.74
N ASP A 190 7.43 36.53 -31.86
CA ASP A 190 7.96 37.81 -32.33
C ASP A 190 7.20 39.01 -31.78
N ALA A 191 6.20 38.80 -30.93
CA ALA A 191 5.48 39.91 -30.33
C ALA A 191 6.33 40.61 -29.29
N ASP A 192 6.06 41.89 -29.07
CA ASP A 192 6.74 42.64 -28.04
C ASP A 192 5.96 42.48 -26.73
N LEU A 193 6.65 41.99 -25.70
CA LEU A 193 5.98 41.49 -24.52
C LEU A 193 5.47 42.61 -23.61
N LYS A 194 6.14 43.76 -23.60
CA LYS A 194 5.67 44.88 -22.78
C LYS A 194 4.29 45.35 -23.24
N ASN A 195 4.12 45.54 -24.54
CA ASN A 195 2.83 45.95 -25.08
C ASN A 195 1.77 44.88 -24.83
N ALA A 196 2.15 43.61 -24.90
CA ALA A 196 1.19 42.54 -24.68
C ALA A 196 0.70 42.51 -23.24
N GLN A 197 1.61 42.67 -22.27
CA GLN A 197 1.15 42.67 -20.89
C GLN A 197 0.44 43.97 -20.54
N ASN A 198 0.74 45.06 -21.23
CA ASN A 198 -0.06 46.28 -21.06
C ASN A 198 -1.48 46.06 -21.56
N ILE A 199 -1.64 45.38 -22.70
CA ILE A 199 -2.96 45.05 -23.22
C ILE A 199 -3.71 44.17 -22.23
N LEU A 200 -3.03 43.15 -21.69
CA LEU A 200 -3.67 42.27 -20.71
C LEU A 200 -4.05 43.03 -19.45
N LEU A 201 -3.25 44.03 -19.07
CA LEU A 201 -3.59 44.81 -17.88
C LEU A 201 -4.76 45.74 -18.12
N ALA A 202 -4.89 46.27 -19.34
CA ALA A 202 -6.08 47.07 -19.66
C ALA A 202 -7.20 46.17 -20.17
N MET A 203 -7.39 45.07 -19.46
CA MET A 203 -8.49 44.14 -19.70
C MET A 203 -9.10 43.71 -18.37
N ALA A 204 -8.46 44.04 -17.25
CA ALA A 204 -8.98 43.77 -15.92
C ALA A 204 -9.57 45.01 -15.28
N ASP A 205 -10.09 45.94 -16.09
CA ASP A 205 -10.76 47.12 -15.56
C ASP A 205 -12.22 46.86 -15.21
N ASP A 206 -12.64 45.61 -15.15
CA ASP A 206 -14.00 45.29 -14.76
C ASP A 206 -14.24 45.76 -13.32
N PRO A 207 -15.47 46.16 -12.97
CA PRO A 207 -15.74 46.49 -11.56
C PRO A 207 -16.00 45.24 -10.73
N ARG A 208 -15.18 44.22 -10.97
CA ARG A 208 -15.19 42.99 -10.19
C ARG A 208 -13.79 42.56 -9.80
N VAL A 209 -12.77 43.16 -10.39
CA VAL A 209 -11.38 42.89 -10.06
C VAL A 209 -10.97 43.85 -8.94
N LEU A 210 -10.59 43.29 -7.80
CA LEU A 210 -10.15 44.12 -6.69
C LEU A 210 -8.85 44.82 -7.02
N LYS A 211 -8.67 46.00 -6.44
CA LYS A 211 -7.43 46.75 -6.54
C LYS A 211 -6.55 46.58 -5.32
N ASP A 212 -6.96 45.74 -4.36
CA ASP A 212 -6.25 45.72 -3.07
C ASP A 212 -4.84 45.16 -3.23
N PRO A 213 -4.63 43.87 -3.61
CA PRO A 213 -3.35 43.51 -4.23
C PRO A 213 -3.40 43.72 -5.74
N ALA A 214 -3.05 44.93 -6.20
CA ALA A 214 -3.16 45.38 -7.58
C ALA A 214 -2.80 44.31 -8.62
N PRO A 215 -3.48 44.29 -9.76
CA PRO A 215 -3.27 43.21 -10.73
C PRO A 215 -1.85 43.19 -11.28
N VAL A 216 -1.47 42.04 -11.81
CA VAL A 216 -0.10 41.80 -12.27
C VAL A 216 -0.16 41.05 -13.59
N ALA A 217 0.81 41.30 -14.47
CA ALA A 217 0.93 40.58 -15.73
C ALA A 217 2.39 40.26 -15.97
N VAL A 218 2.71 38.97 -16.09
CA VAL A 218 4.09 38.52 -16.15
C VAL A 218 4.29 37.58 -17.33
N VAL A 219 5.56 37.39 -17.68
CA VAL A 219 5.96 36.41 -18.69
C VAL A 219 6.40 35.15 -17.95
N SER A 220 5.53 34.15 -17.92
CA SER A 220 5.93 32.84 -17.42
C SER A 220 6.70 32.13 -18.54
N ASN A 221 6.86 30.82 -18.42
CA ASN A 221 7.83 30.07 -19.23
C ASN A 221 7.71 30.38 -20.71
N LEU A 222 8.82 30.25 -21.43
CA LEU A 222 8.86 30.34 -22.88
C LEU A 222 8.62 28.95 -23.46
N GLY A 223 7.43 28.74 -24.02
CA GLY A 223 7.03 27.45 -24.51
C GLY A 223 7.70 27.08 -25.82
N GLU A 224 7.28 25.94 -26.37
CA GLU A 224 7.90 25.43 -27.58
C GLU A 224 7.34 26.07 -28.84
N SER A 225 6.10 26.55 -28.81
CA SER A 225 5.51 27.23 -29.95
C SER A 225 5.03 28.64 -29.63
N ALA A 226 4.81 28.97 -28.36
CA ALA A 226 4.27 30.27 -27.98
C ALA A 226 4.90 30.71 -26.67
N ILE A 227 4.96 32.03 -26.47
CA ILE A 227 5.40 32.61 -25.20
C ILE A 227 4.19 32.75 -24.30
N THR A 228 4.29 32.23 -23.09
CA THR A 228 3.15 32.19 -22.18
C THR A 228 3.11 33.43 -21.31
N LEU A 229 2.04 34.20 -21.43
CA LEU A 229 1.75 35.32 -20.57
C LEU A 229 0.74 34.91 -19.50
N SER A 230 0.87 35.52 -18.33
CA SER A 230 0.02 35.19 -17.18
C SER A 230 -0.47 36.48 -16.54
N LEU A 231 -1.77 36.73 -16.63
CA LEU A 231 -2.42 37.75 -15.84
C LEU A 231 -2.68 37.20 -14.44
N ARG A 232 -2.90 38.10 -13.47
CA ARG A 232 -3.07 37.68 -12.09
C ARG A 232 -3.85 38.76 -11.36
N VAL A 233 -5.09 38.46 -10.99
CA VAL A 233 -5.98 39.44 -10.38
C VAL A 233 -6.66 38.80 -9.17
N TRP A 234 -7.17 39.65 -8.29
CA TRP A 234 -7.90 39.23 -7.11
C TRP A 234 -9.37 39.59 -7.26
N VAL A 235 -10.25 38.62 -7.01
CA VAL A 235 -11.69 38.80 -7.09
C VAL A 235 -12.31 38.29 -5.80
N LYS A 236 -13.61 38.53 -5.65
CA LYS A 236 -14.34 37.90 -4.57
C LYS A 236 -14.60 36.43 -4.90
N ASN A 237 -14.77 35.62 -3.86
CA ASN A 237 -14.82 34.18 -4.04
C ASN A 237 -15.99 33.73 -4.92
N ALA A 238 -16.99 34.58 -5.11
CA ALA A 238 -18.15 34.21 -5.92
C ALA A 238 -18.06 34.67 -7.37
N ASP A 239 -17.11 35.53 -7.70
CA ASP A 239 -16.93 36.02 -9.06
C ASP A 239 -15.83 35.30 -9.81
N TYR A 240 -15.30 34.21 -9.27
CA TYR A 240 -14.15 33.54 -9.86
C TYR A 240 -14.43 33.13 -11.31
N TRP A 241 -15.45 32.30 -11.53
CA TRP A 241 -15.65 31.71 -12.83
C TRP A 241 -16.16 32.71 -13.85
N ASP A 242 -16.98 33.68 -13.43
CA ASP A 242 -17.44 34.71 -14.35
C ASP A 242 -16.26 35.48 -14.92
N VAL A 243 -15.33 35.89 -14.05
CA VAL A 243 -14.15 36.62 -14.50
C VAL A 243 -13.27 35.74 -15.37
N MET A 244 -13.12 34.46 -15.02
CA MET A 244 -12.32 33.57 -15.84
C MET A 244 -12.88 33.42 -17.26
N PHE A 245 -14.20 33.26 -17.39
CA PHE A 245 -14.80 33.11 -18.71
C PHE A 245 -14.74 34.42 -19.50
N MET A 246 -14.99 35.55 -18.83
CA MET A 246 -14.85 36.84 -19.49
C MET A 246 -13.44 37.03 -20.04
N PHE A 247 -12.43 36.62 -19.28
CA PHE A 247 -11.06 36.65 -19.79
C PHE A 247 -10.92 35.73 -20.99
N ASN A 248 -11.45 34.51 -20.89
CA ASN A 248 -11.33 33.54 -21.98
C ASN A 248 -11.83 34.10 -23.31
N GLU A 249 -12.81 34.98 -23.27
CA GLU A 249 -13.30 35.60 -24.52
C GLU A 249 -12.52 36.86 -24.91
N LYS A 250 -12.49 37.84 -24.01
CA LYS A 250 -11.88 39.12 -24.33
C LYS A 250 -10.38 39.00 -24.59
N ALA A 251 -9.73 37.93 -24.14
CA ALA A 251 -8.29 37.79 -24.32
C ALA A 251 -7.93 37.79 -25.80
N ARG A 252 -8.45 36.81 -26.53
CA ARG A 252 -8.21 36.80 -27.97
C ARG A 252 -8.77 38.06 -28.61
N ASP A 253 -10.01 38.43 -28.26
CA ASP A 253 -10.62 39.54 -28.99
C ASP A 253 -9.81 40.84 -28.85
N ALA A 254 -9.08 41.00 -27.75
CA ALA A 254 -8.32 42.22 -27.48
C ALA A 254 -6.86 42.13 -27.88
N LEU A 255 -6.24 40.96 -27.74
CA LEU A 255 -4.87 40.81 -28.21
C LEU A 255 -4.79 40.95 -29.73
N GLY A 256 -5.72 40.32 -30.45
CA GLY A 256 -5.67 40.38 -31.90
C GLY A 256 -5.80 41.77 -32.49
N LYS A 257 -6.20 42.76 -31.70
CA LYS A 257 -6.45 44.09 -32.24
C LYS A 257 -5.15 44.83 -32.52
N GLU A 258 -4.16 44.66 -31.64
CA GLU A 258 -2.87 45.33 -31.79
C GLU A 258 -1.84 44.47 -32.51
N GLY A 259 -2.28 43.46 -33.25
CA GLY A 259 -1.37 42.64 -34.03
C GLY A 259 -0.63 41.57 -33.28
N ILE A 260 -1.25 41.01 -32.24
CA ILE A 260 -0.66 39.91 -31.47
C ILE A 260 -1.57 38.71 -31.64
N GLY A 261 -1.06 37.66 -32.27
CA GLY A 261 -1.84 36.47 -32.49
C GLY A 261 -1.63 35.41 -31.44
N ILE A 262 -2.49 34.40 -31.48
CA ILE A 262 -2.38 33.20 -30.66
C ILE A 262 -2.02 32.05 -31.59
N PRO A 263 -0.79 31.53 -31.56
CA PRO A 263 -0.30 30.69 -32.65
C PRO A 263 -0.64 29.21 -32.47
N PHE A 264 -0.56 28.50 -33.59
CA PHE A 264 -0.77 27.07 -33.70
C PHE A 264 0.55 26.34 -33.41
N PRO A 265 0.57 25.01 -33.44
CA PRO A 265 1.84 24.28 -33.24
C PRO A 265 2.82 24.41 -34.39
N GLN A 266 3.67 25.44 -34.35
CA GLN A 266 4.68 25.69 -35.37
C GLN A 266 5.61 24.50 -35.58
N ARG A 267 6.24 24.47 -36.75
CA ARG A 267 7.21 23.46 -37.12
C ARG A 267 8.08 23.99 -38.24
N VAL A 268 9.36 23.61 -38.22
CA VAL A 268 10.32 23.97 -39.26
C VAL A 268 10.77 22.68 -39.95
N VAL A 269 10.57 22.61 -41.26
CA VAL A 269 10.79 21.38 -42.02
C VAL A 269 11.78 21.67 -43.12
N LYS A 270 12.88 20.93 -43.15
CA LYS A 270 13.87 21.00 -44.21
C LYS A 270 13.64 19.86 -45.18
N VAL A 271 13.29 20.19 -46.42
CA VAL A 271 12.90 19.20 -47.41
C VAL A 271 14.11 18.81 -48.25
N VAL A 272 14.46 17.53 -48.24
CA VAL A 272 15.49 16.98 -49.12
C VAL A 272 14.79 16.11 -50.15
N GLN A 273 15.04 16.41 -51.43
CA GLN A 273 14.35 15.71 -52.51
C GLN A 273 15.32 14.86 -53.32
N SER B 14 -6.41 -42.25 59.89
CA SER B 14 -7.75 -42.20 59.30
C SER B 14 -7.68 -41.98 57.80
N TRP B 15 -7.02 -40.88 57.41
CA TRP B 15 -6.76 -40.51 56.00
C TRP B 15 -8.03 -40.53 55.14
N LEU B 16 -9.20 -40.47 55.76
CA LEU B 16 -10.47 -40.50 55.05
C LEU B 16 -10.84 -39.17 54.41
N PRO B 17 -10.66 -38.02 55.08
CA PRO B 17 -11.06 -36.75 54.45
C PRO B 17 -10.38 -36.48 53.11
N ILE B 18 -9.07 -36.74 53.00
CA ILE B 18 -8.37 -36.45 51.75
C ILE B 18 -8.83 -37.40 50.66
N VAL B 19 -9.15 -38.65 51.00
CA VAL B 19 -9.59 -39.60 49.99
C VAL B 19 -10.91 -39.17 49.38
N LEU B 20 -11.87 -38.77 50.21
CA LEU B 20 -13.14 -38.29 49.69
C LEU B 20 -12.99 -36.93 49.00
N GLU B 21 -12.04 -36.10 49.45
CA GLU B 21 -11.83 -34.81 48.81
C GLU B 21 -11.29 -34.99 47.39
N TYR B 22 -10.48 -36.02 47.18
CA TYR B 22 -10.02 -36.31 45.82
C TYR B 22 -11.08 -37.05 45.02
N SER B 23 -11.87 -37.91 45.68
CA SER B 23 -12.90 -38.67 44.98
C SER B 23 -13.99 -37.76 44.45
N GLY B 24 -14.37 -36.72 45.20
CA GLY B 24 -15.34 -35.78 44.70
C GLY B 24 -14.85 -35.06 43.45
N LYS B 25 -13.59 -34.65 43.45
CA LYS B 25 -13.01 -34.00 42.29
C LYS B 25 -13.00 -34.93 41.08
N VAL B 26 -12.60 -36.19 41.29
CA VAL B 26 -12.56 -37.13 40.18
C VAL B 26 -13.96 -37.42 39.66
N ALA B 27 -14.94 -37.55 40.55
CA ALA B 27 -16.31 -37.81 40.10
C ALA B 27 -16.88 -36.63 39.33
N LEU B 28 -16.62 -35.40 39.80
CA LEU B 28 -17.08 -34.22 39.07
C LEU B 28 -16.41 -34.12 37.71
N ALA B 29 -15.11 -34.43 37.63
CA ALA B 29 -14.42 -34.38 36.36
C ALA B 29 -14.97 -35.40 35.38
N LEU B 30 -15.24 -36.62 35.85
CA LEU B 30 -15.78 -37.64 34.96
C LEU B 30 -17.20 -37.31 34.51
N LEU B 31 -18.02 -36.78 35.42
CA LEU B 31 -19.36 -36.32 35.04
C LEU B 31 -19.29 -35.24 33.97
N THR B 32 -18.43 -34.24 34.18
CA THR B 32 -18.25 -33.18 33.19
C THR B 32 -17.82 -33.75 31.86
N LEU B 33 -16.85 -34.66 31.87
CA LEU B 33 -16.37 -35.27 30.63
C LEU B 33 -17.49 -35.96 29.88
N ALA B 34 -18.25 -36.81 30.56
CA ALA B 34 -19.32 -37.56 29.91
C ALA B 34 -20.39 -36.63 29.35
N ILE B 35 -20.89 -35.70 30.19
CA ILE B 35 -21.96 -34.81 29.76
C ILE B 35 -21.52 -33.93 28.60
N GLY B 36 -20.30 -33.39 28.66
CA GLY B 36 -19.80 -32.55 27.60
C GLY B 36 -19.60 -33.30 26.31
N TRP B 37 -19.06 -34.52 26.39
CA TRP B 37 -18.92 -35.33 25.19
C TRP B 37 -20.27 -35.59 24.53
N TRP B 38 -21.27 -35.94 25.34
CA TRP B 38 -22.61 -36.17 24.79
C TRP B 38 -23.16 -34.92 24.14
N LEU B 39 -23.04 -33.78 24.82
CA LEU B 39 -23.58 -32.53 24.29
C LEU B 39 -22.90 -32.15 22.98
N ILE B 40 -21.58 -32.33 22.91
CA ILE B 40 -20.86 -32.00 21.67
C ILE B 40 -21.31 -32.91 20.55
N ASN B 41 -21.51 -34.20 20.84
CA ASN B 41 -21.98 -35.12 19.80
C ASN B 41 -23.35 -34.73 19.27
N THR B 42 -24.29 -34.43 20.17
CA THR B 42 -25.62 -34.03 19.70
C THR B 42 -25.57 -32.72 18.94
N LEU B 43 -24.75 -31.76 19.39
CA LEU B 43 -24.67 -30.49 18.69
C LEU B 43 -24.10 -30.65 17.29
N THR B 44 -23.03 -31.44 17.14
CA THR B 44 -22.47 -31.60 15.81
C THR B 44 -23.39 -32.39 14.89
N GLY B 45 -24.11 -33.38 15.44
CA GLY B 45 -25.11 -34.06 14.64
C GLY B 45 -26.20 -33.12 14.16
N ARG B 46 -26.69 -32.26 15.04
CA ARG B 46 -27.72 -31.29 14.66
C ARG B 46 -27.20 -30.33 13.59
N VAL B 47 -25.97 -29.84 13.76
CA VAL B 47 -25.40 -28.91 12.78
C VAL B 47 -25.24 -29.59 11.42
N GLY B 48 -24.78 -30.83 11.42
CA GLY B 48 -24.68 -31.57 10.17
C GLY B 48 -26.02 -31.77 9.50
N GLY B 49 -27.05 -32.08 10.30
CA GLY B 49 -28.38 -32.25 9.73
C GLY B 49 -28.92 -30.98 9.11
N LEU B 50 -28.80 -29.85 9.83
CA LEU B 50 -29.27 -28.58 9.27
C LEU B 50 -28.44 -28.14 8.08
N LEU B 51 -27.17 -28.52 8.00
CA LEU B 51 -26.38 -28.20 6.83
C LEU B 51 -26.74 -29.07 5.64
N ALA B 52 -27.12 -30.33 5.88
CA ALA B 52 -27.56 -31.19 4.80
C ALA B 52 -28.92 -30.74 4.27
N ARG B 53 -29.80 -30.29 5.16
CA ARG B 53 -31.14 -29.85 4.73
C ARG B 53 -31.10 -28.62 3.84
N ARG B 54 -30.05 -27.80 3.92
CA ARG B 54 -29.96 -26.58 3.12
C ARG B 54 -29.27 -26.81 1.78
N SER B 55 -28.86 -28.04 1.48
CA SER B 55 -28.28 -28.43 0.20
C SER B 55 -27.00 -27.63 -0.11
N VAL B 56 -26.04 -27.74 0.79
CA VAL B 56 -24.70 -27.23 0.56
C VAL B 56 -23.82 -28.40 0.13
N ASP B 57 -22.75 -28.08 -0.61
CA ASP B 57 -21.87 -29.13 -1.12
C ASP B 57 -21.25 -29.92 0.03
N ARG B 58 -21.08 -31.22 -0.20
CA ARG B 58 -20.65 -32.12 0.87
C ARG B 58 -19.20 -31.91 1.25
N THR B 59 -18.41 -31.24 0.39
CA THR B 59 -17.06 -30.86 0.79
C THR B 59 -17.10 -29.82 1.90
N LEU B 60 -18.14 -28.98 1.91
CA LEU B 60 -18.29 -27.91 2.88
C LEU B 60 -19.02 -28.35 4.15
N GLN B 61 -19.37 -29.62 4.26
CA GLN B 61 -19.99 -30.15 5.47
C GLN B 61 -19.02 -30.94 6.34
N GLY B 62 -18.10 -31.68 5.70
CA GLY B 62 -17.12 -32.45 6.43
C GLY B 62 -16.26 -31.63 7.37
N PHE B 63 -15.56 -30.63 6.86
CA PHE B 63 -14.69 -29.82 7.70
C PHE B 63 -15.43 -28.67 8.38
N VAL B 64 -16.76 -28.69 8.38
CA VAL B 64 -17.50 -27.88 9.33
C VAL B 64 -17.86 -28.71 10.55
N GLY B 65 -18.45 -29.89 10.32
CA GLY B 65 -18.75 -30.78 11.43
C GLY B 65 -17.49 -31.20 12.18
N SER B 66 -16.46 -31.63 11.45
CA SER B 66 -15.22 -32.05 12.09
C SER B 66 -14.56 -30.89 12.81
N LEU B 67 -14.55 -29.70 12.21
CA LEU B 67 -13.98 -28.54 12.86
C LEU B 67 -14.66 -28.25 14.20
N VAL B 68 -15.98 -28.13 14.20
CA VAL B 68 -16.71 -27.84 15.43
C VAL B 68 -16.42 -28.91 16.48
N SER B 69 -16.51 -30.18 16.07
CA SER B 69 -16.34 -31.27 17.03
C SER B 69 -14.95 -31.26 17.65
N ILE B 70 -13.91 -31.13 16.82
CA ILE B 70 -12.55 -31.23 17.36
C ILE B 70 -12.23 -30.03 18.23
N VAL B 71 -12.71 -28.84 17.86
CA VAL B 71 -12.42 -27.66 18.69
C VAL B 71 -13.09 -27.80 20.04
N LEU B 72 -14.38 -28.15 20.07
CA LEU B 72 -15.07 -28.27 21.35
C LEU B 72 -14.50 -29.40 22.18
N LYS B 73 -14.06 -30.49 21.53
CA LYS B 73 -13.50 -31.61 22.28
C LYS B 73 -12.14 -31.27 22.87
N ILE B 74 -11.31 -30.51 22.14
CA ILE B 74 -10.05 -30.06 22.70
C ILE B 74 -10.29 -29.18 23.92
N LEU B 75 -11.23 -28.24 23.81
CA LEU B 75 -11.52 -27.37 24.95
C LEU B 75 -11.98 -28.18 26.16
N LEU B 76 -12.91 -29.12 25.95
CA LEU B 76 -13.43 -29.91 27.06
C LEU B 76 -12.35 -30.78 27.70
N VAL B 77 -11.48 -31.39 26.87
CA VAL B 77 -10.45 -32.26 27.40
C VAL B 77 -9.44 -31.47 28.21
N VAL B 78 -9.05 -30.28 27.72
CA VAL B 78 -8.17 -29.42 28.49
C VAL B 78 -8.80 -29.06 29.83
N SER B 79 -10.10 -28.73 29.81
CA SER B 79 -10.78 -28.34 31.04
C SER B 79 -10.79 -29.47 32.06
N VAL B 80 -11.15 -30.69 31.63
CA VAL B 80 -11.24 -31.79 32.61
C VAL B 80 -9.86 -32.22 33.08
N ALA B 81 -8.86 -32.21 32.19
CA ALA B 81 -7.51 -32.55 32.60
C ALA B 81 -6.99 -31.58 33.64
N SER B 82 -7.32 -30.29 33.50
CA SER B 82 -6.98 -29.35 34.56
C SER B 82 -7.85 -29.55 35.79
N MET B 83 -9.04 -30.10 35.62
CA MET B 83 -9.94 -30.28 36.76
C MET B 83 -9.49 -31.42 37.67
N ILE B 84 -8.83 -32.45 37.14
CA ILE B 84 -8.44 -33.52 38.05
C ILE B 84 -7.19 -33.12 38.84
N GLY B 85 -6.04 -33.06 38.19
CA GLY B 85 -4.86 -32.58 38.88
C GLY B 85 -3.78 -31.89 38.06
N ILE B 86 -3.96 -31.80 36.75
CA ILE B 86 -2.86 -31.52 35.83
C ILE B 86 -2.77 -30.03 35.55
N GLN B 87 -1.55 -29.53 35.44
CA GLN B 87 -1.30 -28.14 35.07
C GLN B 87 -1.35 -28.00 33.55
N THR B 88 -2.22 -27.11 33.06
CA THR B 88 -2.45 -26.98 31.63
C THR B 88 -2.29 -25.54 31.16
N THR B 89 -1.40 -24.77 31.79
CA THR B 89 -1.21 -23.39 31.37
C THR B 89 -0.57 -23.31 29.99
N SER B 90 0.34 -24.25 29.68
CA SER B 90 0.97 -24.27 28.37
C SER B 90 -0.03 -24.57 27.27
N PHE B 91 -0.95 -25.51 27.52
CA PHE B 91 -1.96 -25.83 26.54
C PHE B 91 -2.98 -24.71 26.37
N VAL B 92 -3.28 -23.98 27.45
CA VAL B 92 -4.16 -22.83 27.31
C VAL B 92 -3.49 -21.74 26.51
N ALA B 93 -2.18 -21.52 26.71
CA ALA B 93 -1.45 -20.56 25.90
C ALA B 93 -1.45 -20.97 24.43
N ALA B 94 -1.24 -22.25 24.14
CA ALA B 94 -1.25 -22.72 22.77
C ALA B 94 -2.63 -22.55 22.13
N ILE B 95 -3.69 -22.85 22.89
CA ILE B 95 -5.05 -22.69 22.39
C ILE B 95 -5.32 -21.22 22.10
N GLY B 96 -4.85 -20.33 22.96
CA GLY B 96 -5.04 -18.90 22.70
C GLY B 96 -4.31 -18.43 21.47
N ALA B 97 -3.08 -18.93 21.27
CA ALA B 97 -2.33 -18.57 20.07
C ALA B 97 -3.04 -19.07 18.81
N ALA B 98 -3.53 -20.30 18.83
CA ALA B 98 -4.24 -20.84 17.67
C ALA B 98 -5.53 -20.08 17.41
N GLY B 99 -6.25 -19.71 18.47
CA GLY B 99 -7.47 -18.94 18.29
C GLY B 99 -7.20 -17.56 17.72
N LEU B 100 -6.13 -16.91 18.18
CA LEU B 100 -5.77 -15.62 17.62
C LEU B 100 -5.36 -15.74 16.15
N ALA B 101 -4.65 -16.82 15.80
CA ALA B 101 -4.31 -17.06 14.41
C ALA B 101 -5.56 -17.20 13.55
N ILE B 102 -6.51 -18.04 14.01
CA ILE B 102 -7.74 -18.24 13.26
C ILE B 102 -8.53 -16.95 13.15
N GLY B 103 -8.51 -16.13 14.21
CA GLY B 103 -9.22 -14.87 14.16
C GLY B 103 -8.61 -13.89 13.19
N LEU B 104 -7.27 -13.84 13.11
CA LEU B 104 -6.62 -12.96 12.16
C LEU B 104 -6.77 -13.47 10.73
N ALA B 105 -6.94 -14.77 10.55
CA ALA B 105 -7.17 -15.32 9.21
C ALA B 105 -8.62 -15.18 8.76
N LEU B 106 -9.41 -14.33 9.42
CA LEU B 106 -10.83 -14.17 9.10
C LEU B 106 -11.22 -12.71 8.91
N GLN B 107 -10.27 -11.79 8.95
CA GLN B 107 -10.62 -10.38 9.03
C GLN B 107 -11.31 -9.88 7.76
N GLY B 108 -10.95 -10.41 6.60
CA GLY B 108 -11.54 -9.95 5.37
C GLY B 108 -13.04 -10.25 5.27
N SER B 109 -13.42 -11.49 5.57
CA SER B 109 -14.82 -11.87 5.49
C SER B 109 -15.67 -11.16 6.54
N LEU B 110 -15.15 -11.04 7.76
CA LEU B 110 -15.90 -10.33 8.79
C LEU B 110 -16.02 -8.85 8.46
N ALA B 111 -15.00 -8.26 7.85
CA ALA B 111 -15.11 -6.88 7.38
C ALA B 111 -16.17 -6.75 6.29
N ASN B 112 -16.27 -7.76 5.42
CA ASN B 112 -17.32 -7.74 4.41
C ASN B 112 -18.71 -7.79 5.04
N PHE B 113 -18.89 -8.62 6.07
CA PHE B 113 -20.19 -8.70 6.72
C PHE B 113 -20.53 -7.41 7.47
N ALA B 114 -19.54 -6.78 8.09
CA ALA B 114 -19.79 -5.50 8.76
C ALA B 114 -20.12 -4.41 7.75
N GLY B 115 -19.42 -4.37 6.62
CA GLY B 115 -19.76 -3.41 5.58
C GLY B 115 -21.14 -3.65 5.00
N GLY B 116 -21.56 -4.91 4.91
CA GLY B 116 -22.91 -5.19 4.46
C GLY B 116 -23.97 -4.70 5.43
N VAL B 117 -23.73 -4.89 6.72
CA VAL B 117 -24.64 -4.35 7.74
C VAL B 117 -24.72 -2.83 7.61
N LEU B 118 -23.58 -2.18 7.41
CA LEU B 118 -23.58 -0.72 7.28
C LEU B 118 -24.31 -0.27 6.03
N ILE B 119 -24.16 -0.99 4.92
CA ILE B 119 -24.87 -0.62 3.70
C ILE B 119 -26.37 -0.80 3.86
N LEU B 120 -26.79 -1.80 4.64
CA LEU B 120 -28.23 -1.96 4.88
C LEU B 120 -28.75 -0.91 5.84
N LEU B 121 -27.92 -0.42 6.77
CA LEU B 121 -28.39 0.56 7.75
C LEU B 121 -28.53 1.94 7.14
N PHE B 122 -27.43 2.54 6.71
CA PHE B 122 -27.48 3.75 5.90
C PHE B 122 -27.55 3.34 4.44
N ARG B 123 -28.51 3.87 3.71
CA ARG B 123 -28.72 3.41 2.35
C ARG B 123 -28.11 4.35 1.33
N PRO B 124 -26.88 4.09 0.86
CA PRO B 124 -26.27 4.99 -0.12
C PRO B 124 -26.87 4.77 -1.50
N PHE B 125 -27.29 3.54 -1.78
CA PHE B 125 -27.88 3.21 -3.06
C PHE B 125 -28.96 2.15 -2.85
N LYS B 126 -29.82 2.02 -3.84
CA LYS B 126 -30.92 1.06 -3.83
C LYS B 126 -30.86 0.23 -5.10
N VAL B 127 -31.74 -0.77 -5.20
CA VAL B 127 -31.79 -1.62 -6.37
C VAL B 127 -32.34 -0.80 -7.54
N GLY B 128 -31.62 -0.82 -8.66
CA GLY B 128 -31.98 -0.06 -9.84
C GLY B 128 -31.11 1.14 -10.08
N ASP B 129 -30.32 1.56 -9.10
CA ASP B 129 -29.48 2.74 -9.25
C ASP B 129 -28.21 2.40 -10.03
N TRP B 130 -27.80 3.33 -10.89
CA TRP B 130 -26.49 3.25 -11.54
C TRP B 130 -25.46 3.87 -10.61
N ILE B 131 -24.51 3.06 -10.16
CA ILE B 131 -23.46 3.54 -9.26
C ILE B 131 -22.10 3.22 -9.86
N GLU B 132 -21.07 3.79 -9.23
CA GLU B 132 -19.69 3.63 -9.67
C GLU B 132 -18.81 3.65 -8.44
N ALA B 133 -18.07 2.57 -8.21
CA ALA B 133 -17.24 2.45 -7.02
C ALA B 133 -16.23 1.35 -7.24
N GLN B 134 -15.06 1.50 -6.61
CA GLN B 134 -14.00 0.49 -6.62
C GLN B 134 -13.48 0.19 -8.01
N GLY B 135 -13.57 1.14 -8.93
CA GLY B 135 -13.09 0.95 -10.28
C GLY B 135 -14.06 0.31 -11.25
N VAL B 136 -15.29 0.04 -10.82
CA VAL B 136 -16.31 -0.54 -11.69
C VAL B 136 -17.54 0.34 -11.64
N ALA B 137 -18.50 0.04 -12.51
CA ALA B 137 -19.73 0.81 -12.59
C ALA B 137 -20.84 -0.06 -13.14
N GLY B 138 -22.07 0.27 -12.79
CA GLY B 138 -23.21 -0.47 -13.31
C GLY B 138 -24.44 -0.28 -12.46
N THR B 139 -25.48 -1.00 -12.86
CA THR B 139 -26.79 -0.94 -12.22
C THR B 139 -26.88 -1.96 -11.09
N VAL B 140 -27.26 -1.49 -9.91
CA VAL B 140 -27.39 -2.37 -8.75
C VAL B 140 -28.53 -3.36 -8.99
N ASP B 141 -28.22 -4.65 -8.94
CA ASP B 141 -29.16 -5.73 -9.20
C ASP B 141 -29.65 -6.41 -7.95
N SER B 142 -28.82 -6.49 -6.91
CA SER B 142 -29.18 -7.12 -5.65
C SER B 142 -28.12 -6.77 -4.62
N ILE B 143 -28.56 -6.47 -3.40
CA ILE B 143 -27.69 -6.16 -2.29
C ILE B 143 -27.82 -7.27 -1.26
N LEU B 144 -26.72 -7.95 -0.97
CA LEU B 144 -26.66 -8.95 0.07
C LEU B 144 -25.78 -8.44 1.20
N ILE B 145 -25.62 -9.24 2.25
CA ILE B 145 -24.82 -8.79 3.37
C ILE B 145 -23.33 -9.03 3.10
N PHE B 146 -22.99 -9.93 2.18
CA PHE B 146 -21.59 -10.18 1.90
C PHE B 146 -21.08 -9.42 0.68
N HIS B 147 -21.87 -9.34 -0.38
CA HIS B 147 -21.45 -8.64 -1.58
C HIS B 147 -22.64 -7.96 -2.26
N THR B 148 -22.33 -7.11 -3.21
CA THR B 148 -23.32 -6.42 -4.04
C THR B 148 -23.11 -6.84 -5.49
N VAL B 149 -24.21 -6.98 -6.22
CA VAL B 149 -24.19 -7.45 -7.60
C VAL B 149 -24.60 -6.30 -8.51
N LEU B 150 -23.84 -6.10 -9.58
CA LEU B 150 -24.07 -5.04 -10.55
C LEU B 150 -24.19 -5.65 -11.93
N ARG B 151 -24.99 -5.03 -12.78
CA ARG B 151 -25.03 -5.34 -14.21
C ARG B 151 -24.35 -4.20 -14.95
N SER B 152 -23.31 -4.53 -15.72
CA SER B 152 -22.54 -3.53 -16.44
C SER B 152 -23.36 -2.94 -17.59
N GLY B 153 -22.80 -1.93 -18.23
CA GLY B 153 -23.42 -1.36 -19.42
C GLY B 153 -23.51 -2.34 -20.57
N ASP B 154 -22.64 -3.35 -20.58
CA ASP B 154 -22.66 -4.43 -21.57
C ASP B 154 -23.43 -5.63 -21.08
N ASN B 155 -24.02 -5.56 -19.87
CA ASN B 155 -24.83 -6.62 -19.26
C ASN B 155 -23.98 -7.80 -18.82
N LYS B 156 -22.79 -7.53 -18.30
CA LYS B 156 -22.01 -8.55 -17.61
C LYS B 156 -22.05 -8.29 -16.11
N ARG B 157 -21.98 -9.38 -15.34
CA ARG B 157 -22.25 -9.35 -13.92
C ARG B 157 -20.98 -9.07 -13.13
N ILE B 158 -21.04 -8.08 -12.24
CA ILE B 158 -19.92 -7.67 -11.41
C ILE B 158 -20.29 -7.93 -9.96
N ILE B 159 -19.38 -8.53 -9.20
CA ILE B 159 -19.59 -8.81 -7.79
C ILE B 159 -18.58 -8.01 -7.00
N VAL B 160 -19.07 -7.13 -6.13
CA VAL B 160 -18.22 -6.23 -5.34
C VAL B 160 -18.39 -6.60 -3.87
N PRO B 161 -17.31 -6.91 -3.15
CA PRO B 161 -17.45 -7.15 -1.72
C PRO B 161 -17.83 -5.89 -0.97
N ASN B 162 -18.57 -6.07 0.12
CA ASN B 162 -19.22 -4.95 0.80
C ASN B 162 -18.30 -4.19 1.75
N GLY B 163 -17.20 -4.79 2.17
CA GLY B 163 -16.28 -4.11 3.08
C GLY B 163 -15.61 -2.92 2.43
N ALA B 164 -14.84 -3.19 1.37
CA ALA B 164 -14.19 -2.12 0.63
C ALA B 164 -15.20 -1.19 -0.01
N LEU B 165 -16.39 -1.71 -0.34
CA LEU B 165 -17.42 -0.86 -0.92
C LEU B 165 -17.90 0.17 0.08
N SER B 166 -18.18 -0.26 1.32
CA SER B 166 -18.65 0.67 2.34
C SER B 166 -17.54 1.53 2.92
N ASN B 167 -16.28 1.16 2.72
CA ASN B 167 -15.17 1.96 3.21
C ASN B 167 -14.55 2.87 2.15
N GLY B 168 -15.17 3.01 0.98
CA GLY B 168 -14.71 3.90 -0.06
C GLY B 168 -15.80 4.84 -0.52
N THR B 169 -15.45 5.65 -1.52
CA THR B 169 -16.42 6.58 -2.08
C THR B 169 -17.30 5.88 -3.10
N VAL B 170 -18.56 6.28 -3.14
CA VAL B 170 -19.56 5.75 -4.06
C VAL B 170 -20.24 6.91 -4.76
N THR B 171 -20.25 6.89 -6.09
CA THR B 171 -20.94 7.89 -6.88
C THR B 171 -22.27 7.31 -7.35
N ASN B 172 -23.37 7.97 -7.02
CA ASN B 172 -24.71 7.51 -7.35
C ASN B 172 -25.28 8.43 -8.43
N TYR B 173 -25.46 7.89 -9.63
CA TYR B 173 -25.92 8.69 -10.77
C TYR B 173 -27.42 8.90 -10.78
N SER B 174 -28.19 8.16 -9.98
CA SER B 174 -29.64 8.19 -10.04
C SER B 174 -30.29 8.77 -8.80
N ALA B 175 -29.51 9.27 -7.83
CA ALA B 175 -30.09 9.73 -6.58
C ALA B 175 -30.82 11.06 -6.74
N GLU B 176 -30.32 11.94 -7.60
CA GLU B 176 -30.92 13.26 -7.72
C GLU B 176 -31.97 13.27 -8.82
N PRO B 177 -33.06 14.02 -8.64
CA PRO B 177 -34.11 14.03 -9.67
C PRO B 177 -33.75 14.82 -10.92
N VAL B 178 -32.76 15.71 -10.85
CA VAL B 178 -32.40 16.59 -11.94
C VAL B 178 -30.88 16.56 -12.08
N ARG B 179 -30.39 16.52 -13.33
CA ARG B 179 -28.97 16.50 -13.60
C ARG B 179 -28.62 17.62 -14.57
N ARG B 180 -27.32 17.88 -14.72
CA ARG B 180 -26.81 18.96 -15.56
C ARG B 180 -26.00 18.36 -16.70
N VAL B 181 -26.57 18.37 -17.89
CA VAL B 181 -25.84 18.00 -19.11
C VAL B 181 -25.00 19.20 -19.49
N ILE B 182 -23.69 19.01 -19.67
CA ILE B 182 -22.98 20.24 -19.95
C ILE B 182 -22.88 20.42 -21.47
N PHE B 183 -21.77 20.02 -22.08
CA PHE B 183 -21.53 19.77 -23.51
C PHE B 183 -20.06 20.06 -23.68
N ASP B 184 -19.49 19.90 -24.88
CA ASP B 184 -18.21 20.52 -25.19
C ASP B 184 -18.00 20.47 -26.69
N VAL B 185 -17.68 21.61 -27.31
CA VAL B 185 -17.43 21.62 -28.75
C VAL B 185 -16.32 22.61 -29.07
N GLY B 186 -15.35 22.19 -29.87
CA GLY B 186 -14.30 23.07 -30.33
C GLY B 186 -14.63 23.70 -31.65
N ILE B 187 -14.47 25.02 -31.74
CA ILE B 187 -14.80 25.78 -32.93
C ILE B 187 -13.55 26.51 -33.41
N ASP B 188 -13.68 27.12 -34.59
CA ASP B 188 -12.57 27.85 -35.21
C ASP B 188 -12.07 28.97 -34.30
N TYR B 189 -10.82 29.37 -34.53
CA TYR B 189 -10.26 30.46 -33.75
C TYR B 189 -10.74 31.82 -34.25
N ASP B 190 -11.06 31.94 -35.53
CA ASP B 190 -11.49 33.21 -36.11
C ASP B 190 -12.99 33.43 -36.02
N ALA B 191 -13.74 32.49 -35.44
CA ALA B 191 -15.18 32.68 -35.28
C ALA B 191 -15.46 33.72 -34.21
N ASP B 192 -16.62 34.37 -34.34
CA ASP B 192 -17.06 35.32 -33.33
C ASP B 192 -17.86 34.57 -32.26
N LEU B 193 -17.40 34.69 -31.01
CA LEU B 193 -17.85 33.79 -29.96
C LEU B 193 -19.25 34.11 -29.47
N LYS B 194 -19.65 35.39 -29.52
CA LYS B 194 -21.01 35.75 -29.09
C LYS B 194 -22.06 35.08 -29.97
N ASN B 195 -21.88 35.15 -31.28
CA ASN B 195 -22.80 34.51 -32.20
C ASN B 195 -22.80 33.00 -32.03
N ALA B 196 -21.63 32.43 -31.74
CA ALA B 196 -21.54 30.98 -31.56
C ALA B 196 -22.30 30.52 -30.32
N GLN B 197 -22.15 31.25 -29.20
CA GLN B 197 -22.88 30.83 -28.02
C GLN B 197 -24.36 31.16 -28.13
N ASN B 198 -24.73 32.17 -28.92
CA ASN B 198 -26.14 32.38 -29.21
C ASN B 198 -26.72 31.21 -30.01
N ILE B 199 -25.96 30.71 -30.99
CA ILE B 199 -26.39 29.54 -31.75
C ILE B 199 -26.55 28.33 -30.83
N LEU B 200 -25.58 28.11 -29.94
CA LEU B 200 -25.67 27.00 -29.00
C LEU B 200 -26.85 27.17 -28.06
N LEU B 201 -27.19 28.40 -27.70
CA LEU B 201 -28.33 28.62 -26.81
C LEU B 201 -29.66 28.40 -27.53
N ALA B 202 -29.72 28.73 -28.82
CA ALA B 202 -30.92 28.41 -29.59
C ALA B 202 -30.83 27.01 -30.18
N MET B 203 -30.40 26.08 -29.34
CA MET B 203 -30.35 24.66 -29.65
C MET B 203 -30.84 23.84 -28.47
N ALA B 204 -31.04 24.48 -27.32
CA ALA B 204 -31.60 23.84 -26.14
C ALA B 204 -33.06 24.20 -25.93
N ASP B 205 -33.80 24.49 -27.02
CA ASP B 205 -35.22 24.76 -26.93
C ASP B 205 -36.06 23.49 -26.92
N ASP B 206 -35.45 22.34 -26.72
CA ASP B 206 -36.20 21.10 -26.63
C ASP B 206 -37.15 21.16 -25.43
N PRO B 207 -38.31 20.51 -25.49
CA PRO B 207 -39.17 20.45 -24.30
C PRO B 207 -38.71 19.37 -23.33
N ARG B 208 -37.40 19.29 -23.14
CA ARG B 208 -36.79 18.42 -22.16
C ARG B 208 -35.73 19.13 -21.35
N VAL B 209 -35.32 20.33 -21.76
CA VAL B 209 -34.36 21.14 -21.04
C VAL B 209 -35.14 22.02 -20.07
N LEU B 210 -34.88 21.86 -18.78
CA LEU B 210 -35.55 22.68 -17.78
C LEU B 210 -35.12 24.13 -17.91
N LYS B 211 -36.04 25.03 -17.54
CA LYS B 211 -35.75 26.45 -17.47
C LYS B 211 -35.47 26.92 -16.06
N ASP B 212 -35.44 26.01 -15.08
CA ASP B 212 -35.40 26.43 -13.69
C ASP B 212 -34.07 27.10 -13.36
N PRO B 213 -32.90 26.41 -13.40
CA PRO B 213 -31.65 27.14 -13.59
C PRO B 213 -31.34 27.33 -15.07
N ALA B 214 -31.82 28.43 -15.66
CA ALA B 214 -31.77 28.73 -17.09
C ALA B 214 -30.46 28.33 -17.75
N PRO B 215 -30.50 27.88 -19.01
CA PRO B 215 -29.28 27.37 -19.65
C PRO B 215 -28.21 28.43 -19.80
N VAL B 216 -26.98 27.97 -19.97
CA VAL B 216 -25.81 28.83 -20.01
C VAL B 216 -24.88 28.35 -21.13
N ALA B 217 -24.18 29.28 -21.75
CA ALA B 217 -23.19 28.97 -22.78
C ALA B 217 -21.96 29.83 -22.56
N VAL B 218 -20.81 29.21 -22.34
CA VAL B 218 -19.61 29.92 -21.94
C VAL B 218 -18.44 29.50 -22.82
N VAL B 219 -17.39 30.32 -22.78
CA VAL B 219 -16.13 30.01 -23.44
C VAL B 219 -15.19 29.45 -22.38
N SER B 220 -15.03 28.14 -22.37
CA SER B 220 -14.01 27.51 -21.54
C SER B 220 -12.67 27.66 -22.25
N ASN B 221 -11.67 26.88 -21.84
CA ASN B 221 -10.27 27.14 -22.20
C ASN B 221 -10.10 27.34 -23.70
N LEU B 222 -9.07 28.12 -24.06
CA LEU B 222 -8.65 28.29 -25.44
C LEU B 222 -7.63 27.21 -25.77
N GLY B 223 -8.05 26.22 -26.56
CA GLY B 223 -7.21 25.08 -26.87
C GLY B 223 -6.11 25.40 -27.87
N GLU B 224 -5.39 24.35 -28.27
CA GLU B 224 -4.25 24.53 -29.15
C GLU B 224 -4.65 24.63 -30.62
N SER B 225 -5.79 24.03 -31.00
CA SER B 225 -6.28 24.13 -32.36
C SER B 225 -7.68 24.70 -32.47
N ALA B 226 -8.46 24.70 -31.39
CA ALA B 226 -9.84 25.15 -31.43
C ALA B 226 -10.18 25.84 -30.12
N ILE B 227 -11.14 26.76 -30.18
CA ILE B 227 -11.68 27.41 -28.98
C ILE B 227 -12.83 26.56 -28.47
N THR B 228 -12.79 26.22 -27.19
CA THR B 228 -13.76 25.29 -26.62
C THR B 228 -14.95 26.05 -26.05
N LEU B 229 -16.14 25.79 -26.60
CA LEU B 229 -17.39 26.29 -26.08
C LEU B 229 -18.07 25.21 -25.25
N SER B 230 -18.79 25.65 -24.23
CA SER B 230 -19.46 24.74 -23.29
C SER B 230 -20.89 25.21 -23.08
N LEU B 231 -21.85 24.42 -23.54
CA LEU B 231 -23.24 24.59 -23.17
C LEU B 231 -23.47 23.95 -21.81
N ARG B 232 -24.55 24.35 -21.13
CA ARG B 232 -24.80 23.86 -19.78
C ARG B 232 -26.30 23.98 -19.50
N VAL B 233 -26.98 22.83 -19.42
CA VAL B 233 -28.42 22.80 -19.26
C VAL B 233 -28.78 21.80 -18.16
N TRP B 234 -29.99 21.95 -17.64
CA TRP B 234 -30.53 21.06 -16.62
C TRP B 234 -31.65 20.24 -17.21
N VAL B 235 -31.60 18.93 -17.01
CA VAL B 235 -32.60 17.99 -17.49
C VAL B 235 -33.04 17.11 -16.33
N LYS B 236 -34.07 16.32 -16.57
CA LYS B 236 -34.43 15.28 -15.61
C LYS B 236 -33.45 14.12 -15.69
N ASN B 237 -33.32 13.39 -14.59
CA ASN B 237 -32.26 12.39 -14.48
C ASN B 237 -32.39 11.28 -15.52
N ALA B 238 -33.56 11.13 -16.13
CA ALA B 238 -33.77 10.07 -17.12
C ALA B 238 -33.58 10.53 -18.56
N ASP B 239 -33.48 11.83 -18.80
CA ASP B 239 -33.28 12.37 -20.14
C ASP B 239 -31.84 12.73 -20.43
N TYR B 240 -30.91 12.36 -19.55
CA TYR B 240 -29.52 12.79 -19.69
C TYR B 240 -28.94 12.38 -21.04
N TRP B 241 -28.92 11.08 -21.35
CA TRP B 241 -28.21 10.61 -22.51
C TRP B 241 -28.91 10.97 -23.81
N ASP B 242 -30.26 11.00 -23.82
CA ASP B 242 -30.97 11.41 -25.01
C ASP B 242 -30.60 12.83 -25.40
N VAL B 243 -30.57 13.73 -24.42
CA VAL B 243 -30.22 15.13 -24.68
C VAL B 243 -28.77 15.23 -25.11
N MET B 244 -27.87 14.45 -24.48
CA MET B 244 -26.47 14.49 -24.88
C MET B 244 -26.28 14.06 -26.33
N PHE B 245 -26.94 12.98 -26.76
CA PHE B 245 -26.79 12.52 -28.13
C PHE B 245 -27.43 13.48 -29.13
N MET B 246 -28.59 14.03 -28.79
CA MET B 246 -29.21 15.04 -29.64
C MET B 246 -28.29 16.24 -29.83
N PHE B 247 -27.61 16.66 -28.76
CA PHE B 247 -26.61 17.72 -28.90
C PHE B 247 -25.48 17.28 -29.82
N ASN B 248 -24.98 16.05 -29.61
CA ASN B 248 -23.87 15.55 -30.41
C ASN B 248 -24.15 15.63 -31.91
N GLU B 249 -25.41 15.50 -32.31
CA GLU B 249 -25.75 15.63 -33.74
C GLU B 249 -26.03 17.08 -34.16
N LYS B 250 -26.99 17.71 -33.50
CA LYS B 250 -27.42 19.04 -33.90
C LYS B 250 -26.31 20.07 -33.74
N ALA B 251 -25.29 19.80 -32.93
CA ALA B 251 -24.23 20.79 -32.70
C ALA B 251 -23.52 21.13 -34.01
N ARG B 252 -22.92 20.13 -34.64
CA ARG B 252 -22.30 20.39 -35.94
C ARG B 252 -23.34 20.85 -36.94
N ASP B 253 -24.49 20.17 -37.00
CA ASP B 253 -25.43 20.52 -38.07
C ASP B 253 -25.89 21.98 -37.98
N ALA B 254 -25.90 22.56 -36.79
CA ALA B 254 -26.38 23.93 -36.58
C ALA B 254 -25.27 24.97 -36.57
N LEU B 255 -24.09 24.63 -36.04
CA LEU B 255 -22.97 25.56 -36.11
C LEU B 255 -22.54 25.79 -37.55
N GLY B 256 -22.45 24.72 -38.35
CA GLY B 256 -21.98 24.89 -39.72
C GLY B 256 -22.87 25.77 -40.58
N LYS B 257 -24.08 26.09 -40.14
CA LYS B 257 -25.01 26.84 -40.98
C LYS B 257 -24.62 28.31 -41.06
N GLU B 258 -24.17 28.88 -39.94
CA GLU B 258 -23.79 30.28 -39.89
C GLU B 258 -22.30 30.50 -40.13
N GLY B 259 -21.62 29.53 -40.74
CA GLY B 259 -20.23 29.70 -41.08
C GLY B 259 -19.24 29.48 -39.96
N ILE B 260 -19.55 28.59 -39.03
CA ILE B 260 -18.65 28.23 -37.93
C ILE B 260 -18.31 26.76 -38.09
N GLY B 261 -17.05 26.47 -38.34
CA GLY B 261 -16.63 25.10 -38.51
C GLY B 261 -16.09 24.48 -37.24
N ILE B 262 -15.88 23.16 -37.30
CA ILE B 262 -15.23 22.39 -36.26
C ILE B 262 -13.89 21.93 -36.82
N PRO B 263 -12.76 22.49 -36.36
CA PRO B 263 -11.51 22.34 -37.10
C PRO B 263 -10.72 21.09 -36.72
N PHE B 264 -9.82 20.72 -37.62
CA PHE B 264 -8.89 19.61 -37.49
C PHE B 264 -7.64 20.07 -36.73
N PRO B 265 -6.67 19.19 -36.48
CA PRO B 265 -5.42 19.63 -35.83
C PRO B 265 -4.53 20.50 -36.69
N GLN B 266 -4.74 21.81 -36.64
CA GLN B 266 -3.96 22.79 -37.39
C GLN B 266 -2.46 22.68 -37.11
N ARG B 267 -1.67 23.19 -38.05
CA ARG B 267 -0.23 23.24 -37.95
C ARG B 267 0.30 24.32 -38.89
N VAL B 268 1.37 24.99 -38.47
CA VAL B 268 2.05 25.99 -39.28
C VAL B 268 3.46 25.49 -39.55
N VAL B 269 3.81 25.37 -40.83
CA VAL B 269 5.06 24.75 -41.25
C VAL B 269 5.83 25.74 -42.09
N LYS B 270 7.05 26.05 -41.69
CA LYS B 270 7.97 26.89 -42.45
C LYS B 270 8.94 25.99 -43.20
N VAL B 271 8.89 26.04 -44.53
CA VAL B 271 9.67 25.13 -45.36
C VAL B 271 10.96 25.82 -45.77
N VAL B 272 12.09 25.21 -45.41
CA VAL B 272 13.41 25.64 -45.87
C VAL B 272 13.92 24.60 -46.85
N GLN B 273 14.27 25.04 -48.05
CA GLN B 273 14.69 24.13 -49.11
C GLN B 273 16.16 24.31 -49.45
N SER C 14 6.77 -36.63 63.45
CA SER C 14 6.08 -37.54 62.54
C SER C 14 6.45 -37.25 61.10
N TRP C 15 6.21 -36.00 60.67
CA TRP C 15 6.56 -35.49 59.33
C TRP C 15 6.06 -36.39 58.20
N LEU C 16 5.08 -37.23 58.48
CA LEU C 16 4.53 -38.16 57.48
C LEU C 16 3.56 -37.49 56.51
N PRO C 17 2.64 -36.63 56.96
CA PRO C 17 1.70 -36.02 56.01
C PRO C 17 2.36 -35.26 54.86
N ILE C 18 3.40 -34.47 55.15
CA ILE C 18 4.04 -33.69 54.09
C ILE C 18 4.77 -34.61 53.12
N VAL C 19 5.35 -35.70 53.62
CA VAL C 19 6.08 -36.62 52.74
C VAL C 19 5.13 -37.26 51.74
N LEU C 20 3.98 -37.74 52.21
CA LEU C 20 3.01 -38.32 51.28
C LEU C 20 2.36 -37.26 50.40
N GLU C 21 2.22 -36.02 50.90
CA GLU C 21 1.64 -34.96 50.09
C GLU C 21 2.56 -34.60 48.93
N TYR C 22 3.88 -34.69 49.14
CA TYR C 22 4.80 -34.48 48.03
C TYR C 22 4.93 -35.71 47.15
N SER C 23 4.82 -36.91 47.75
CA SER C 23 4.94 -38.13 46.98
C SER C 23 3.78 -38.30 46.00
N GLY C 24 2.57 -37.92 46.41
CA GLY C 24 1.45 -37.97 45.49
C GLY C 24 1.64 -37.05 44.30
N LYS C 25 2.15 -35.83 44.55
CA LYS C 25 2.42 -34.91 43.46
C LYS C 25 3.48 -35.47 42.51
N VAL C 26 4.55 -36.03 43.06
CA VAL C 26 5.61 -36.58 42.21
C VAL C 26 5.10 -37.77 41.41
N ALA C 27 4.28 -38.64 42.03
CA ALA C 27 3.75 -39.78 41.31
C ALA C 27 2.81 -39.36 40.20
N LEU C 28 1.95 -38.38 40.46
CA LEU C 28 1.06 -37.89 39.41
C LEU C 28 1.84 -37.24 38.27
N ALA C 29 2.90 -36.48 38.61
CA ALA C 29 3.70 -35.86 37.57
C ALA C 29 4.41 -36.91 36.70
N LEU C 30 4.95 -37.96 37.32
CA LEU C 30 5.62 -38.99 36.55
C LEU C 30 4.64 -39.79 35.70
N LEU C 31 3.45 -40.09 36.24
CA LEU C 31 2.41 -40.74 35.44
C LEU C 31 2.04 -39.90 34.24
N THR C 32 1.79 -38.60 34.45
CA THR C 32 1.46 -37.70 33.35
C THR C 32 2.57 -37.69 32.31
N LEU C 33 3.83 -37.60 32.76
CA LEU C 33 4.95 -37.58 31.83
C LEU C 33 4.98 -38.83 30.96
N ALA C 34 4.90 -40.01 31.59
CA ALA C 34 4.97 -41.26 30.85
C ALA C 34 3.81 -41.38 29.86
N ILE C 35 2.58 -41.18 30.34
CA ILE C 35 1.41 -41.34 29.48
C ILE C 35 1.43 -40.34 28.32
N GLY C 36 1.79 -39.09 28.59
CA GLY C 36 1.85 -38.10 27.54
C GLY C 36 2.92 -38.38 26.52
N TRP C 37 4.10 -38.82 26.98
CA TRP C 37 5.16 -39.19 26.05
C TRP C 37 4.69 -40.32 25.13
N TRP C 38 4.06 -41.34 25.71
CA TRP C 38 3.56 -42.45 24.89
C TRP C 38 2.53 -41.97 23.88
N LEU C 39 1.58 -41.15 24.33
CA LEU C 39 0.53 -40.68 23.44
C LEU C 39 1.10 -39.85 22.29
N ILE C 40 2.08 -38.99 22.60
CA ILE C 40 2.70 -38.17 21.55
C ILE C 40 3.43 -39.06 20.55
N ASN C 41 4.12 -40.09 21.03
CA ASN C 41 4.82 -41.00 20.12
C ASN C 41 3.84 -41.70 19.19
N THR C 42 2.75 -42.25 19.74
CA THR C 42 1.79 -42.93 18.88
C THR C 42 1.13 -41.96 17.90
N LEU C 43 0.82 -40.75 18.34
CA LEU C 43 0.19 -39.78 17.45
C LEU C 43 1.11 -39.39 16.31
N THR C 44 2.38 -39.13 16.59
CA THR C 44 3.29 -38.74 15.52
C THR C 44 3.56 -39.91 14.57
N GLY C 45 3.64 -41.14 15.10
CA GLY C 45 3.76 -42.29 14.22
C GLY C 45 2.56 -42.44 13.30
N ARG C 46 1.35 -42.26 13.83
CA ARG C 46 0.15 -42.34 13.02
C ARG C 46 0.13 -41.25 11.95
N VAL C 47 0.51 -40.03 12.33
CA VAL C 47 0.50 -38.93 11.36
C VAL C 47 1.52 -39.19 10.26
N GLY C 48 2.70 -39.69 10.62
CA GLY C 48 3.70 -40.04 9.61
C GLY C 48 3.21 -41.13 8.67
N GLY C 49 2.52 -42.14 9.23
CA GLY C 49 1.99 -43.20 8.38
C GLY C 49 0.95 -42.70 7.40
N LEU C 50 0.00 -41.90 7.88
CA LEU C 50 -1.02 -41.36 6.98
C LEU C 50 -0.43 -40.37 5.97
N LEU C 51 0.66 -39.69 6.31
CA LEU C 51 1.30 -38.82 5.34
C LEU C 51 2.07 -39.62 4.30
N ALA C 52 2.66 -40.75 4.68
CA ALA C 52 3.34 -41.60 3.72
C ALA C 52 2.34 -42.27 2.78
N ARG C 53 1.18 -42.67 3.30
CA ARG C 53 0.17 -43.31 2.47
C ARG C 53 -0.40 -42.41 1.39
N ARG C 54 -0.35 -41.09 1.57
CA ARG C 54 -0.90 -40.16 0.58
C ARG C 54 0.13 -39.73 -0.45
N SER C 55 1.36 -40.24 -0.38
CA SER C 55 2.40 -40.00 -1.37
C SER C 55 2.73 -38.50 -1.50
N VAL C 56 3.13 -37.92 -0.37
CA VAL C 56 3.68 -36.59 -0.36
C VAL C 56 5.20 -36.70 -0.30
N ASP C 57 5.88 -35.66 -0.78
CA ASP C 57 7.33 -35.69 -0.83
C ASP C 57 7.92 -35.82 0.58
N ARG C 58 9.03 -36.57 0.66
CA ARG C 58 9.59 -36.92 1.96
C ARG C 58 10.23 -35.73 2.65
N THR C 59 10.52 -34.66 1.91
CA THR C 59 10.97 -33.43 2.55
C THR C 59 9.84 -32.82 3.39
N LEU C 60 8.60 -33.02 2.96
CA LEU C 60 7.43 -32.46 3.63
C LEU C 60 6.88 -33.36 4.73
N GLN C 61 7.53 -34.48 5.00
CA GLN C 61 7.14 -35.37 6.09
C GLN C 61 8.02 -35.23 7.31
N GLY C 62 9.32 -35.02 7.10
CA GLY C 62 10.25 -34.86 8.19
C GLY C 62 9.91 -33.74 9.14
N PHE C 63 9.80 -32.51 8.63
CA PHE C 63 9.49 -31.37 9.49
C PHE C 63 8.00 -31.17 9.71
N VAL C 64 7.18 -32.17 9.37
CA VAL C 64 5.83 -32.22 9.92
C VAL C 64 5.80 -33.12 11.15
N GLY C 65 6.36 -34.33 11.01
CA GLY C 65 6.45 -35.21 12.17
C GLY C 65 7.28 -34.61 13.28
N SER C 66 8.46 -34.11 12.94
CA SER C 66 9.33 -33.51 13.95
C SER C 66 8.69 -32.28 14.57
N LEU C 67 8.05 -31.45 13.76
CA LEU C 67 7.37 -30.27 14.29
C LEU C 67 6.32 -30.66 15.33
N VAL C 68 5.40 -31.55 14.96
CA VAL C 68 4.35 -31.97 15.88
C VAL C 68 4.95 -32.53 17.16
N SER C 69 5.93 -33.42 17.01
CA SER C 69 6.50 -34.09 18.18
C SER C 69 7.17 -33.10 19.12
N ILE C 70 7.99 -32.19 18.58
CA ILE C 70 8.74 -31.30 19.46
C ILE C 70 7.80 -30.30 20.12
N VAL C 71 6.78 -29.83 19.41
CA VAL C 71 5.86 -28.87 20.02
C VAL C 71 5.11 -29.52 21.17
N LEU C 72 4.54 -30.72 20.93
CA LEU C 72 3.78 -31.38 21.98
C LEU C 72 4.68 -31.76 23.15
N LYS C 73 5.93 -32.13 22.87
CA LYS C 73 6.84 -32.52 23.94
C LYS C 73 7.25 -31.34 24.78
N ILE C 74 7.47 -30.18 24.15
CA ILE C 74 7.77 -28.97 24.91
C ILE C 74 6.60 -28.62 25.83
N LEU C 75 5.37 -28.67 25.29
CA LEU C 75 4.21 -28.36 26.12
C LEU C 75 4.11 -29.31 27.31
N LEU C 76 4.27 -30.61 27.06
CA LEU C 76 4.14 -31.59 28.14
C LEU C 76 5.24 -31.43 29.19
N VAL C 77 6.47 -31.16 28.75
CA VAL C 77 7.57 -31.01 29.70
C VAL C 77 7.37 -29.78 30.56
N VAL C 78 6.94 -28.67 29.95
CA VAL C 78 6.63 -27.47 30.75
C VAL C 78 5.54 -27.78 31.77
N SER C 79 4.51 -28.52 31.35
CA SER C 79 3.41 -28.82 32.27
C SER C 79 3.88 -29.65 33.45
N VAL C 80 4.66 -30.71 33.20
CA VAL C 80 5.06 -31.57 34.32
C VAL C 80 6.09 -30.87 35.21
N ALA C 81 6.98 -30.08 34.62
CA ALA C 81 7.95 -29.34 35.42
C ALA C 81 7.24 -28.36 36.35
N SER C 82 6.17 -27.72 35.87
CA SER C 82 5.38 -26.90 36.77
C SER C 82 4.59 -27.74 37.75
N MET C 83 4.28 -28.99 37.39
CA MET C 83 3.48 -29.83 38.27
C MET C 83 4.27 -30.32 39.48
N ILE C 84 5.59 -30.50 39.35
CA ILE C 84 6.30 -30.98 40.53
C ILE C 84 6.54 -29.85 41.51
N GLY C 85 7.43 -28.92 41.18
CA GLY C 85 7.62 -27.76 42.04
C GLY C 85 8.07 -26.46 41.41
N ILE C 86 8.31 -26.45 40.10
CA ILE C 86 9.10 -25.41 39.46
C ILE C 86 8.18 -24.31 38.92
N GLN C 87 8.63 -23.07 39.03
CA GLN C 87 7.91 -21.93 38.47
C GLN C 87 8.27 -21.79 36.99
N THR C 88 7.25 -21.80 36.13
CA THR C 88 7.47 -21.81 34.69
C THR C 88 6.70 -20.69 33.99
N THR C 89 6.51 -19.54 34.67
CA THR C 89 5.78 -18.45 34.04
C THR C 89 6.57 -17.85 32.89
N SER C 90 7.90 -17.79 33.01
CA SER C 90 8.74 -17.27 31.94
C SER C 90 8.67 -18.16 30.70
N PHE C 91 8.69 -19.47 30.89
CA PHE C 91 8.60 -20.38 29.76
C PHE C 91 7.23 -20.36 29.13
N VAL C 92 6.17 -20.15 29.92
CA VAL C 92 4.84 -20.02 29.33
C VAL C 92 4.74 -18.73 28.52
N ALA C 93 5.35 -17.65 29.01
CA ALA C 93 5.38 -16.41 28.24
C ALA C 93 6.15 -16.59 26.94
N ALA C 94 7.27 -17.29 26.97
CA ALA C 94 8.05 -17.54 25.76
C ALA C 94 7.27 -18.41 24.78
N ILE C 95 6.57 -19.43 25.28
CA ILE C 95 5.76 -20.29 24.42
C ILE C 95 4.65 -19.49 23.78
N GLY C 96 4.02 -18.59 24.54
CA GLY C 96 2.98 -17.75 23.96
C GLY C 96 3.50 -16.82 22.89
N ALA C 97 4.68 -16.24 23.11
CA ALA C 97 5.29 -15.38 22.10
C ALA C 97 5.60 -16.17 20.83
N ALA C 98 6.17 -17.37 20.97
CA ALA C 98 6.48 -18.18 19.80
C ALA C 98 5.21 -18.61 19.07
N GLY C 99 4.15 -18.95 19.81
CA GLY C 99 2.90 -19.32 19.18
C GLY C 99 2.27 -18.15 18.43
N LEU C 100 2.33 -16.96 19.00
CA LEU C 100 1.82 -15.79 18.30
C LEU C 100 2.64 -15.48 17.05
N ALA C 101 3.96 -15.66 17.12
CA ALA C 101 4.79 -15.50 15.93
C ALA C 101 4.38 -16.47 14.84
N ILE C 102 4.23 -17.75 15.20
CA ILE C 102 3.85 -18.77 14.20
C ILE C 102 2.46 -18.47 13.64
N GLY C 103 1.57 -17.95 14.48
CA GLY C 103 0.23 -17.62 14.01
C GLY C 103 0.23 -16.44 13.05
N LEU C 104 1.06 -15.44 13.31
CA LEU C 104 1.15 -14.31 12.39
C LEU C 104 1.87 -14.68 11.11
N ALA C 105 2.75 -15.67 11.15
CA ALA C 105 3.42 -16.13 9.94
C ALA C 105 2.57 -17.08 9.11
N LEU C 106 1.26 -17.13 9.36
CA LEU C 106 0.36 -18.05 8.67
C LEU C 106 -0.86 -17.34 8.09
N GLN C 107 -0.94 -16.02 8.19
CA GLN C 107 -2.18 -15.33 7.89
C GLN C 107 -2.57 -15.43 6.42
N GLY C 108 -1.58 -15.46 5.52
CA GLY C 108 -1.89 -15.51 4.10
C GLY C 108 -2.58 -16.81 3.69
N SER C 109 -2.03 -17.94 4.13
CA SER C 109 -2.61 -19.23 3.77
C SER C 109 -3.99 -19.43 4.40
N LEU C 110 -4.15 -19.03 5.66
CA LEU C 110 -5.45 -19.16 6.31
C LEU C 110 -6.47 -18.24 5.66
N ALA C 111 -6.06 -17.05 5.23
CA ALA C 111 -6.96 -16.18 4.48
C ALA C 111 -7.35 -16.81 3.15
N ASN C 112 -6.43 -17.52 2.50
CA ASN C 112 -6.77 -18.23 1.27
C ASN C 112 -7.80 -19.31 1.52
N PHE C 113 -7.66 -20.05 2.62
CA PHE C 113 -8.64 -21.11 2.92
C PHE C 113 -10.00 -20.54 3.27
N ALA C 114 -10.03 -19.40 3.99
CA ALA C 114 -11.30 -18.77 4.30
C ALA C 114 -11.97 -18.21 3.05
N GLY C 115 -11.19 -17.61 2.15
CA GLY C 115 -11.75 -17.16 0.89
C GLY C 115 -12.26 -18.30 0.03
N GLY C 116 -11.60 -19.46 0.09
CA GLY C 116 -12.10 -20.62 -0.63
C GLY C 116 -13.43 -21.11 -0.08
N VAL C 117 -13.55 -21.14 1.25
CA VAL C 117 -14.84 -21.50 1.86
C VAL C 117 -15.92 -20.52 1.42
N LEU C 118 -15.61 -19.23 1.39
CA LEU C 118 -16.59 -18.24 0.98
C LEU C 118 -16.98 -18.40 -0.49
N ILE C 119 -16.01 -18.73 -1.36
CA ILE C 119 -16.33 -18.93 -2.77
C ILE C 119 -17.19 -20.16 -2.97
N LEU C 120 -17.00 -21.20 -2.14
CA LEU C 120 -17.86 -22.36 -2.24
C LEU C 120 -19.25 -22.10 -1.68
N LEU C 121 -19.37 -21.21 -0.69
CA LEU C 121 -20.66 -20.95 -0.08
C LEU C 121 -21.56 -20.09 -0.97
N PHE C 122 -21.16 -18.85 -1.21
CA PHE C 122 -21.78 -18.02 -2.23
C PHE C 122 -21.07 -18.27 -3.54
N ARG C 123 -21.81 -18.57 -4.59
CA ARG C 123 -21.17 -18.97 -5.84
C ARG C 123 -21.13 -17.82 -6.83
N PRO C 124 -20.03 -17.06 -6.91
CA PRO C 124 -19.97 -15.96 -7.87
C PRO C 124 -19.74 -16.47 -9.28
N PHE C 125 -19.05 -17.59 -9.40
CA PHE C 125 -18.76 -18.18 -10.70
C PHE C 125 -18.76 -19.69 -10.55
N LYS C 126 -18.89 -20.37 -11.69
CA LYS C 126 -18.90 -21.81 -11.78
C LYS C 126 -17.86 -22.27 -12.80
N VAL C 127 -17.68 -23.57 -12.91
CA VAL C 127 -16.73 -24.12 -13.87
C VAL C 127 -17.28 -23.91 -15.27
N GLY C 128 -16.45 -23.34 -16.14
CA GLY C 128 -16.84 -23.01 -17.50
C GLY C 128 -17.07 -21.55 -17.75
N ASP C 129 -17.19 -20.74 -16.70
CA ASP C 129 -17.45 -19.31 -16.86
C ASP C 129 -16.17 -18.57 -17.20
N TRP C 130 -16.28 -17.59 -18.10
CA TRP C 130 -15.20 -16.65 -18.36
C TRP C 130 -15.30 -15.52 -17.35
N ILE C 131 -14.26 -15.38 -16.51
CA ILE C 131 -14.24 -14.36 -15.49
C ILE C 131 -12.98 -13.53 -15.64
N GLU C 132 -12.94 -12.42 -14.90
CA GLU C 132 -11.82 -11.49 -14.93
C GLU C 132 -11.68 -10.89 -13.54
N ALA C 133 -10.51 -11.09 -12.92
CA ALA C 133 -10.29 -10.64 -11.56
C ALA C 133 -8.80 -10.62 -11.28
N GLN C 134 -8.38 -9.70 -10.42
CA GLN C 134 -7.00 -9.60 -9.95
C GLN C 134 -6.00 -9.34 -11.08
N GLY C 135 -6.46 -8.71 -12.16
CA GLY C 135 -5.58 -8.40 -13.27
C GLY C 135 -5.43 -9.49 -14.30
N VAL C 136 -6.14 -10.62 -14.16
CA VAL C 136 -6.09 -11.70 -15.13
C VAL C 136 -7.51 -12.02 -15.57
N ALA C 137 -7.61 -12.87 -16.59
CA ALA C 137 -8.90 -13.26 -17.14
C ALA C 137 -8.80 -14.63 -17.76
N GLY C 138 -9.92 -15.33 -17.81
CA GLY C 138 -9.94 -16.63 -18.45
C GLY C 138 -11.12 -17.47 -18.00
N THR C 139 -11.13 -18.70 -18.51
CA THR C 139 -12.20 -19.65 -18.25
C THR C 139 -11.90 -20.46 -17.00
N VAL C 140 -12.85 -20.50 -16.07
CA VAL C 140 -12.67 -21.26 -14.83
C VAL C 140 -12.61 -22.75 -15.16
N ASP C 141 -11.51 -23.39 -14.76
CA ASP C 141 -11.25 -24.80 -15.04
C ASP C 141 -11.47 -25.69 -13.84
N SER C 142 -11.23 -25.19 -12.63
CA SER C 142 -11.41 -25.95 -11.41
C SER C 142 -11.33 -24.99 -10.23
N ILE C 143 -12.22 -25.19 -9.26
CA ILE C 143 -12.24 -24.39 -8.03
C ILE C 143 -11.86 -25.31 -6.88
N LEU C 144 -10.79 -24.96 -6.18
CA LEU C 144 -10.37 -25.67 -4.98
C LEU C 144 -10.55 -24.72 -3.79
N ILE C 145 -10.21 -25.22 -2.60
CA ILE C 145 -10.39 -24.38 -1.42
C ILE C 145 -9.21 -23.44 -1.25
N PHE C 146 -8.06 -23.74 -1.85
CA PHE C 146 -6.91 -22.87 -1.70
C PHE C 146 -6.74 -21.90 -2.88
N HIS C 147 -6.95 -22.37 -4.10
CA HIS C 147 -6.80 -21.52 -5.27
C HIS C 147 -7.81 -21.90 -6.35
N THR C 148 -7.91 -21.04 -7.35
CA THR C 148 -8.75 -21.25 -8.52
C THR C 148 -7.86 -21.31 -9.75
N VAL C 149 -8.21 -22.17 -10.69
CA VAL C 149 -7.43 -22.39 -11.90
C VAL C 149 -8.21 -21.87 -13.10
N LEU C 150 -7.54 -21.11 -13.95
CA LEU C 150 -8.12 -20.51 -15.15
C LEU C 150 -7.31 -20.94 -16.36
N ARG C 151 -7.99 -21.05 -17.49
CA ARG C 151 -7.33 -21.21 -18.79
C ARG C 151 -7.48 -19.89 -19.54
N SER C 152 -6.35 -19.32 -19.94
CA SER C 152 -6.35 -18.04 -20.62
C SER C 152 -6.90 -18.18 -22.04
N GLY C 153 -7.07 -17.04 -22.70
CA GLY C 153 -7.47 -17.05 -24.10
C GLY C 153 -6.47 -17.72 -25.01
N ASP C 154 -5.21 -17.76 -24.60
CA ASP C 154 -4.14 -18.43 -25.32
C ASP C 154 -3.92 -19.85 -24.81
N ASN C 155 -4.72 -20.30 -23.84
CA ASN C 155 -4.68 -21.64 -23.26
C ASN C 155 -3.44 -21.84 -22.38
N LYS C 156 -3.07 -20.81 -21.64
CA LYS C 156 -2.07 -20.96 -20.59
C LYS C 156 -2.75 -20.91 -19.23
N ARG C 157 -2.18 -21.64 -18.27
CA ARG C 157 -2.84 -21.89 -17.00
C ARG C 157 -2.49 -20.81 -15.98
N ILE C 158 -3.52 -20.24 -15.36
CA ILE C 158 -3.37 -19.19 -14.36
C ILE C 158 -3.90 -19.71 -13.03
N ILE C 159 -3.14 -19.49 -11.96
CA ILE C 159 -3.52 -19.93 -10.63
C ILE C 159 -3.71 -18.68 -9.78
N VAL C 160 -4.92 -18.49 -9.26
CA VAL C 160 -5.29 -17.31 -8.48
C VAL C 160 -5.60 -17.76 -7.06
N PRO C 161 -4.93 -17.23 -6.04
CA PRO C 161 -5.30 -17.56 -4.67
C PRO C 161 -6.70 -17.04 -4.32
N ASN C 162 -7.37 -17.77 -3.44
CA ASN C 162 -8.78 -17.54 -3.19
C ASN C 162 -9.05 -16.40 -2.21
N GLY C 163 -8.07 -16.01 -1.40
CA GLY C 163 -8.28 -14.93 -0.45
C GLY C 163 -8.49 -13.59 -1.13
N ALA C 164 -7.47 -13.15 -1.88
CA ALA C 164 -7.59 -11.90 -2.62
C ALA C 164 -8.68 -11.99 -3.68
N LEU C 165 -8.94 -13.19 -4.19
CA LEU C 165 -10.01 -13.35 -5.17
C LEU C 165 -11.37 -13.06 -4.56
N SER C 166 -11.63 -13.62 -3.37
CA SER C 166 -12.92 -13.41 -2.72
C SER C 166 -13.01 -12.04 -2.05
N ASN C 167 -11.89 -11.35 -1.85
CA ASN C 167 -11.93 -10.02 -1.25
C ASN C 167 -11.85 -8.89 -2.28
N GLY C 168 -11.96 -9.19 -3.58
CA GLY C 168 -11.97 -8.19 -4.61
C GLY C 168 -13.17 -8.33 -5.53
N THR C 169 -13.21 -7.48 -6.54
CA THR C 169 -14.29 -7.53 -7.50
C THR C 169 -14.02 -8.59 -8.56
N VAL C 170 -15.09 -9.25 -9.00
CA VAL C 170 -15.03 -10.28 -10.02
C VAL C 170 -16.06 -9.95 -11.08
N THR C 171 -15.63 -9.90 -12.34
CA THR C 171 -16.52 -9.70 -13.47
C THR C 171 -16.78 -11.04 -14.14
N ASN C 172 -18.05 -11.42 -14.23
CA ASN C 172 -18.45 -12.70 -14.81
C ASN C 172 -19.12 -12.43 -16.15
N TYR C 173 -18.47 -12.86 -17.23
CA TYR C 173 -18.96 -12.59 -18.58
C TYR C 173 -20.05 -13.57 -19.02
N SER C 174 -20.25 -14.67 -18.31
CA SER C 174 -21.17 -15.71 -18.74
C SER C 174 -22.39 -15.87 -17.86
N ALA C 175 -22.56 -15.01 -16.84
CA ALA C 175 -23.65 -15.20 -15.90
C ALA C 175 -25.00 -14.83 -16.50
N GLU C 176 -25.03 -13.81 -17.37
CA GLU C 176 -26.33 -13.37 -17.90
C GLU C 176 -26.63 -14.07 -19.21
N PRO C 177 -27.90 -14.38 -19.48
CA PRO C 177 -28.24 -15.08 -20.72
C PRO C 177 -28.17 -14.20 -21.96
N VAL C 178 -28.21 -12.89 -21.82
CA VAL C 178 -28.25 -11.97 -22.94
C VAL C 178 -27.23 -10.86 -22.68
N ARG C 179 -26.50 -10.46 -23.72
CA ARG C 179 -25.50 -9.41 -23.61
C ARG C 179 -25.77 -8.34 -24.66
N ARG C 180 -25.09 -7.20 -24.52
CA ARG C 180 -25.27 -6.05 -25.40
C ARG C 180 -23.98 -5.80 -26.15
N VAL C 181 -23.96 -6.13 -27.43
CA VAL C 181 -22.85 -5.78 -28.31
C VAL C 181 -23.04 -4.33 -28.70
N ILE C 182 -22.03 -3.49 -28.49
CA ILE C 182 -22.38 -2.12 -28.82
C ILE C 182 -21.95 -1.84 -30.27
N PHE C 183 -20.77 -1.25 -30.48
CA PHE C 183 -19.99 -1.18 -31.72
C PHE C 183 -19.21 0.12 -31.56
N ASP C 184 -18.36 0.50 -32.51
CA ASP C 184 -17.91 1.88 -32.61
C ASP C 184 -17.25 2.08 -33.97
N VAL C 185 -17.66 3.12 -34.70
CA VAL C 185 -17.04 3.39 -36.00
C VAL C 185 -16.96 4.90 -36.21
N GLY C 186 -15.79 5.37 -36.64
CA GLY C 186 -15.61 6.78 -36.97
C GLY C 186 -15.85 7.02 -38.44
N ILE C 187 -16.65 8.03 -38.74
CA ILE C 187 -17.02 8.37 -40.10
C ILE C 187 -16.59 9.81 -40.38
N ASP C 188 -16.72 10.20 -41.66
CA ASP C 188 -16.35 11.54 -42.10
C ASP C 188 -17.13 12.60 -41.34
N TYR C 189 -16.56 13.82 -41.32
CA TYR C 189 -17.23 14.92 -40.65
C TYR C 189 -18.34 15.52 -41.52
N ASP C 190 -18.20 15.43 -42.84
CA ASP C 190 -19.19 16.01 -43.75
C ASP C 190 -20.32 15.05 -44.09
N ALA C 191 -20.31 13.84 -43.55
CA ALA C 191 -21.39 12.89 -43.81
C ALA C 191 -22.66 13.32 -43.08
N ASP C 192 -23.80 12.92 -43.62
CA ASP C 192 -25.08 13.17 -42.98
C ASP C 192 -25.38 12.02 -42.02
N LEU C 193 -25.59 12.37 -40.74
CA LEU C 193 -25.56 11.37 -39.69
C LEU C 193 -26.84 10.53 -39.65
N LYS C 194 -27.97 11.09 -40.05
CA LYS C 194 -29.21 10.32 -40.06
C LYS C 194 -29.11 9.15 -41.03
N ASN C 195 -28.64 9.41 -42.24
CA ASN C 195 -28.47 8.34 -43.23
C ASN C 195 -27.45 7.31 -42.75
N ALA C 196 -26.39 7.77 -42.07
CA ALA C 196 -25.38 6.84 -41.59
C ALA C 196 -25.92 5.91 -40.51
N GLN C 197 -26.69 6.44 -39.57
CA GLN C 197 -27.24 5.56 -38.55
C GLN C 197 -28.37 4.70 -39.10
N ASN C 198 -29.06 5.15 -40.15
CA ASN C 198 -30.00 4.27 -40.83
C ASN C 198 -29.28 3.10 -41.49
N ILE C 199 -28.13 3.38 -42.12
CA ILE C 199 -27.33 2.31 -42.72
C ILE C 199 -26.86 1.34 -41.65
N LEU C 200 -26.38 1.86 -40.51
CA LEU C 200 -25.96 0.98 -39.43
C LEU C 200 -27.11 0.16 -38.87
N LEU C 201 -28.32 0.74 -38.86
CA LEU C 201 -29.48 -0.01 -38.37
C LEU C 201 -29.91 -1.09 -39.34
N ALA C 202 -29.78 -0.85 -40.65
CA ALA C 202 -30.06 -1.91 -41.62
C ALA C 202 -28.81 -2.75 -41.87
N MET C 203 -28.15 -3.10 -40.78
CA MET C 203 -27.02 -4.00 -40.78
C MET C 203 -27.13 -4.99 -39.62
N ALA C 204 -28.07 -4.77 -38.71
CA ALA C 204 -28.34 -5.68 -37.61
C ALA C 204 -29.58 -6.52 -37.87
N ASP C 205 -29.90 -6.81 -39.13
CA ASP C 205 -31.01 -7.67 -39.47
C ASP C 205 -30.65 -9.15 -39.42
N ASP C 206 -29.50 -9.49 -38.85
CA ASP C 206 -29.13 -10.88 -38.71
C ASP C 206 -30.15 -11.61 -37.82
N PRO C 207 -30.39 -12.91 -38.05
CA PRO C 207 -31.27 -13.65 -37.14
C PRO C 207 -30.53 -14.09 -35.89
N ARG C 208 -29.71 -13.19 -35.35
CA ARG C 208 -29.02 -13.38 -34.09
C ARG C 208 -29.12 -12.17 -33.20
N VAL C 209 -29.59 -11.04 -33.72
CA VAL C 209 -29.80 -9.82 -32.95
C VAL C 209 -31.22 -9.86 -32.42
N LEU C 210 -31.36 -9.85 -31.10
CA LEU C 210 -32.68 -9.84 -30.49
C LEU C 210 -33.40 -8.54 -30.79
N LYS C 211 -34.72 -8.63 -30.86
CA LYS C 211 -35.58 -7.46 -31.01
C LYS C 211 -36.19 -7.02 -29.69
N ASP C 212 -35.84 -7.68 -28.58
CA ASP C 212 -36.56 -7.44 -27.33
C ASP C 212 -36.31 -6.02 -26.82
N PRO C 213 -35.07 -5.63 -26.42
CA PRO C 213 -34.74 -4.20 -26.42
C PRO C 213 -34.21 -3.75 -27.78
N ALA C 214 -35.10 -3.34 -28.68
CA ALA C 214 -34.82 -3.02 -30.08
C ALA C 214 -33.51 -2.28 -30.29
N PRO C 215 -32.81 -2.55 -31.40
CA PRO C 215 -31.48 -1.96 -31.59
C PRO C 215 -31.52 -0.44 -31.67
N VAL C 216 -30.36 0.16 -31.42
CA VAL C 216 -30.23 1.61 -31.33
C VAL C 216 -28.95 2.03 -32.05
N ALA C 217 -28.97 3.20 -32.65
CA ALA C 217 -27.79 3.78 -33.30
C ALA C 217 -27.72 5.25 -32.95
N VAL C 218 -26.62 5.66 -32.32
CA VAL C 218 -26.49 7.01 -31.78
C VAL C 218 -25.18 7.63 -32.23
N VAL C 219 -25.12 8.95 -32.09
CA VAL C 219 -23.90 9.72 -32.32
C VAL C 219 -23.25 9.96 -30.97
N SER C 220 -22.22 9.19 -30.66
CA SER C 220 -21.41 9.48 -29.48
C SER C 220 -20.44 10.61 -29.84
N ASN C 221 -19.40 10.79 -29.03
CA ASN C 221 -18.59 12.01 -29.07
C ASN C 221 -18.13 12.37 -30.49
N LEU C 222 -17.94 13.67 -30.71
CA LEU C 222 -17.35 14.17 -31.95
C LEU C 222 -15.83 14.20 -31.78
N GLY C 223 -15.14 13.28 -32.44
CA GLY C 223 -13.71 13.14 -32.29
C GLY C 223 -12.93 14.22 -33.01
N GLU C 224 -11.60 14.06 -33.00
CA GLU C 224 -10.73 15.09 -33.57
C GLU C 224 -10.58 14.93 -35.08
N SER C 225 -10.75 13.72 -35.61
CA SER C 225 -10.68 13.50 -37.05
C SER C 225 -11.94 12.85 -37.62
N ALA C 226 -12.77 12.22 -36.80
CA ALA C 226 -13.94 11.52 -37.29
C ALA C 226 -15.06 11.66 -36.27
N ILE C 227 -16.30 11.58 -36.76
CA ILE C 227 -17.48 11.54 -35.90
C ILE C 227 -17.76 10.09 -35.54
N THR C 228 -17.91 9.82 -34.25
CA THR C 228 -18.04 8.45 -33.77
C THR C 228 -19.51 8.06 -33.70
N LEU C 229 -19.89 7.04 -34.46
CA LEU C 229 -21.20 6.43 -34.40
C LEU C 229 -21.13 5.15 -33.57
N SER C 230 -22.22 4.85 -32.88
CA SER C 230 -22.29 3.70 -31.98
C SER C 230 -23.59 2.96 -32.24
N LEU C 231 -23.49 1.74 -32.77
CA LEU C 231 -24.59 0.81 -32.80
C LEU C 231 -24.72 0.13 -31.45
N ARG C 232 -25.89 -0.44 -31.16
CA ARG C 232 -26.14 -1.02 -29.85
C ARG C 232 -27.24 -2.06 -30.00
N VAL C 233 -26.89 -3.34 -29.87
CA VAL C 233 -27.81 -4.44 -30.09
C VAL C 233 -27.69 -5.44 -28.94
N TRP C 234 -28.72 -6.25 -28.78
CA TRP C 234 -28.76 -7.30 -27.78
C TRP C 234 -28.68 -8.66 -28.46
N VAL C 235 -27.78 -9.51 -27.99
CA VAL C 235 -27.59 -10.86 -28.52
C VAL C 235 -27.62 -11.84 -27.36
N LYS C 236 -27.62 -13.12 -27.69
CA LYS C 236 -27.42 -14.13 -26.66
C LYS C 236 -25.95 -14.19 -26.26
N ASN C 237 -25.70 -14.65 -25.03
CA ASN C 237 -24.37 -14.55 -24.46
C ASN C 237 -23.33 -15.34 -25.26
N ALA C 238 -23.76 -16.27 -26.10
CA ALA C 238 -22.83 -17.08 -26.88
C ALA C 238 -22.56 -16.54 -28.28
N ASP C 239 -23.35 -15.58 -28.74
CA ASP C 239 -23.18 -15.00 -30.07
C ASP C 239 -22.44 -13.67 -30.04
N TYR C 240 -21.87 -13.29 -28.90
CA TYR C 240 -21.26 -11.98 -28.76
C TYR C 240 -20.17 -11.74 -29.81
N TRP C 241 -19.15 -12.59 -29.83
CA TRP C 241 -17.98 -12.32 -30.66
C TRP C 241 -18.27 -12.52 -32.14
N ASP C 242 -19.12 -13.48 -32.49
CA ASP C 242 -19.49 -13.67 -33.89
C ASP C 242 -20.14 -12.42 -34.45
N VAL C 243 -21.08 -11.84 -33.69
CA VAL C 243 -21.75 -10.63 -34.13
C VAL C 243 -20.78 -9.47 -34.18
N MET C 244 -19.88 -9.37 -33.20
CA MET C 244 -18.90 -8.29 -33.22
C MET C 244 -18.00 -8.35 -34.46
N PHE C 245 -17.52 -9.54 -34.82
CA PHE C 245 -16.65 -9.67 -35.99
C PHE C 245 -17.41 -9.43 -37.28
N MET C 246 -18.65 -9.94 -37.37
CA MET C 246 -19.47 -9.66 -38.53
C MET C 246 -19.69 -8.17 -38.73
N PHE C 247 -19.90 -7.44 -37.62
CA PHE C 247 -19.98 -5.99 -37.71
C PHE C 247 -18.66 -5.40 -38.20
N ASN C 248 -17.55 -5.86 -37.63
CA ASN C 248 -16.23 -5.35 -38.00
C ASN C 248 -15.99 -5.41 -39.51
N GLU C 249 -16.56 -6.40 -40.18
CA GLU C 249 -16.41 -6.49 -41.64
C GLU C 249 -17.48 -5.69 -42.41
N LYS C 250 -18.74 -6.01 -42.15
CA LYS C 250 -19.82 -5.40 -42.91
C LYS C 250 -19.92 -3.90 -42.68
N ALA C 251 -19.35 -3.37 -41.60
CA ALA C 251 -19.45 -1.95 -41.31
C ALA C 251 -18.83 -1.12 -42.43
N ARG C 252 -17.54 -1.32 -42.68
CA ARG C 252 -16.92 -0.62 -43.79
C ARG C 252 -17.57 -1.01 -45.10
N ASP C 253 -17.80 -2.31 -45.32
CA ASP C 253 -18.29 -2.70 -46.63
C ASP C 253 -19.64 -2.07 -46.97
N ALA C 254 -20.45 -1.75 -45.96
CA ALA C 254 -21.78 -1.19 -46.16
C ALA C 254 -21.83 0.32 -46.07
N LEU C 255 -21.02 0.94 -45.20
CA LEU C 255 -20.96 2.39 -45.17
C LEU C 255 -20.40 2.94 -46.47
N GLY C 256 -19.32 2.34 -46.98
CA GLY C 256 -18.71 2.86 -48.19
C GLY C 256 -19.61 2.86 -49.41
N LYS C 257 -20.74 2.16 -49.37
CA LYS C 257 -21.58 2.03 -50.55
C LYS C 257 -22.36 3.32 -50.82
N GLU C 258 -22.84 3.97 -49.77
CA GLU C 258 -23.61 5.19 -49.89
C GLU C 258 -22.76 6.45 -49.78
N GLY C 259 -21.44 6.34 -49.99
CA GLY C 259 -20.58 7.49 -49.99
C GLY C 259 -20.16 8.00 -48.63
N ILE C 260 -20.03 7.12 -47.65
CA ILE C 260 -19.57 7.48 -46.32
C ILE C 260 -18.26 6.74 -46.08
N GLY C 261 -17.18 7.49 -45.93
CA GLY C 261 -15.88 6.89 -45.71
C GLY C 261 -15.51 6.80 -44.25
N ILE C 262 -14.44 6.06 -43.99
CA ILE C 262 -13.81 5.97 -42.68
C ILE C 262 -12.46 6.67 -42.77
N PRO C 263 -12.30 7.85 -42.17
CA PRO C 263 -11.17 8.71 -42.51
C PRO C 263 -9.91 8.42 -41.70
N PHE C 264 -8.80 8.89 -42.25
CA PHE C 264 -7.47 8.82 -41.66
C PHE C 264 -7.26 10.01 -40.72
N PRO C 265 -6.10 10.11 -40.05
CA PRO C 265 -5.84 11.28 -39.20
C PRO C 265 -5.62 12.59 -39.96
N GLN C 266 -6.70 13.31 -40.23
CA GLN C 266 -6.67 14.58 -40.94
C GLN C 266 -5.74 15.59 -40.27
N ARG C 267 -5.31 16.58 -41.06
CA ARG C 267 -4.46 17.67 -40.60
C ARG C 267 -4.60 18.84 -41.56
N VAL C 268 -4.54 20.05 -41.03
CA VAL C 268 -4.57 21.27 -41.82
C VAL C 268 -3.24 21.98 -41.62
N VAL C 269 -2.53 22.24 -42.71
CA VAL C 269 -1.17 22.76 -42.66
C VAL C 269 -1.12 24.05 -43.46
N LYS C 270 -0.70 25.13 -42.82
CA LYS C 270 -0.47 26.42 -43.48
C LYS C 270 1.01 26.56 -43.76
N VAL C 271 1.37 26.63 -45.03
CA VAL C 271 2.77 26.65 -45.44
C VAL C 271 3.23 28.08 -45.63
N VAL C 272 4.25 28.48 -44.89
CA VAL C 272 4.91 29.77 -45.06
C VAL C 272 6.29 29.50 -45.65
N GLN C 273 6.58 30.13 -46.79
CA GLN C 273 7.83 29.88 -47.50
C GLN C 273 8.74 31.10 -47.48
N SER D 14 9.89 -23.33 69.08
CA SER D 14 10.40 -24.40 68.22
C SER D 14 10.89 -23.85 66.89
N TRP D 15 9.98 -23.17 66.17
CA TRP D 15 10.27 -22.49 64.90
C TRP D 15 10.96 -23.39 63.88
N LEU D 16 10.86 -24.71 64.06
CA LEU D 16 11.50 -25.67 63.16
C LEU D 16 10.72 -25.89 61.86
N PRO D 17 9.38 -26.00 61.88
CA PRO D 17 8.67 -26.25 60.61
C PRO D 17 8.92 -25.17 59.55
N ILE D 18 8.91 -23.89 59.93
CA ILE D 18 9.09 -22.84 58.93
C ILE D 18 10.52 -22.87 58.39
N VAL D 19 11.50 -23.20 59.23
CA VAL D 19 12.88 -23.22 58.77
C VAL D 19 13.07 -24.30 57.71
N LEU D 20 12.54 -25.50 57.95
CA LEU D 20 12.64 -26.55 56.95
C LEU D 20 11.76 -26.26 55.73
N GLU D 21 10.64 -25.57 55.92
CA GLU D 21 9.78 -25.22 54.79
C GLU D 21 10.48 -24.24 53.86
N TYR D 22 11.30 -23.34 54.42
CA TYR D 22 12.08 -22.46 53.56
C TYR D 22 13.31 -23.15 53.01
N SER D 23 13.91 -24.07 53.78
CA SER D 23 15.10 -24.76 53.33
C SER D 23 14.80 -25.67 52.15
N GLY D 24 13.64 -26.33 52.15
CA GLY D 24 13.27 -27.13 51.00
C GLY D 24 13.12 -26.30 49.74
N LYS D 25 12.50 -25.13 49.85
CA LYS D 25 12.36 -24.24 48.71
C LYS D 25 13.73 -23.79 48.20
N VAL D 26 14.62 -23.41 49.11
CA VAL D 26 15.94 -22.95 48.69
C VAL D 26 16.73 -24.09 48.04
N ALA D 27 16.63 -25.30 48.58
CA ALA D 27 17.34 -26.43 48.00
C ALA D 27 16.82 -26.77 46.62
N LEU D 28 15.49 -26.75 46.45
CA LEU D 28 14.92 -27.02 45.13
C LEU D 28 15.31 -25.94 44.13
N ALA D 29 15.34 -24.68 44.56
CA ALA D 29 15.73 -23.60 43.67
C ALA D 29 17.19 -23.75 43.24
N LEU D 30 18.08 -24.09 44.17
CA LEU D 30 19.48 -24.25 43.82
C LEU D 30 19.71 -25.46 42.92
N LEU D 31 19.00 -26.56 43.19
CA LEU D 31 19.07 -27.73 42.30
C LEU D 31 18.62 -27.36 40.90
N THR D 32 17.48 -26.68 40.77
CA THR D 32 16.99 -26.25 39.47
C THR D 32 18.01 -25.37 38.78
N LEU D 33 18.59 -24.42 39.50
CA LEU D 33 19.58 -23.52 38.91
C LEU D 33 20.76 -24.30 38.34
N ALA D 34 21.34 -25.19 39.15
CA ALA D 34 22.51 -25.95 38.71
C ALA D 34 22.19 -26.82 37.51
N ILE D 35 21.12 -27.61 37.61
CA ILE D 35 20.78 -28.53 36.52
C ILE D 35 20.46 -27.78 35.23
N GLY D 36 19.71 -26.68 35.33
CA GLY D 36 19.37 -25.91 34.15
C GLY D 36 20.57 -25.25 33.52
N TRP D 37 21.48 -24.71 34.35
CA TRP D 37 22.71 -24.14 33.81
C TRP D 37 23.51 -25.18 33.05
N TRP D 38 23.65 -26.37 33.64
CA TRP D 38 24.39 -27.43 32.96
C TRP D 38 23.73 -27.81 31.64
N LEU D 39 22.40 -27.99 31.66
CA LEU D 39 21.69 -28.39 30.45
C LEU D 39 21.83 -27.34 29.35
N ILE D 40 21.74 -26.06 29.72
CA ILE D 40 21.88 -25.00 28.72
C ILE D 40 23.29 -25.00 28.15
N ASN D 41 24.30 -25.22 28.98
CA ASN D 41 25.67 -25.26 28.49
C ASN D 41 25.86 -26.41 27.50
N THR D 42 25.39 -27.61 27.85
CA THR D 42 25.55 -28.73 26.92
C THR D 42 24.76 -28.50 25.63
N LEU D 43 23.56 -27.93 25.73
CA LEU D 43 22.76 -27.70 24.53
C LEU D 43 23.43 -26.69 23.60
N THR D 44 23.96 -25.60 24.15
CA THR D 44 24.59 -24.61 23.29
C THR D 44 25.89 -25.14 22.70
N GLY D 45 26.64 -25.94 23.47
CA GLY D 45 27.82 -26.58 22.90
C GLY D 45 27.47 -27.52 21.74
N ARG D 46 26.42 -28.31 21.90
CA ARG D 46 25.99 -29.20 20.84
C ARG D 46 25.54 -28.43 19.61
N VAL D 47 24.79 -27.35 19.81
CA VAL D 47 24.32 -26.55 18.68
C VAL D 47 25.50 -25.91 17.95
N GLY D 48 26.47 -25.39 18.69
CA GLY D 48 27.66 -24.85 18.07
C GLY D 48 28.43 -25.89 17.28
N GLY D 49 28.54 -27.10 17.83
CA GLY D 49 29.23 -28.17 17.10
C GLY D 49 28.54 -28.53 15.81
N LEU D 50 27.22 -28.72 15.86
CA LEU D 50 26.49 -29.05 14.64
C LEU D 50 26.48 -27.91 13.63
N LEU D 51 26.57 -26.66 14.10
CA LEU D 51 26.67 -25.54 13.17
C LEU D 51 28.05 -25.46 12.54
N ALA D 52 29.10 -25.82 13.28
CA ALA D 52 30.44 -25.84 12.72
C ALA D 52 30.59 -26.97 11.71
N ARG D 53 29.98 -28.12 11.99
CA ARG D 53 30.08 -29.25 11.07
C ARG D 53 29.42 -28.99 9.72
N ARG D 54 28.46 -28.08 9.63
CA ARG D 54 27.77 -27.79 8.38
C ARG D 54 28.44 -26.69 7.58
N SER D 55 29.55 -26.14 8.06
CA SER D 55 30.35 -25.15 7.35
C SER D 55 29.53 -23.90 7.01
N VAL D 56 29.02 -23.27 8.06
CA VAL D 56 28.40 -21.97 7.95
C VAL D 56 29.42 -20.93 8.41
N ASP D 57 29.26 -19.70 7.92
CA ASP D 57 30.21 -18.65 8.25
C ASP D 57 30.22 -18.39 9.76
N ARG D 58 31.41 -18.08 10.28
CA ARG D 58 31.60 -17.98 11.72
C ARG D 58 30.93 -16.74 12.30
N THR D 59 30.59 -15.75 11.46
CA THR D 59 29.79 -14.63 11.94
C THR D 59 28.39 -15.10 12.31
N LEU D 60 27.89 -16.12 11.63
CA LEU D 60 26.55 -16.64 11.85
C LEU D 60 26.49 -17.72 12.92
N GLN D 61 27.61 -18.01 13.58
CA GLN D 61 27.63 -18.96 14.68
C GLN D 61 27.70 -18.29 16.04
N GLY D 62 28.43 -17.17 16.13
CA GLY D 62 28.55 -16.45 17.37
C GLY D 62 27.23 -16.00 17.95
N PHE D 63 26.45 -15.22 17.20
CA PHE D 63 25.19 -14.73 17.70
C PHE D 63 24.04 -15.69 17.49
N VAL D 64 24.34 -16.95 17.16
CA VAL D 64 23.35 -18.01 17.34
C VAL D 64 23.58 -18.71 18.67
N GLY D 65 24.82 -19.12 18.93
CA GLY D 65 25.14 -19.72 20.22
C GLY D 65 24.88 -18.76 21.37
N SER D 66 25.37 -17.53 21.25
CA SER D 66 25.17 -16.54 22.31
C SER D 66 23.70 -16.21 22.49
N LEU D 67 22.95 -16.08 21.38
CA LEU D 67 21.52 -15.82 21.48
C LEU D 67 20.81 -16.90 22.27
N VAL D 68 20.99 -18.16 21.86
CA VAL D 68 20.33 -19.27 22.54
C VAL D 68 20.70 -19.29 24.02
N SER D 69 22.00 -19.16 24.31
CA SER D 69 22.45 -19.26 25.70
C SER D 69 21.86 -18.15 26.56
N ILE D 70 21.91 -16.90 26.08
CA ILE D 70 21.46 -15.80 26.92
C ILE D 70 19.95 -15.84 27.11
N VAL D 71 19.20 -16.23 26.07
CA VAL D 71 17.75 -16.31 26.22
C VAL D 71 17.38 -17.37 27.25
N LEU D 72 17.94 -18.57 27.11
CA LEU D 72 17.60 -19.63 28.05
C LEU D 72 18.06 -19.30 29.46
N LYS D 73 19.20 -18.62 29.59
CA LYS D 73 19.71 -18.27 30.91
C LYS D 73 18.84 -17.22 31.57
N ILE D 74 18.37 -16.24 30.80
CA ILE D 74 17.44 -15.25 31.35
C ILE D 74 16.17 -15.93 31.85
N LEU D 75 15.61 -16.82 31.04
CA LEU D 75 14.39 -17.52 31.46
C LEU D 75 14.62 -18.31 32.75
N LEU D 76 15.73 -19.05 32.82
CA LEU D 76 16.00 -19.87 34.00
C LEU D 76 16.23 -19.01 35.25
N VAL D 77 16.95 -17.90 35.09
CA VAL D 77 17.24 -17.04 36.24
C VAL D 77 15.96 -16.41 36.76
N VAL D 78 15.09 -15.94 35.85
CA VAL D 78 13.80 -15.41 36.28
C VAL D 78 13.01 -16.48 37.03
N SER D 79 13.01 -17.70 36.52
CA SER D 79 12.24 -18.77 37.16
C SER D 79 12.75 -19.05 38.57
N VAL D 80 14.07 -19.17 38.74
CA VAL D 80 14.58 -19.53 40.08
C VAL D 80 14.44 -18.35 41.04
N ALA D 81 14.63 -17.12 40.56
CA ALA D 81 14.45 -15.95 41.42
C ALA D 81 13.02 -15.87 41.91
N SER D 82 12.04 -16.20 41.06
CA SER D 82 10.68 -16.28 41.54
C SER D 82 10.46 -17.48 42.43
N MET D 83 11.27 -18.53 42.27
CA MET D 83 11.08 -19.74 43.06
C MET D 83 11.54 -19.56 44.50
N ILE D 84 12.53 -18.70 44.76
CA ILE D 84 12.94 -18.57 46.15
C ILE D 84 11.98 -17.68 46.92
N GLY D 85 11.97 -16.38 46.65
CA GLY D 85 10.99 -15.52 47.27
C GLY D 85 10.56 -14.26 46.53
N ILE D 86 11.12 -14.01 45.36
CA ILE D 86 11.07 -12.69 44.74
C ILE D 86 9.91 -12.60 43.78
N GLN D 87 9.26 -11.44 43.74
CA GLN D 87 8.19 -11.16 42.79
C GLN D 87 8.79 -10.71 41.46
N THR D 88 8.44 -11.43 40.39
CA THR D 88 9.04 -11.18 39.09
C THR D 88 7.98 -10.96 38.01
N THR D 89 6.84 -10.37 38.37
CA THR D 89 5.80 -10.13 37.37
C THR D 89 6.24 -9.07 36.36
N SER D 90 7.00 -8.06 36.81
CA SER D 90 7.49 -7.03 35.91
C SER D 90 8.47 -7.61 34.90
N PHE D 91 9.35 -8.50 35.34
CA PHE D 91 10.31 -9.12 34.44
C PHE D 91 9.64 -10.08 33.48
N VAL D 92 8.58 -10.76 33.91
CA VAL D 92 7.83 -11.61 32.99
C VAL D 92 7.12 -10.77 31.94
N ALA D 93 6.57 -9.62 32.34
CA ALA D 93 5.96 -8.72 31.37
C ALA D 93 6.99 -8.21 30.37
N ALA D 94 8.19 -7.85 30.84
CA ALA D 94 9.24 -7.38 29.94
C ALA D 94 9.67 -8.48 28.98
N ILE D 95 9.80 -9.71 29.49
CA ILE D 95 10.18 -10.84 28.64
C ILE D 95 9.12 -11.09 27.58
N GLY D 96 7.84 -10.98 27.96
CA GLY D 96 6.78 -11.15 26.98
C GLY D 96 6.80 -10.08 25.92
N ALA D 97 7.05 -8.83 26.31
CA ALA D 97 7.15 -7.74 25.34
C ALA D 97 8.30 -7.97 24.38
N ALA D 98 9.47 -8.37 24.90
CA ALA D 98 10.62 -8.63 24.03
C ALA D 98 10.35 -9.81 23.10
N GLY D 99 9.70 -10.85 23.60
CA GLY D 99 9.38 -11.99 22.75
C GLY D 99 8.40 -11.63 21.65
N LEU D 100 7.41 -10.80 21.97
CA LEU D 100 6.47 -10.35 20.94
C LEU D 100 7.17 -9.48 19.90
N ALA D 101 8.11 -8.64 20.34
CA ALA D 101 8.89 -7.84 19.40
C ALA D 101 9.69 -8.73 18.46
N ILE D 102 10.39 -9.73 19.02
CA ILE D 102 11.18 -10.63 18.18
C ILE D 102 10.28 -11.42 17.24
N GLY D 103 9.08 -11.78 17.70
CA GLY D 103 8.17 -12.51 16.84
C GLY D 103 7.64 -11.68 15.69
N LEU D 104 7.36 -10.39 15.95
CA LEU D 104 6.90 -9.51 14.88
C LEU D 104 8.03 -9.16 13.93
N ALA D 105 9.27 -9.18 14.40
CA ALA D 105 10.41 -8.93 13.52
C ALA D 105 10.81 -10.15 12.70
N LEU D 106 9.95 -11.17 12.61
CA LEU D 106 10.26 -12.40 11.91
C LEU D 106 9.18 -12.80 10.91
N GLN D 107 8.16 -11.97 10.72
CA GLN D 107 6.98 -12.40 9.97
C GLN D 107 7.29 -12.67 8.50
N GLY D 108 8.22 -11.91 7.91
CA GLY D 108 8.52 -12.10 6.50
C GLY D 108 9.13 -13.45 6.20
N SER D 109 10.14 -13.84 6.98
CA SER D 109 10.80 -15.12 6.75
C SER D 109 9.88 -16.30 7.03
N LEU D 110 9.09 -16.21 8.11
CA LEU D 110 8.17 -17.30 8.40
C LEU D 110 7.08 -17.40 7.35
N ALA D 111 6.64 -16.26 6.81
CA ALA D 111 5.70 -16.29 5.70
C ALA D 111 6.32 -16.93 4.47
N ASN D 112 7.62 -16.70 4.23
CA ASN D 112 8.29 -17.35 3.12
C ASN D 112 8.33 -18.86 3.31
N PHE D 113 8.59 -19.33 4.53
CA PHE D 113 8.64 -20.76 4.77
C PHE D 113 7.26 -21.40 4.64
N ALA D 114 6.21 -20.70 5.09
CA ALA D 114 4.86 -21.22 4.93
C ALA D 114 4.45 -21.27 3.46
N GLY D 115 4.80 -20.24 2.69
CA GLY D 115 4.55 -20.27 1.26
C GLY D 115 5.31 -21.38 0.55
N GLY D 116 6.51 -21.68 1.01
CA GLY D 116 7.25 -22.78 0.43
C GLY D 116 6.61 -24.12 0.71
N VAL D 117 6.13 -24.31 1.94
CA VAL D 117 5.38 -25.53 2.26
C VAL D 117 4.15 -25.65 1.37
N LEU D 118 3.43 -24.54 1.17
CA LEU D 118 2.25 -24.58 0.32
C LEU D 118 2.59 -24.89 -1.13
N ILE D 119 3.70 -24.34 -1.64
CA ILE D 119 4.09 -24.63 -3.01
C ILE D 119 4.50 -26.08 -3.17
N LEU D 120 5.08 -26.69 -2.13
CA LEU D 120 5.41 -28.10 -2.22
C LEU D 120 4.16 -28.98 -2.10
N LEU D 121 3.14 -28.52 -1.37
CA LEU D 121 1.95 -29.34 -1.18
C LEU D 121 1.07 -29.36 -2.42
N PHE D 122 0.52 -28.22 -2.80
CA PHE D 122 -0.14 -28.06 -4.09
C PHE D 122 0.91 -27.63 -5.10
N ARG D 123 0.99 -28.32 -6.22
CA ARG D 123 2.08 -28.05 -7.15
C ARG D 123 1.60 -27.19 -8.31
N PRO D 124 1.78 -25.86 -8.25
CA PRO D 124 1.34 -25.02 -9.36
C PRO D 124 2.29 -25.11 -10.54
N PHE D 125 3.57 -25.36 -10.25
CA PHE D 125 4.59 -25.46 -11.29
C PHE D 125 5.61 -26.50 -10.85
N LYS D 126 6.38 -26.97 -11.82
CA LYS D 126 7.43 -27.96 -11.61
C LYS D 126 8.72 -27.45 -12.22
N VAL D 127 9.80 -28.19 -12.02
CA VAL D 127 11.09 -27.81 -12.57
C VAL D 127 11.05 -27.98 -14.08
N GLY D 128 11.44 -26.94 -14.80
CA GLY D 128 11.40 -26.93 -16.26
C GLY D 128 10.29 -26.10 -16.84
N ASP D 129 9.31 -25.69 -16.04
CA ASP D 129 8.20 -24.91 -16.54
C ASP D 129 8.58 -23.45 -16.69
N TRP D 130 8.10 -22.83 -17.77
CA TRP D 130 8.19 -21.39 -17.93
C TRP D 130 7.01 -20.75 -17.22
N ILE D 131 7.28 -19.94 -16.19
CA ILE D 131 6.23 -19.29 -15.42
C ILE D 131 6.50 -17.79 -15.40
N GLU D 132 5.50 -17.06 -14.92
CA GLU D 132 5.55 -15.61 -14.84
C GLU D 132 4.76 -15.17 -13.61
N ALA D 133 5.43 -14.49 -12.69
CA ALA D 133 4.81 -14.10 -11.44
C ALA D 133 5.65 -13.00 -10.80
N GLN D 134 4.98 -12.12 -10.06
CA GLN D 134 5.62 -11.06 -9.28
C GLN D 134 6.42 -10.10 -10.14
N GLY D 135 6.05 -9.93 -11.40
CA GLY D 135 6.73 -9.03 -12.29
C GLY D 135 7.93 -9.59 -13.01
N VAL D 136 8.24 -10.88 -12.84
CA VAL D 136 9.36 -11.52 -13.52
C VAL D 136 8.83 -12.75 -14.24
N ALA D 137 9.69 -13.35 -15.05
CA ALA D 137 9.33 -14.53 -15.83
C ALA D 137 10.58 -15.35 -16.12
N GLY D 138 10.38 -16.64 -16.31
CA GLY D 138 11.50 -17.49 -16.66
C GLY D 138 11.21 -18.95 -16.37
N THR D 139 12.24 -19.76 -16.60
CA THR D 139 12.16 -21.20 -16.44
C THR D 139 12.53 -21.60 -15.01
N VAL D 140 11.67 -22.38 -14.38
CA VAL D 140 11.91 -22.83 -13.01
C VAL D 140 13.11 -23.77 -13.00
N ASP D 141 14.14 -23.42 -12.22
CA ASP D 141 15.39 -24.16 -12.13
C ASP D 141 15.50 -25.00 -10.88
N SER D 142 14.91 -24.54 -9.77
CA SER D 142 14.93 -25.26 -8.51
C SER D 142 13.93 -24.63 -7.56
N ILE D 143 13.20 -25.47 -6.84
CA ILE D 143 12.24 -25.02 -5.85
C ILE D 143 12.75 -25.41 -4.47
N LEU D 144 12.95 -24.44 -3.61
CA LEU D 144 13.33 -24.67 -2.22
C LEU D 144 12.17 -24.23 -1.33
N ILE D 145 12.34 -24.38 -0.02
CA ILE D 145 11.26 -24.02 0.88
C ILE D 145 11.27 -22.51 1.16
N PHE D 146 12.41 -21.85 0.94
CA PHE D 146 12.45 -20.42 1.21
C PHE D 146 12.25 -19.58 -0.06
N HIS D 147 12.84 -19.98 -1.18
CA HIS D 147 12.71 -19.22 -2.41
C HIS D 147 12.69 -20.17 -3.61
N THR D 148 12.34 -19.61 -4.76
CA THR D 148 12.34 -20.31 -6.04
C THR D 148 13.33 -19.62 -6.96
N VAL D 149 14.02 -20.41 -7.77
CA VAL D 149 15.06 -19.91 -8.67
C VAL D 149 14.59 -20.06 -10.11
N LEU D 150 14.75 -19.00 -10.89
CA LEU D 150 14.34 -18.96 -12.29
C LEU D 150 15.54 -18.59 -13.15
N ARG D 151 15.56 -19.10 -14.36
CA ARG D 151 16.49 -18.64 -15.39
C ARG D 151 15.71 -17.82 -16.40
N SER D 152 16.14 -16.58 -16.61
CA SER D 152 15.45 -15.68 -17.51
C SER D 152 15.66 -16.10 -18.96
N GLY D 153 14.95 -15.41 -19.86
CA GLY D 153 15.16 -15.64 -21.28
C GLY D 153 16.55 -15.29 -21.75
N ASP D 154 17.24 -14.42 -21.03
CA ASP D 154 18.62 -14.04 -21.30
C ASP D 154 19.61 -14.88 -20.48
N ASN D 155 19.11 -15.82 -19.68
CA ASN D 155 19.90 -16.74 -18.85
C ASN D 155 20.53 -16.00 -17.66
N LYS D 156 19.80 -15.08 -17.07
CA LYS D 156 20.19 -14.51 -15.79
C LYS D 156 19.29 -15.06 -14.69
N ARG D 157 19.86 -15.17 -13.49
CA ARG D 157 19.22 -15.90 -12.41
C ARG D 157 18.34 -14.97 -11.57
N ILE D 158 17.10 -15.38 -11.36
CA ILE D 158 16.12 -14.62 -10.59
C ILE D 158 15.74 -15.44 -9.37
N ILE D 159 15.72 -14.79 -8.21
CA ILE D 159 15.35 -15.43 -6.95
C ILE D 159 14.08 -14.78 -6.45
N VAL D 160 13.02 -15.58 -6.31
CA VAL D 160 11.71 -15.09 -5.90
C VAL D 160 11.37 -15.71 -4.55
N PRO D 161 11.08 -14.91 -3.52
CA PRO D 161 10.65 -15.48 -2.25
C PRO D 161 9.29 -16.18 -2.38
N ASN D 162 9.11 -17.23 -1.58
CA ASN D 162 7.97 -18.12 -1.75
C ASN D 162 6.68 -17.60 -1.12
N GLY D 163 6.76 -16.67 -0.19
CA GLY D 163 5.56 -16.14 0.44
C GLY D 163 4.70 -15.35 -0.52
N ALA D 164 5.25 -14.26 -1.05
CA ALA D 164 4.53 -13.47 -2.04
C ALA D 164 4.25 -14.27 -3.30
N LEU D 165 5.10 -15.25 -3.61
CA LEU D 165 4.86 -16.09 -4.79
C LEU D 165 3.61 -16.92 -4.61
N SER D 166 3.46 -17.57 -3.44
CA SER D 166 2.29 -18.40 -3.20
C SER D 166 1.05 -17.59 -2.87
N ASN D 167 1.20 -16.31 -2.52
CA ASN D 167 0.05 -15.47 -2.24
C ASN D 167 -0.37 -14.59 -3.41
N GLY D 168 0.18 -14.80 -4.61
CA GLY D 168 -0.20 -14.07 -5.79
C GLY D 168 -0.57 -15.00 -6.94
N THR D 169 -0.87 -14.39 -8.08
CA THR D 169 -1.21 -15.17 -9.25
C THR D 169 0.06 -15.63 -9.97
N VAL D 170 0.00 -16.83 -10.53
CA VAL D 170 1.10 -17.44 -11.27
C VAL D 170 0.56 -17.91 -12.60
N THR D 171 1.20 -17.49 -13.69
CA THR D 171 0.86 -17.94 -15.03
C THR D 171 1.87 -19.00 -15.46
N ASN D 172 1.36 -20.18 -15.80
CA ASN D 172 2.21 -21.30 -16.19
C ASN D 172 2.03 -21.54 -17.68
N TYR D 173 3.09 -21.30 -18.45
CA TYR D 173 3.02 -21.40 -19.91
C TYR D 173 3.17 -22.83 -20.41
N SER D 174 3.60 -23.77 -19.57
CA SER D 174 3.91 -25.11 -20.00
C SER D 174 2.97 -26.17 -19.45
N ALA D 175 1.93 -25.77 -18.70
CA ALA D 175 1.07 -26.76 -18.06
C ALA D 175 0.16 -27.47 -19.05
N GLU D 176 -0.31 -26.76 -20.08
CA GLU D 176 -1.25 -27.38 -21.00
C GLU D 176 -0.53 -28.00 -22.18
N PRO D 177 -1.03 -29.13 -22.69
CA PRO D 177 -0.34 -29.78 -23.82
C PRO D 177 -0.51 -29.06 -25.15
N VAL D 178 -1.52 -28.21 -25.29
CA VAL D 178 -1.85 -27.55 -26.54
C VAL D 178 -2.08 -26.08 -26.25
N ARG D 179 -1.57 -25.21 -27.13
CA ARG D 179 -1.72 -23.78 -26.99
C ARG D 179 -2.32 -23.20 -28.26
N ARG D 180 -2.75 -21.93 -28.18
CA ARG D 180 -3.39 -21.24 -29.29
C ARG D 180 -2.52 -20.07 -29.71
N VAL D 181 -1.85 -20.22 -30.85
CA VAL D 181 -1.13 -19.10 -31.47
C VAL D 181 -2.15 -18.25 -32.19
N ILE D 182 -2.18 -16.95 -31.90
CA ILE D 182 -3.26 -16.26 -32.57
C ILE D 182 -2.73 -15.68 -33.89
N PHE D 183 -2.34 -14.40 -33.90
CA PHE D 183 -1.51 -13.71 -34.89
C PHE D 183 -2.01 -12.27 -34.80
N ASP D 184 -1.43 -11.33 -35.56
CA ASP D 184 -2.09 -10.06 -35.81
C ASP D 184 -1.39 -9.36 -36.96
N VAL D 185 -2.14 -8.92 -37.96
CA VAL D 185 -1.54 -8.21 -39.09
C VAL D 185 -2.49 -7.12 -39.57
N GLY D 186 -1.95 -5.91 -39.77
CA GLY D 186 -2.73 -4.82 -40.32
C GLY D 186 -2.58 -4.74 -41.82
N ILE D 187 -3.71 -4.64 -42.52
CA ILE D 187 -3.74 -4.60 -43.96
C ILE D 187 -4.40 -3.30 -44.41
N ASP D 188 -4.36 -3.06 -45.72
CA ASP D 188 -4.93 -1.86 -46.32
C ASP D 188 -6.41 -1.75 -46.01
N TYR D 189 -6.93 -0.52 -46.09
CA TYR D 189 -8.35 -0.30 -45.85
C TYR D 189 -9.18 -0.67 -47.08
N ASP D 190 -8.61 -0.55 -48.27
CA ASP D 190 -9.36 -0.84 -49.50
C ASP D 190 -9.27 -2.30 -49.92
N ALA D 191 -8.58 -3.14 -49.16
CA ALA D 191 -8.50 -4.56 -49.49
C ALA D 191 -9.83 -5.24 -49.22
N ASP D 192 -10.09 -6.33 -49.95
CA ASP D 192 -11.28 -7.13 -49.72
C ASP D 192 -10.96 -8.18 -48.66
N LEU D 193 -11.74 -8.17 -47.57
CA LEU D 193 -11.36 -8.89 -46.37
C LEU D 193 -11.57 -10.39 -46.49
N LYS D 194 -12.55 -10.83 -47.28
CA LYS D 194 -12.78 -12.26 -47.45
C LYS D 194 -11.57 -12.92 -48.10
N ASN D 195 -11.07 -12.33 -49.18
CA ASN D 195 -9.89 -12.87 -49.85
C ASN D 195 -8.68 -12.83 -48.94
N ALA D 196 -8.56 -11.80 -48.11
CA ALA D 196 -7.41 -11.69 -47.21
C ALA D 196 -7.44 -12.78 -46.14
N GLN D 197 -8.61 -13.05 -45.56
CA GLN D 197 -8.65 -14.11 -44.55
C GLN D 197 -8.57 -15.49 -45.19
N ASN D 198 -8.99 -15.62 -46.45
CA ASN D 198 -8.73 -16.88 -47.16
C ASN D 198 -7.24 -17.09 -47.37
N ILE D 199 -6.50 -16.03 -47.73
CA ILE D 199 -5.06 -16.13 -47.87
C ILE D 199 -4.43 -16.51 -46.54
N LEU D 200 -4.85 -15.87 -45.45
CA LEU D 200 -4.31 -16.20 -44.14
C LEU D 200 -4.63 -17.63 -43.75
N LEU D 201 -5.80 -18.14 -44.16
CA LEU D 201 -6.15 -19.52 -43.84
C LEU D 201 -5.35 -20.52 -44.66
N ALA D 202 -5.01 -20.17 -45.90
CA ALA D 202 -4.13 -21.04 -46.68
C ALA D 202 -2.67 -20.68 -46.43
N MET D 203 -2.36 -20.49 -45.16
CA MET D 203 -1.00 -20.26 -44.68
C MET D 203 -0.74 -21.08 -43.43
N ALA D 204 -1.78 -21.68 -42.85
CA ALA D 204 -1.66 -22.55 -41.69
C ALA D 204 -1.76 -24.02 -42.08
N ASP D 205 -1.34 -24.37 -43.31
CA ASP D 205 -1.32 -25.77 -43.75
C ASP D 205 -0.06 -26.50 -43.31
N ASP D 206 0.72 -25.91 -42.40
CA ASP D 206 1.90 -26.58 -41.89
C ASP D 206 1.49 -27.87 -41.17
N PRO D 207 2.33 -28.91 -41.19
CA PRO D 207 2.01 -30.11 -40.40
C PRO D 207 2.38 -29.94 -38.94
N ARG D 208 2.09 -28.75 -38.40
CA ARG D 208 2.26 -28.45 -37.00
C ARG D 208 1.04 -27.75 -36.42
N VAL D 209 0.12 -27.31 -37.27
CA VAL D 209 -1.13 -26.69 -36.84
C VAL D 209 -2.17 -27.78 -36.69
N LEU D 210 -2.68 -27.95 -35.47
CA LEU D 210 -3.71 -28.95 -35.24
C LEU D 210 -4.99 -28.59 -35.97
N LYS D 211 -5.74 -29.63 -36.36
CA LYS D 211 -7.04 -29.46 -36.96
C LYS D 211 -8.16 -29.68 -35.96
N ASP D 212 -7.84 -29.93 -34.68
CA ASP D 212 -8.86 -30.37 -33.74
C ASP D 212 -9.88 -29.26 -33.47
N PRO D 213 -9.51 -28.11 -32.85
CA PRO D 213 -10.31 -26.90 -33.06
C PRO D 213 -9.86 -26.13 -34.30
N ALA D 214 -10.43 -26.46 -35.46
CA ALA D 214 -10.03 -25.96 -36.77
C ALA D 214 -9.65 -24.48 -36.78
N PRO D 215 -8.68 -24.08 -37.60
CA PRO D 215 -8.19 -22.70 -37.56
C PRO D 215 -9.27 -21.69 -37.94
N VAL D 216 -9.04 -20.45 -37.53
CA VAL D 216 -10.03 -19.38 -37.70
C VAL D 216 -9.30 -18.12 -38.14
N ALA D 217 -9.95 -17.30 -38.95
CA ALA D 217 -9.41 -16.01 -39.38
C ALA D 217 -10.52 -14.98 -39.33
N VAL D 218 -10.33 -13.93 -38.53
CA VAL D 218 -11.38 -12.96 -38.26
C VAL D 218 -10.86 -11.55 -38.46
N VAL D 219 -11.80 -10.62 -38.58
CA VAL D 219 -11.51 -9.19 -38.65
C VAL D 219 -11.70 -8.63 -37.25
N SER D 220 -10.62 -8.41 -36.53
CA SER D 220 -10.68 -7.68 -35.27
C SER D 220 -10.76 -6.19 -35.59
N ASN D 221 -10.51 -5.34 -34.59
CA ASN D 221 -10.85 -3.92 -34.67
C ASN D 221 -10.37 -3.27 -35.96
N LEU D 222 -11.09 -2.24 -36.39
CA LEU D 222 -10.68 -1.38 -37.50
C LEU D 222 -9.81 -0.25 -36.96
N GLY D 223 -8.51 -0.33 -37.22
CA GLY D 223 -7.56 0.61 -36.68
C GLY D 223 -7.61 1.96 -37.38
N GLU D 224 -6.67 2.83 -37.00
CA GLU D 224 -6.65 4.18 -37.52
C GLU D 224 -5.98 4.28 -38.88
N SER D 225 -5.05 3.37 -39.18
CA SER D 225 -4.39 3.34 -40.48
C SER D 225 -4.53 2.02 -41.21
N ALA D 226 -4.87 0.94 -40.52
CA ALA D 226 -4.96 -0.37 -41.14
C ALA D 226 -6.08 -1.17 -40.50
N ILE D 227 -6.64 -2.10 -41.26
CA ILE D 227 -7.63 -3.04 -40.74
C ILE D 227 -6.90 -4.24 -40.19
N THR D 228 -7.21 -4.61 -38.95
CA THR D 228 -6.47 -5.66 -38.26
C THR D 228 -7.14 -7.01 -38.49
N LEU D 229 -6.41 -7.92 -39.10
CA LEU D 229 -6.81 -9.31 -39.25
C LEU D 229 -6.13 -10.16 -38.20
N SER D 230 -6.82 -11.21 -37.76
CA SER D 230 -6.34 -12.09 -36.70
C SER D 230 -6.54 -13.54 -37.13
N LEU D 231 -5.43 -14.24 -37.36
CA LEU D 231 -5.45 -15.69 -37.49
C LEU D 231 -5.49 -16.31 -36.10
N ARG D 232 -5.92 -17.58 -36.02
CA ARG D 232 -6.07 -18.23 -34.73
C ARG D 232 -5.98 -19.74 -34.95
N VAL D 233 -4.89 -20.34 -34.47
CA VAL D 233 -4.62 -21.76 -34.70
C VAL D 233 -4.21 -22.40 -33.38
N TRP D 234 -4.32 -23.72 -33.33
CA TRP D 234 -3.92 -24.51 -32.18
C TRP D 234 -2.70 -25.34 -32.54
N VAL D 235 -1.67 -25.28 -31.69
CA VAL D 235 -0.43 -26.02 -31.87
C VAL D 235 -0.13 -26.76 -30.58
N LYS D 236 0.90 -27.61 -30.64
CA LYS D 236 1.41 -28.21 -29.42
C LYS D 236 2.24 -27.19 -28.64
N ASN D 237 2.32 -27.38 -27.33
CA ASN D 237 2.91 -26.37 -26.47
C ASN D 237 4.38 -26.09 -26.79
N ALA D 238 5.04 -26.98 -27.52
CA ALA D 238 6.46 -26.80 -27.84
C ALA D 238 6.69 -26.17 -29.21
N ASP D 239 5.66 -26.06 -30.04
CA ASP D 239 5.78 -25.47 -31.37
C ASP D 239 5.29 -24.04 -31.42
N TYR D 240 5.00 -23.42 -30.27
CA TYR D 240 4.41 -22.09 -30.24
C TYR D 240 5.25 -21.08 -31.01
N TRP D 241 6.51 -20.90 -30.59
CA TRP D 241 7.32 -19.81 -31.13
C TRP D 241 7.76 -20.08 -32.57
N ASP D 242 8.02 -21.33 -32.92
CA ASP D 242 8.37 -21.64 -34.30
C ASP D 242 7.25 -21.24 -35.25
N VAL D 243 6.01 -21.59 -34.89
CA VAL D 243 4.86 -21.25 -35.72
C VAL D 243 4.67 -19.74 -35.75
N MET D 244 4.86 -19.07 -34.61
CA MET D 244 4.71 -17.62 -34.60
C MET D 244 5.71 -16.93 -35.52
N PHE D 245 6.97 -17.35 -35.50
CA PHE D 245 7.98 -16.74 -36.36
C PHE D 245 7.74 -17.06 -37.83
N MET D 246 7.36 -18.31 -38.13
CA MET D 246 7.02 -18.67 -39.50
C MET D 246 5.89 -17.81 -40.03
N PHE D 247 4.89 -17.54 -39.19
CA PHE D 247 3.83 -16.61 -39.59
C PHE D 247 4.40 -15.21 -39.82
N ASN D 248 5.24 -14.74 -38.90
CA ASN D 248 5.82 -13.40 -39.02
C ASN D 248 6.50 -13.18 -40.37
N GLU D 249 7.07 -14.23 -40.95
CA GLU D 249 7.69 -14.09 -42.28
C GLU D 249 6.70 -14.30 -43.44
N LYS D 250 6.05 -15.46 -43.46
CA LYS D 250 5.18 -15.80 -44.58
C LYS D 250 3.98 -14.87 -44.68
N ALA D 251 3.62 -14.15 -43.62
CA ALA D 251 2.46 -13.28 -43.66
C ALA D 251 2.61 -12.21 -44.73
N ARG D 252 3.64 -11.37 -44.58
CA ARG D 252 3.89 -10.38 -45.62
C ARG D 252 4.17 -11.06 -46.95
N ASP D 253 5.03 -12.09 -46.95
CA ASP D 253 5.42 -12.64 -48.24
C ASP D 253 4.23 -13.19 -49.04
N ALA D 254 3.17 -13.62 -48.35
CA ALA D 254 2.01 -14.21 -49.00
C ALA D 254 0.87 -13.24 -49.23
N LEU D 255 0.67 -12.28 -48.32
CA LEU D 255 -0.34 -11.24 -48.56
C LEU D 255 0.04 -10.38 -49.76
N GLY D 256 1.31 -9.97 -49.85
CA GLY D 256 1.71 -9.10 -50.94
C GLY D 256 1.53 -9.69 -52.32
N LYS D 257 1.32 -11.00 -52.43
CA LYS D 257 1.26 -11.65 -53.74
C LYS D 257 -0.06 -11.33 -54.45
N GLU D 258 -1.16 -11.31 -53.71
CA GLU D 258 -2.48 -11.03 -54.27
C GLU D 258 -2.86 -9.57 -54.20
N GLY D 259 -1.90 -8.67 -54.04
CA GLY D 259 -2.18 -7.25 -54.05
C GLY D 259 -2.71 -6.68 -52.76
N ILE D 260 -2.32 -7.23 -51.62
CA ILE D 260 -2.71 -6.73 -50.31
C ILE D 260 -1.44 -6.28 -49.61
N GLY D 261 -1.34 -4.98 -49.34
CA GLY D 261 -0.17 -4.45 -48.68
C GLY D 261 -0.34 -4.32 -47.18
N ILE D 262 0.77 -4.03 -46.51
CA ILE D 262 0.81 -3.72 -45.09
C ILE D 262 1.17 -2.24 -44.98
N PRO D 263 0.25 -1.37 -44.60
CA PRO D 263 0.45 0.07 -44.81
C PRO D 263 1.20 0.75 -43.66
N PHE D 264 1.73 1.92 -43.98
CA PHE D 264 2.43 2.81 -43.07
C PHE D 264 1.42 3.72 -42.37
N PRO D 265 1.85 4.61 -41.46
CA PRO D 265 0.90 5.54 -40.82
C PRO D 265 0.37 6.62 -41.74
N GLN D 266 -0.74 6.33 -42.43
CA GLN D 266 -1.39 7.25 -43.34
C GLN D 266 -1.74 8.59 -42.67
N ARG D 267 -1.92 9.60 -43.51
CA ARG D 267 -2.32 10.94 -43.08
C ARG D 267 -2.91 11.68 -44.26
N VAL D 268 -3.91 12.52 -43.98
CA VAL D 268 -4.54 13.37 -44.98
C VAL D 268 -4.29 14.81 -44.59
N VAL D 269 -3.67 15.56 -45.49
CA VAL D 269 -3.21 16.92 -45.20
C VAL D 269 -3.83 17.87 -46.20
N LYS D 270 -4.54 18.88 -45.71
CA LYS D 270 -5.11 19.94 -46.53
C LYS D 270 -4.19 21.16 -46.44
N VAL D 271 -3.60 21.53 -47.57
CA VAL D 271 -2.60 22.59 -47.60
C VAL D 271 -3.27 23.91 -47.95
N VAL D 272 -3.15 24.89 -47.06
CA VAL D 272 -3.60 26.26 -47.31
C VAL D 272 -2.36 27.12 -47.46
N GLN D 273 -2.26 27.83 -48.59
CA GLN D 273 -1.07 28.61 -48.89
C GLN D 273 -1.38 30.11 -48.88
N SER E 14 0.60 -12.38 72.53
CA SER E 14 1.96 -12.68 72.06
C SER E 14 2.29 -11.87 70.82
N TRP E 15 1.48 -12.04 69.77
CA TRP E 15 1.58 -11.29 68.51
C TRP E 15 2.98 -11.35 67.90
N LEU E 16 3.79 -12.31 68.31
CA LEU E 16 5.17 -12.45 67.82
C LEU E 16 5.25 -13.09 66.43
N PRO E 17 4.48 -14.15 66.13
CA PRO E 17 4.62 -14.76 64.79
C PRO E 17 4.35 -13.80 63.63
N ILE E 18 3.32 -12.96 63.74
CA ILE E 18 3.01 -12.06 62.63
C ILE E 18 4.08 -11.00 62.49
N VAL E 19 4.66 -10.55 63.60
CA VAL E 19 5.71 -9.52 63.53
C VAL E 19 6.92 -10.05 62.79
N LEU E 20 7.37 -11.27 63.12
CA LEU E 20 8.51 -11.85 62.41
C LEU E 20 8.14 -12.22 60.98
N GLU E 21 6.88 -12.60 60.72
CA GLU E 21 6.46 -12.92 59.37
C GLU E 21 6.49 -11.70 58.47
N TYR E 22 6.19 -10.52 59.03
CA TYR E 22 6.33 -9.30 58.24
C TYR E 22 7.78 -8.83 58.18
N SER E 23 8.54 -9.06 59.24
CA SER E 23 9.93 -8.62 59.26
C SER E 23 10.77 -9.39 58.25
N GLY E 24 10.50 -10.69 58.09
CA GLY E 24 11.22 -11.44 57.07
C GLY E 24 10.94 -10.91 55.67
N LYS E 25 9.67 -10.59 55.38
CA LYS E 25 9.33 -10.02 54.09
C LYS E 25 10.03 -8.69 53.86
N VAL E 26 10.03 -7.83 54.88
CA VAL E 26 10.66 -6.52 54.73
C VAL E 26 12.17 -6.68 54.54
N ALA E 27 12.80 -7.59 55.28
CA ALA E 27 14.24 -7.79 55.14
C ALA E 27 14.58 -8.34 53.76
N LEU E 28 13.80 -9.29 53.26
CA LEU E 28 14.05 -9.82 51.92
C LEU E 28 13.85 -8.75 50.85
N ALA E 29 12.84 -7.90 51.02
CA ALA E 29 12.60 -6.83 50.06
C ALA E 29 13.76 -5.82 50.06
N LEU E 30 14.26 -5.46 51.24
CA LEU E 30 15.37 -4.51 51.29
C LEU E 30 16.65 -5.12 50.75
N LEU E 31 16.91 -6.39 51.04
CA LEU E 31 18.07 -7.08 50.45
C LEU E 31 17.98 -7.09 48.93
N THR E 32 16.82 -7.46 48.39
CA THR E 32 16.63 -7.45 46.94
C THR E 32 16.86 -6.07 46.37
N LEU E 33 16.32 -5.04 47.01
CA LEU E 33 16.49 -3.67 46.53
C LEU E 33 17.96 -3.30 46.45
N ALA E 34 18.70 -3.52 47.54
CA ALA E 34 20.10 -3.14 47.59
C ALA E 34 20.91 -3.89 46.54
N ILE E 35 20.76 -5.23 46.51
CA ILE E 35 21.56 -6.03 45.59
C ILE E 35 21.24 -5.69 44.14
N GLY E 36 19.97 -5.51 43.81
CA GLY E 36 19.58 -5.17 42.46
C GLY E 36 20.06 -3.80 42.04
N TRP E 37 19.98 -2.82 42.94
CA TRP E 37 20.51 -1.50 42.64
C TRP E 37 22.01 -1.57 42.33
N TRP E 38 22.76 -2.30 43.17
CA TRP E 38 24.19 -2.44 42.93
C TRP E 38 24.47 -3.11 41.59
N LEU E 39 23.75 -4.20 41.30
CA LEU E 39 23.98 -4.92 40.06
C LEU E 39 23.68 -4.05 38.84
N ILE E 40 22.59 -3.28 38.91
CA ILE E 40 22.25 -2.40 37.79
C ILE E 40 23.31 -1.34 37.61
N ASN E 41 23.84 -0.78 38.70
CA ASN E 41 24.89 0.22 38.59
C ASN E 41 26.14 -0.35 37.94
N THR E 42 26.58 -1.53 38.38
CA THR E 42 27.77 -2.12 37.77
C THR E 42 27.53 -2.46 36.31
N LEU E 43 26.35 -2.97 35.98
CA LEU E 43 26.07 -3.33 34.60
C LEU E 43 26.07 -2.10 33.69
N THR E 44 25.44 -1.01 34.12
CA THR E 44 25.41 0.17 33.27
C THR E 44 26.79 0.80 33.15
N GLY E 45 27.59 0.76 34.23
CA GLY E 45 28.97 1.23 34.12
C GLY E 45 29.77 0.42 33.13
N ARG E 46 29.63 -0.91 33.17
CA ARG E 46 30.34 -1.78 32.24
C ARG E 46 29.90 -1.50 30.80
N VAL E 47 28.60 -1.34 30.58
CA VAL E 47 28.10 -1.08 29.23
C VAL E 47 28.62 0.26 28.71
N GLY E 48 28.62 1.28 29.57
CA GLY E 48 29.18 2.56 29.17
C GLY E 48 30.66 2.47 28.83
N GLY E 49 31.41 1.69 29.62
CA GLY E 49 32.83 1.53 29.33
C GLY E 49 33.08 0.84 28.00
N LEU E 50 32.37 -0.26 27.75
CA LEU E 50 32.53 -0.95 26.47
C LEU E 50 32.04 -0.12 25.29
N LEU E 51 31.06 0.75 25.50
CA LEU E 51 30.63 1.63 24.42
C LEU E 51 31.64 2.75 24.17
N ALA E 52 32.31 3.23 25.21
CA ALA E 52 33.34 4.24 25.02
C ALA E 52 34.56 3.65 24.33
N ARG E 53 34.91 2.40 24.67
CA ARG E 53 36.07 1.76 24.05
C ARG E 53 35.91 1.53 22.56
N ARG E 54 34.68 1.45 22.05
CA ARG E 54 34.45 1.20 20.63
C ARG E 54 34.34 2.48 19.82
N SER E 55 34.49 3.65 20.46
CA SER E 55 34.52 4.94 19.78
C SER E 55 33.23 5.20 19.00
N VAL E 56 32.12 5.18 19.74
CA VAL E 56 30.84 5.62 19.22
C VAL E 56 30.60 7.04 19.70
N ASP E 57 29.78 7.78 18.96
CA ASP E 57 29.52 9.17 19.30
C ASP E 57 28.85 9.27 20.68
N ARG E 58 29.23 10.33 21.41
CA ARG E 58 28.80 10.45 22.80
C ARG E 58 27.32 10.76 22.93
N THR E 59 26.68 11.23 21.85
CA THR E 59 25.22 11.36 21.87
C THR E 59 24.56 9.99 21.96
N LEU E 60 25.19 8.98 21.39
CA LEU E 60 24.65 7.63 21.36
C LEU E 60 25.03 6.79 22.58
N GLN E 61 25.73 7.38 23.54
CA GLN E 61 26.08 6.70 24.78
C GLN E 61 25.20 7.13 25.95
N GLY E 62 24.84 8.42 26.00
CA GLY E 62 24.00 8.92 27.05
C GLY E 62 22.66 8.23 27.17
N PHE E 63 21.86 8.22 26.11
CA PHE E 63 20.56 7.59 26.16
C PHE E 63 20.60 6.10 25.86
N VAL E 64 21.78 5.49 25.88
CA VAL E 64 21.86 4.04 26.01
C VAL E 64 22.07 3.67 27.47
N GLY E 65 23.06 4.29 28.11
CA GLY E 65 23.26 4.04 29.53
C GLY E 65 22.05 4.44 30.36
N SER E 66 21.52 5.63 30.12
CA SER E 66 20.36 6.09 30.87
C SER E 66 19.15 5.22 30.60
N LEU E 67 18.94 4.82 29.34
CA LEU E 67 17.83 3.95 29.01
C LEU E 67 17.90 2.64 29.79
N VAL E 68 19.04 1.95 29.70
CA VAL E 68 19.19 0.67 30.40
C VAL E 68 18.96 0.85 31.89
N SER E 69 19.58 1.88 32.47
CA SER E 69 19.50 2.07 33.93
C SER E 69 18.06 2.33 34.36
N ILE E 70 17.36 3.24 33.67
CA ILE E 70 16.02 3.61 34.13
C ILE E 70 15.05 2.45 33.93
N VAL E 71 15.19 1.69 32.84
CA VAL E 71 14.28 0.57 32.62
C VAL E 71 14.47 -0.48 33.70
N LEU E 72 15.73 -0.88 33.96
CA LEU E 72 15.97 -1.89 34.98
C LEU E 72 15.58 -1.41 36.36
N LYS E 73 15.76 -0.11 36.64
CA LYS E 73 15.40 0.42 37.95
C LYS E 73 13.90 0.46 38.14
N ILE E 74 13.15 0.81 37.10
CA ILE E 74 11.69 0.77 37.18
C ILE E 74 11.21 -0.65 37.46
N LEU E 75 11.77 -1.63 36.73
CA LEU E 75 11.36 -3.02 36.96
C LEU E 75 11.66 -3.45 38.39
N LEU E 76 12.86 -3.15 38.89
CA LEU E 76 13.23 -3.56 40.24
C LEU E 76 12.36 -2.88 41.31
N VAL E 77 12.07 -1.59 41.12
CA VAL E 77 11.28 -0.87 42.11
C VAL E 77 9.85 -1.41 42.14
N VAL E 78 9.27 -1.69 40.97
CA VAL E 78 7.94 -2.30 40.94
C VAL E 78 7.96 -3.64 41.66
N SER E 79 9.00 -4.44 41.42
CA SER E 79 9.07 -5.76 42.04
C SER E 79 9.14 -5.66 43.56
N VAL E 80 10.00 -4.78 44.08
CA VAL E 80 10.14 -4.72 45.55
C VAL E 80 8.91 -4.09 46.19
N ALA E 81 8.30 -3.09 45.53
CA ALA E 81 7.09 -2.49 46.06
C ALA E 81 5.98 -3.51 46.15
N SER E 82 5.88 -4.40 45.16
CA SER E 82 4.92 -5.49 45.28
C SER E 82 5.36 -6.51 46.31
N MET E 83 6.66 -6.61 46.57
CA MET E 83 7.14 -7.61 47.52
C MET E 83 6.84 -7.23 48.96
N ILE E 84 6.77 -5.93 49.28
CA ILE E 84 6.49 -5.62 50.68
C ILE E 84 5.00 -5.78 50.98
N GLY E 85 4.16 -4.88 50.46
CA GLY E 85 2.73 -5.06 50.63
C GLY E 85 1.81 -4.50 49.56
N ILE E 86 2.36 -3.84 48.55
CA ILE E 86 1.60 -2.94 47.69
C ILE E 86 1.10 -3.69 46.46
N GLN E 87 -0.12 -3.38 46.03
CA GLN E 87 -0.68 -3.92 44.80
C GLN E 87 -0.19 -3.12 43.61
N THR E 88 0.44 -3.79 42.64
CA THR E 88 1.06 -3.11 41.51
C THR E 88 0.58 -3.68 40.18
N THR E 89 -0.67 -4.13 40.11
CA THR E 89 -1.17 -4.68 38.85
C THR E 89 -1.31 -3.59 37.80
N SER E 90 -1.70 -2.37 38.22
CA SER E 90 -1.82 -1.27 37.28
C SER E 90 -0.48 -0.89 36.69
N PHE E 91 0.55 -0.86 37.52
CA PHE E 91 1.88 -0.52 37.03
C PHE E 91 2.46 -1.61 36.15
N VAL E 92 2.13 -2.88 36.42
CA VAL E 92 2.57 -3.94 35.53
C VAL E 92 1.87 -3.84 34.19
N ALA E 93 0.57 -3.48 34.19
CA ALA E 93 -0.14 -3.27 32.94
C ALA E 93 0.46 -2.12 32.15
N ALA E 94 0.81 -1.02 32.83
CA ALA E 94 1.42 0.12 32.16
C ALA E 94 2.79 -0.24 31.59
N ILE E 95 3.57 -1.02 32.34
CA ILE E 95 4.88 -1.45 31.87
C ILE E 95 4.74 -2.33 30.64
N GLY E 96 3.74 -3.22 30.65
CA GLY E 96 3.51 -4.06 29.49
C GLY E 96 3.09 -3.26 28.27
N ALA E 97 2.24 -2.25 28.46
CA ALA E 97 1.85 -1.40 27.34
C ALA E 97 3.05 -0.65 26.78
N ALA E 98 3.89 -0.09 27.65
CA ALA E 98 5.07 0.63 27.18
C ALA E 98 6.04 -0.31 26.47
N GLY E 99 6.21 -1.53 26.98
CA GLY E 99 7.09 -2.48 26.32
C GLY E 99 6.57 -2.89 24.96
N LEU E 100 5.26 -3.09 24.84
CA LEU E 100 4.69 -3.41 23.54
C LEU E 100 4.83 -2.25 22.55
N ALA E 101 4.69 -1.01 23.04
CA ALA E 101 4.91 0.15 22.20
C ALA E 101 6.35 0.19 21.69
N ILE E 102 7.32 -0.01 22.59
CA ILE E 102 8.72 0.02 22.19
C ILE E 102 9.02 -1.12 21.23
N GLY E 103 8.37 -2.27 21.43
CA GLY E 103 8.60 -3.39 20.53
C GLY E 103 8.04 -3.15 19.14
N LEU E 104 6.87 -2.50 19.06
CA LEU E 104 6.30 -2.18 17.75
C LEU E 104 7.07 -1.06 17.06
N ALA E 105 7.71 -0.19 17.83
CA ALA E 105 8.53 0.86 17.24
C ALA E 105 9.90 0.38 16.82
N LEU E 106 10.12 -0.93 16.72
CA LEU E 106 11.42 -1.50 16.38
C LEU E 106 11.35 -2.50 15.24
N GLN E 107 10.17 -2.68 14.63
CA GLN E 107 9.97 -3.80 13.71
C GLN E 107 10.84 -3.66 12.45
N GLY E 108 11.07 -2.44 11.98
CA GLY E 108 11.84 -2.27 10.76
C GLY E 108 13.29 -2.71 10.90
N SER E 109 13.94 -2.27 11.98
CA SER E 109 15.35 -2.63 12.19
C SER E 109 15.51 -4.13 12.45
N LEU E 110 14.61 -4.71 13.26
CA LEU E 110 14.70 -6.14 13.52
C LEU E 110 14.43 -6.94 12.26
N ALA E 111 13.52 -6.48 11.40
CA ALA E 111 13.31 -7.13 10.11
C ALA E 111 14.55 -7.03 9.24
N ASN E 112 15.27 -5.91 9.30
CA ASN E 112 16.51 -5.79 8.56
C ASN E 112 17.55 -6.79 9.05
N PHE E 113 17.65 -6.97 10.37
CA PHE E 113 18.63 -7.92 10.90
C PHE E 113 18.25 -9.36 10.55
N ALA E 114 16.96 -9.68 10.56
CA ALA E 114 16.54 -11.02 10.17
C ALA E 114 16.79 -11.28 8.68
N GLY E 115 16.52 -10.28 7.84
CA GLY E 115 16.84 -10.41 6.43
C GLY E 115 18.32 -10.56 6.17
N GLY E 116 19.15 -9.89 6.98
CA GLY E 116 20.59 -10.06 6.84
C GLY E 116 21.04 -11.46 7.21
N VAL E 117 20.48 -12.01 8.28
CA VAL E 117 20.77 -13.40 8.64
C VAL E 117 20.38 -14.34 7.51
N LEU E 118 19.21 -14.10 6.91
CA LEU E 118 18.76 -14.96 5.81
C LEU E 118 19.66 -14.83 4.59
N ILE E 119 20.13 -13.62 4.28
CA ILE E 119 21.02 -13.44 3.15
C ILE E 119 22.36 -14.12 3.39
N LEU E 120 22.82 -14.14 4.65
CA LEU E 120 24.06 -14.87 4.93
C LEU E 120 23.86 -16.38 4.90
N LEU E 121 22.66 -16.86 5.23
CA LEU E 121 22.44 -18.30 5.27
C LEU E 121 22.30 -18.90 3.87
N PHE E 122 21.25 -18.50 3.15
CA PHE E 122 21.15 -18.81 1.73
C PHE E 122 21.82 -17.68 0.96
N ARG E 123 22.73 -18.03 0.06
CA ARG E 123 23.52 -17.00 -0.60
C ARG E 123 22.98 -16.70 -1.99
N PRO E 124 22.12 -15.67 -2.16
CA PRO E 124 21.61 -15.36 -3.49
C PRO E 124 22.65 -14.66 -4.34
N PHE E 125 23.53 -13.90 -3.69
CA PHE E 125 24.58 -13.18 -4.39
C PHE E 125 25.82 -13.14 -3.50
N LYS E 126 26.95 -12.85 -4.13
CA LYS E 126 28.23 -12.74 -3.46
C LYS E 126 28.87 -11.41 -3.80
N VAL E 127 30.02 -11.13 -3.19
CA VAL E 127 30.73 -9.89 -3.45
C VAL E 127 31.31 -9.95 -4.86
N GLY E 128 31.05 -8.93 -5.65
CA GLY E 128 31.49 -8.87 -7.04
C GLY E 128 30.39 -9.08 -8.04
N ASP E 129 29.23 -9.58 -7.62
CA ASP E 129 28.14 -9.84 -8.54
C ASP E 129 27.38 -8.57 -8.87
N TRP E 130 26.99 -8.44 -10.14
CA TRP E 130 26.06 -7.39 -10.56
C TRP E 130 24.65 -7.87 -10.31
N ILE E 131 23.92 -7.18 -9.43
CA ILE E 131 22.55 -7.55 -9.11
C ILE E 131 21.65 -6.35 -9.33
N GLU E 132 20.35 -6.62 -9.27
CA GLU E 132 19.32 -5.61 -9.48
C GLU E 132 18.12 -5.97 -8.60
N ALA E 133 17.76 -5.07 -7.70
CA ALA E 133 16.69 -5.33 -6.75
C ALA E 133 16.24 -4.01 -6.15
N GLN E 134 14.95 -3.95 -5.80
CA GLN E 134 14.36 -2.80 -5.11
C GLN E 134 14.45 -1.52 -5.91
N GLY E 135 14.50 -1.61 -7.23
CA GLY E 135 14.57 -0.44 -8.08
C GLY E 135 15.96 0.10 -8.34
N VAL E 136 17.01 -0.55 -7.84
CA VAL E 136 18.38 -0.12 -8.07
C VAL E 136 19.16 -1.30 -8.64
N ALA E 137 20.39 -1.03 -9.06
CA ALA E 137 21.24 -2.04 -9.65
C ALA E 137 22.70 -1.66 -9.44
N GLY E 138 23.56 -2.67 -9.42
CA GLY E 138 24.98 -2.40 -9.29
C GLY E 138 25.74 -3.61 -8.79
N THR E 139 27.03 -3.39 -8.59
CA THR E 139 27.96 -4.43 -8.17
C THR E 139 28.01 -4.50 -6.64
N VAL E 140 27.82 -5.70 -6.10
CA VAL E 140 27.86 -5.90 -4.66
C VAL E 140 29.28 -5.65 -4.15
N ASP E 141 29.41 -4.71 -3.23
CA ASP E 141 30.69 -4.30 -2.67
C ASP E 141 30.95 -4.86 -1.29
N SER E 142 29.91 -5.04 -0.48
CA SER E 142 30.03 -5.57 0.86
C SER E 142 28.65 -5.94 1.37
N ILE E 143 28.55 -7.08 2.04
CA ILE E 143 27.31 -7.54 2.64
C ILE E 143 27.48 -7.52 4.14
N LEU E 144 26.63 -6.76 4.82
CA LEU E 144 26.58 -6.72 6.27
C LEU E 144 25.26 -7.33 6.72
N ILE E 145 25.06 -7.38 8.04
CA ILE E 145 23.83 -7.97 8.54
C ILE E 145 22.69 -6.97 8.51
N PHE E 146 22.98 -5.67 8.46
CA PHE E 146 21.92 -4.69 8.43
C PHE E 146 21.60 -4.19 7.02
N HIS E 147 22.62 -3.96 6.20
CA HIS E 147 22.39 -3.49 4.84
C HIS E 147 23.44 -4.07 3.89
N THR E 148 23.18 -3.89 2.60
CA THR E 148 24.08 -4.28 1.53
C THR E 148 24.52 -3.04 0.77
N VAL E 149 25.78 -3.01 0.35
CA VAL E 149 26.35 -1.86 -0.33
C VAL E 149 26.64 -2.23 -1.79
N LEU E 150 26.23 -1.35 -2.70
CA LEU E 150 26.39 -1.55 -4.13
C LEU E 150 27.15 -0.36 -4.71
N ARG E 151 27.92 -0.63 -5.75
CA ARG E 151 28.52 0.42 -6.57
C ARG E 151 27.77 0.46 -7.90
N SER E 152 27.22 1.63 -8.23
CA SER E 152 26.43 1.78 -9.44
C SER E 152 27.33 1.73 -10.68
N GLY E 153 26.69 1.73 -11.84
CA GLY E 153 27.44 1.80 -13.09
C GLY E 153 28.21 3.09 -13.25
N ASP E 154 27.79 4.15 -12.57
CA ASP E 154 28.48 5.43 -12.54
C ASP E 154 29.43 5.55 -11.34
N ASN E 155 29.52 4.49 -10.52
CA ASN E 155 30.40 4.42 -9.35
C ASN E 155 29.91 5.30 -8.21
N LYS E 156 28.59 5.36 -8.03
CA LYS E 156 28.02 5.96 -6.83
C LYS E 156 27.49 4.87 -5.91
N ARG E 157 27.55 5.14 -4.61
CA ARG E 157 27.32 4.11 -3.61
C ARG E 157 25.84 4.05 -3.23
N ILE E 158 25.28 2.85 -3.27
CA ILE E 158 23.88 2.59 -2.94
C ILE E 158 23.83 1.69 -1.72
N ILE E 159 22.98 2.04 -0.75
CA ILE E 159 22.81 1.27 0.47
C ILE E 159 21.39 0.74 0.48
N VAL E 160 21.24 -0.57 0.50
CA VAL E 160 19.94 -1.24 0.45
C VAL E 160 19.74 -1.98 1.77
N PRO E 161 18.67 -1.72 2.50
CA PRO E 161 18.39 -2.49 3.71
C PRO E 161 18.08 -3.94 3.38
N ASN E 162 18.45 -4.83 4.30
CA ASN E 162 18.42 -6.27 4.02
C ASN E 162 17.04 -6.90 4.19
N GLY E 163 16.13 -6.26 4.90
CA GLY E 163 14.80 -6.83 5.08
C GLY E 163 14.01 -6.87 3.80
N ALA E 164 13.76 -5.70 3.21
CA ALA E 164 13.06 -5.63 1.94
C ALA E 164 13.86 -6.32 0.84
N LEU E 165 15.18 -6.33 0.95
CA LEU E 165 16.01 -7.00 -0.05
C LEU E 165 15.76 -8.50 -0.03
N SER E 166 15.75 -9.11 1.16
CA SER E 166 15.53 -10.54 1.26
C SER E 166 14.07 -10.93 1.09
N ASN E 167 13.14 -9.98 1.19
CA ASN E 167 11.73 -10.28 1.00
C ASN E 167 11.22 -9.93 -0.39
N GLY E 168 12.10 -9.59 -1.34
CA GLY E 168 11.72 -9.31 -2.71
C GLY E 168 12.52 -10.15 -3.69
N THR E 169 12.27 -9.90 -4.97
CA THR E 169 12.99 -10.60 -6.01
C THR E 169 14.33 -9.94 -6.28
N VAL E 170 15.33 -10.76 -6.58
CA VAL E 170 16.68 -10.32 -6.87
C VAL E 170 17.11 -10.96 -8.18
N THR E 171 17.56 -10.14 -9.13
CA THR E 171 18.10 -10.62 -10.39
C THR E 171 19.62 -10.57 -10.33
N ASN E 172 20.26 -11.71 -10.54
CA ASN E 172 21.71 -11.84 -10.46
C ASN E 172 22.24 -12.05 -11.88
N TYR E 173 22.97 -11.05 -12.38
CA TYR E 173 23.47 -11.09 -13.75
C TYR E 173 24.74 -11.92 -13.90
N SER E 174 25.42 -12.28 -12.81
CA SER E 174 26.70 -12.94 -12.87
C SER E 174 26.69 -14.37 -12.38
N ALA E 175 25.52 -14.92 -12.02
CA ALA E 175 25.47 -16.25 -11.43
C ALA E 175 25.72 -17.35 -12.46
N GLU E 176 25.26 -17.15 -13.69
CA GLU E 176 25.39 -18.21 -14.68
C GLU E 176 26.66 -18.03 -15.49
N PRO E 177 27.32 -19.12 -15.87
CA PRO E 177 28.58 -19.00 -16.63
C PRO E 177 28.39 -18.57 -18.08
N VAL E 178 27.19 -18.73 -18.64
CA VAL E 178 26.93 -18.45 -20.04
C VAL E 178 25.64 -17.65 -20.12
N ARG E 179 25.63 -16.64 -21.00
CA ARG E 179 24.46 -15.79 -21.19
C ARG E 179 24.08 -15.76 -22.66
N ARG E 180 22.89 -15.23 -22.95
CA ARG E 180 22.36 -15.17 -24.30
C ARG E 180 22.21 -13.71 -24.71
N VAL E 181 23.10 -13.26 -25.59
CA VAL E 181 22.96 -11.95 -26.21
C VAL E 181 21.94 -12.08 -27.32
N ILE E 182 20.91 -11.24 -27.32
CA ILE E 182 19.96 -11.52 -28.37
C ILE E 182 20.29 -10.67 -29.59
N PHE E 183 19.63 -9.53 -29.76
CA PHE E 183 19.98 -8.39 -30.62
C PHE E 183 18.62 -7.79 -30.95
N ASP E 184 18.56 -6.68 -31.71
CA ASP E 184 17.32 -6.30 -32.37
C ASP E 184 17.64 -5.25 -33.42
N VAL E 185 17.18 -5.45 -34.65
CA VAL E 185 17.41 -4.46 -35.70
C VAL E 185 16.19 -4.39 -36.62
N GLY E 186 15.74 -3.17 -36.91
CA GLY E 186 14.65 -2.97 -37.85
C GLY E 186 15.17 -2.73 -39.25
N ILE E 187 14.61 -3.45 -40.22
CA ILE E 187 15.04 -3.37 -41.60
C ILE E 187 13.83 -2.95 -42.45
N ASP E 188 14.12 -2.68 -43.74
CA ASP E 188 13.10 -2.26 -44.68
C ASP E 188 11.99 -3.30 -44.80
N TYR E 189 10.82 -2.83 -45.25
CA TYR E 189 9.70 -3.75 -45.43
C TYR E 189 9.83 -4.53 -46.73
N ASP E 190 10.49 -3.98 -47.74
CA ASP E 190 10.62 -4.65 -49.03
C ASP E 190 11.85 -5.54 -49.12
N ALA E 191 12.63 -5.64 -48.05
CA ALA E 191 13.79 -6.53 -48.06
C ALA E 191 13.35 -7.99 -48.01
N ASP E 192 14.19 -8.86 -48.54
CA ASP E 192 13.95 -10.29 -48.47
C ASP E 192 14.56 -10.84 -47.18
N LEU E 193 13.72 -11.45 -46.35
CA LEU E 193 14.08 -11.73 -44.97
C LEU E 193 15.05 -12.89 -44.83
N LYS E 194 15.00 -13.86 -45.75
CA LYS E 194 15.93 -14.99 -45.68
C LYS E 194 17.36 -14.51 -45.86
N ASN E 195 17.60 -13.68 -46.86
CA ASN E 195 18.94 -13.14 -47.09
C ASN E 195 19.38 -12.27 -45.92
N ALA E 196 18.45 -11.53 -45.32
CA ALA E 196 18.81 -10.67 -44.19
C ALA E 196 19.23 -11.49 -42.97
N GLN E 197 18.49 -12.56 -42.66
CA GLN E 197 18.90 -13.36 -41.51
C GLN E 197 20.13 -14.19 -41.82
N ASN E 198 20.37 -14.52 -43.08
CA ASN E 198 21.65 -15.14 -43.44
C ASN E 198 22.80 -14.19 -43.22
N ILE E 199 22.61 -12.90 -43.58
CA ILE E 199 23.64 -11.89 -43.32
C ILE E 199 23.89 -11.76 -41.82
N LEU E 200 22.81 -11.70 -41.03
CA LEU E 200 22.97 -11.61 -39.58
C LEU E 200 23.66 -12.83 -39.01
N LEU E 201 23.42 -14.01 -39.60
CA LEU E 201 24.08 -15.22 -39.11
C LEU E 201 25.55 -15.25 -39.47
N ALA E 202 25.92 -14.71 -40.64
CA ALA E 202 27.33 -14.60 -40.97
C ALA E 202 27.91 -13.29 -40.44
N MET E 203 27.56 -13.01 -39.19
CA MET E 203 28.10 -11.88 -38.44
C MET E 203 28.44 -12.31 -37.02
N ALA E 204 28.03 -13.51 -36.62
CA ALA E 204 28.36 -14.08 -35.32
C ALA E 204 29.46 -15.12 -35.42
N ASP E 205 30.37 -14.98 -36.40
CA ASP E 205 31.51 -15.88 -36.53
C ASP E 205 32.67 -15.46 -35.64
N ASP E 206 32.46 -14.55 -34.70
CA ASP E 206 33.51 -14.17 -33.78
C ASP E 206 33.94 -15.38 -32.95
N PRO E 207 35.21 -15.46 -32.54
CA PRO E 207 35.61 -16.55 -31.64
C PRO E 207 35.26 -16.24 -30.20
N ARG E 208 34.06 -15.69 -30.00
CA ARG E 208 33.49 -15.44 -28.69
C ARG E 208 32.05 -15.90 -28.60
N VAL E 209 31.43 -16.24 -29.72
CA VAL E 209 30.07 -16.75 -29.76
C VAL E 209 30.14 -18.26 -29.67
N LEU E 210 29.56 -18.83 -28.62
CA LEU E 210 29.54 -20.27 -28.46
C LEU E 210 28.72 -20.93 -29.55
N LYS E 211 29.12 -22.15 -29.90
CA LYS E 211 28.36 -22.98 -30.84
C LYS E 211 27.50 -24.00 -30.14
N ASP E 212 27.47 -24.00 -28.79
CA ASP E 212 26.83 -25.11 -28.08
C ASP E 212 25.33 -25.11 -28.31
N PRO E 213 24.55 -24.10 -27.86
CA PRO E 213 23.24 -23.87 -28.50
C PRO E 213 23.38 -22.95 -29.71
N ALA E 214 23.63 -23.52 -30.89
CA ALA E 214 23.95 -22.82 -32.14
C ALA E 214 23.13 -21.54 -32.34
N PRO E 215 23.72 -20.50 -32.94
CA PRO E 215 23.03 -19.21 -33.06
C PRO E 215 21.77 -19.31 -33.90
N VAL E 216 20.90 -18.33 -33.71
CA VAL E 216 19.58 -18.32 -34.33
C VAL E 216 19.28 -16.91 -34.81
N ALA E 217 18.55 -16.79 -35.91
CA ALA E 217 18.11 -15.50 -36.43
C ALA E 217 16.67 -15.62 -36.87
N VAL E 218 15.78 -14.81 -36.28
CA VAL E 218 14.35 -14.95 -36.49
C VAL E 218 13.74 -13.60 -36.83
N VAL E 219 12.53 -13.66 -37.38
CA VAL E 219 11.72 -12.48 -37.65
C VAL E 219 10.74 -12.33 -36.49
N SER E 220 11.04 -11.41 -35.58
CA SER E 220 10.07 -11.05 -34.55
C SER E 220 9.07 -10.08 -35.17
N ASN E 221 8.31 -9.38 -34.34
CA ASN E 221 7.12 -8.67 -34.78
C ASN E 221 7.36 -7.80 -36.00
N LEU E 222 6.32 -7.60 -36.80
CA LEU E 222 6.33 -6.67 -37.92
C LEU E 222 5.90 -5.30 -37.41
N GLY E 223 6.85 -4.38 -37.31
CA GLY E 223 6.61 -3.07 -36.74
C GLY E 223 5.84 -2.16 -37.69
N GLU E 224 5.68 -0.91 -37.26
CA GLU E 224 4.89 0.05 -38.02
C GLU E 224 5.69 0.70 -39.15
N SER E 225 7.02 0.78 -39.01
CA SER E 225 7.86 1.32 -40.07
C SER E 225 8.94 0.37 -40.53
N ALA E 226 9.28 -0.65 -39.75
CA ALA E 226 10.36 -1.57 -40.09
C ALA E 226 10.01 -2.97 -39.62
N ILE E 227 10.57 -3.97 -40.30
CA ILE E 227 10.45 -5.35 -39.87
C ILE E 227 11.59 -5.66 -38.91
N THR E 228 11.27 -6.21 -37.75
CA THR E 228 12.24 -6.41 -36.69
C THR E 228 12.86 -7.80 -36.81
N LEU E 229 14.16 -7.85 -37.02
CA LEU E 229 14.94 -9.07 -36.99
C LEU E 229 15.64 -9.20 -35.64
N SER E 230 15.80 -10.44 -35.20
CA SER E 230 16.40 -10.74 -33.90
C SER E 230 17.43 -11.84 -34.06
N LEU E 231 18.70 -11.50 -33.86
CA LEU E 231 19.75 -12.48 -33.70
C LEU E 231 19.73 -13.00 -32.27
N ARG E 232 20.33 -14.17 -32.05
CA ARG E 232 20.28 -14.81 -30.74
C ARG E 232 21.47 -15.74 -30.62
N VAL E 233 22.44 -15.38 -29.77
CA VAL E 233 23.68 -16.12 -29.63
C VAL E 233 23.98 -16.32 -28.14
N TRP E 234 24.83 -17.30 -27.87
CA TRP E 234 25.28 -17.61 -26.51
C TRP E 234 26.75 -17.24 -26.37
N VAL E 235 27.07 -16.49 -25.32
CA VAL E 235 28.44 -16.07 -25.02
C VAL E 235 28.74 -16.42 -23.58
N LYS E 236 29.99 -16.24 -23.19
CA LYS E 236 30.35 -16.33 -21.79
C LYS E 236 29.90 -15.08 -21.05
N ASN E 237 29.68 -15.22 -19.75
CA ASN E 237 29.04 -14.15 -18.99
C ASN E 237 29.87 -12.87 -18.97
N ALA E 238 31.15 -12.94 -19.30
CA ALA E 238 32.01 -11.76 -19.29
C ALA E 238 32.15 -11.08 -20.65
N ASP E 239 31.69 -11.73 -21.72
CA ASP E 239 31.77 -11.16 -23.06
C ASP E 239 30.47 -10.55 -23.52
N TYR E 240 29.48 -10.41 -22.64
CA TYR E 240 28.16 -9.95 -23.03
C TYR E 240 28.22 -8.60 -23.74
N TRP E 241 28.73 -7.58 -23.06
CA TRP E 241 28.64 -6.23 -23.58
C TRP E 241 29.57 -6.00 -24.77
N ASP E 242 30.74 -6.63 -24.79
CA ASP E 242 31.62 -6.51 -25.94
C ASP E 242 30.94 -7.01 -27.20
N VAL E 243 30.29 -8.17 -27.11
CA VAL E 243 29.60 -8.74 -28.26
C VAL E 243 28.41 -7.86 -28.64
N MET E 244 27.69 -7.33 -27.65
CA MET E 244 26.56 -6.46 -27.97
C MET E 244 27.00 -5.21 -28.72
N PHE E 245 28.09 -4.57 -28.29
CA PHE E 245 28.56 -3.36 -28.96
C PHE E 245 29.11 -3.68 -30.35
N MET E 246 29.85 -4.78 -30.48
CA MET E 246 30.33 -5.19 -31.79
C MET E 246 29.18 -5.41 -32.76
N PHE E 247 28.09 -6.02 -32.28
CA PHE E 247 26.90 -6.15 -33.11
C PHE E 247 26.33 -4.78 -33.47
N ASN E 248 26.24 -3.89 -32.48
CA ASN E 248 25.69 -2.55 -32.71
C ASN E 248 26.39 -1.83 -33.86
N GLU E 249 27.68 -2.09 -34.05
CA GLU E 249 28.39 -1.46 -35.17
C GLU E 249 28.29 -2.26 -36.48
N LYS E 250 28.72 -3.52 -36.43
CA LYS E 250 28.78 -4.32 -37.64
C LYS E 250 27.39 -4.57 -38.24
N ALA E 251 26.32 -4.42 -37.47
CA ALA E 251 24.99 -4.69 -37.98
C ALA E 251 24.66 -3.79 -39.17
N ARG E 252 24.66 -2.47 -38.93
CA ARG E 252 24.46 -1.56 -40.05
C ARG E 252 25.53 -1.74 -41.10
N ASP E 253 26.80 -1.80 -40.67
CA ASP E 253 27.85 -1.81 -41.68
C ASP E 253 27.75 -3.01 -42.63
N ALA E 254 27.17 -4.12 -42.16
CA ALA E 254 27.08 -5.34 -42.95
C ALA E 254 25.74 -5.50 -43.66
N LEU E 255 24.64 -5.06 -43.05
CA LEU E 255 23.36 -5.09 -43.74
C LEU E 255 23.37 -4.17 -44.95
N GLY E 256 23.90 -2.94 -44.79
CA GLY E 256 23.88 -2.00 -45.90
C GLY E 256 24.63 -2.46 -47.13
N LYS E 257 25.46 -3.49 -47.03
CA LYS E 257 26.30 -3.89 -48.15
C LYS E 257 25.49 -4.61 -49.22
N GLU E 258 24.54 -5.44 -48.81
CA GLU E 258 23.71 -6.20 -49.73
C GLU E 258 22.39 -5.49 -50.06
N GLY E 259 22.31 -4.19 -49.84
CA GLY E 259 21.13 -3.43 -50.20
C GLY E 259 19.97 -3.51 -49.24
N ILE E 260 20.25 -3.66 -47.95
CA ILE E 260 19.22 -3.68 -46.91
C ILE E 260 19.47 -2.49 -46.01
N GLY E 261 18.53 -1.56 -45.99
CA GLY E 261 18.67 -0.38 -45.17
C GLY E 261 17.98 -0.49 -43.83
N ILE E 262 18.27 0.48 -42.97
CA ILE E 262 17.62 0.64 -41.68
C ILE E 262 16.76 1.91 -41.77
N PRO E 263 15.44 1.78 -41.83
CA PRO E 263 14.61 2.92 -42.26
C PRO E 263 14.22 3.87 -41.12
N PHE E 264 13.83 5.06 -41.52
CA PHE E 264 13.34 6.12 -40.66
C PHE E 264 11.84 5.95 -40.44
N PRO E 265 11.19 6.83 -39.64
CA PRO E 265 9.74 6.71 -39.48
C PRO E 265 8.92 7.11 -40.70
N GLN E 266 8.65 6.13 -41.57
CA GLN E 266 7.88 6.33 -42.79
C GLN E 266 6.50 6.93 -42.51
N ARG E 267 5.93 7.53 -43.55
CA ARG E 267 4.61 8.12 -43.51
C ARG E 267 4.08 8.24 -44.93
N VAL E 268 2.78 8.06 -45.09
CA VAL E 268 2.09 8.22 -46.37
C VAL E 268 1.11 9.37 -46.23
N VAL E 269 1.25 10.38 -47.08
CA VAL E 269 0.48 11.61 -46.95
C VAL E 269 -0.26 11.86 -48.25
N LYS E 270 -1.58 11.98 -48.17
CA LYS E 270 -2.43 12.34 -49.30
C LYS E 270 -2.75 13.82 -49.22
N VAL E 271 -2.29 14.58 -50.21
CA VAL E 271 -2.40 16.03 -50.20
C VAL E 271 -3.64 16.44 -50.97
N VAL E 272 -4.55 17.15 -50.29
CA VAL E 272 -5.72 17.75 -50.92
C VAL E 272 -5.51 19.26 -50.91
N GLN E 273 -5.58 19.88 -52.09
CA GLN E 273 -5.30 21.30 -52.23
C GLN E 273 -6.56 22.08 -52.61
N SER F 14 -14.10 -12.02 71.20
CA SER F 14 -12.90 -11.21 71.17
C SER F 14 -12.85 -10.34 69.92
N TRP F 15 -12.92 -10.99 68.76
CA TRP F 15 -12.97 -10.34 67.43
C TRP F 15 -11.86 -9.31 67.23
N LEU F 16 -10.79 -9.39 68.02
CA LEU F 16 -9.69 -8.44 67.94
C LEU F 16 -8.74 -8.74 66.78
N PRO F 17 -8.36 -10.00 66.51
CA PRO F 17 -7.42 -10.24 65.40
C PRO F 17 -7.90 -9.72 64.05
N ILE F 18 -9.17 -9.92 63.71
CA ILE F 18 -9.65 -9.47 62.40
C ILE F 18 -9.68 -7.96 62.34
N VAL F 19 -9.99 -7.29 63.45
CA VAL F 19 -10.05 -5.83 63.44
C VAL F 19 -8.67 -5.24 63.16
N LEU F 20 -7.64 -5.75 63.83
CA LEU F 20 -6.29 -5.27 63.56
C LEU F 20 -5.79 -5.72 62.19
N GLU F 21 -6.23 -6.88 61.70
CA GLU F 21 -5.83 -7.33 60.38
C GLU F 21 -6.38 -6.43 59.30
N TYR F 22 -7.59 -5.89 59.51
CA TYR F 22 -8.12 -4.92 58.56
C TYR F 22 -7.52 -3.53 58.77
N SER F 23 -7.22 -3.18 60.02
CA SER F 23 -6.67 -1.87 60.31
C SER F 23 -5.28 -1.71 59.72
N GLY F 24 -4.47 -2.77 59.76
CA GLY F 24 -3.16 -2.71 59.12
C GLY F 24 -3.26 -2.47 57.63
N LYS F 25 -4.18 -3.16 56.97
CA LYS F 25 -4.39 -2.97 55.54
C LYS F 25 -4.83 -1.54 55.24
N VAL F 26 -5.77 -1.01 56.03
CA VAL F 26 -6.25 0.34 55.78
C VAL F 26 -5.14 1.36 56.03
N ALA F 27 -4.32 1.16 57.07
CA ALA F 27 -3.24 2.10 57.35
C ALA F 27 -2.19 2.06 56.25
N LEU F 28 -1.85 0.87 55.76
CA LEU F 28 -0.89 0.78 54.66
C LEU F 28 -1.43 1.41 53.39
N ALA F 29 -2.72 1.22 53.11
CA ALA F 29 -3.31 1.84 51.94
C ALA F 29 -3.30 3.36 52.03
N LEU F 30 -3.63 3.90 53.20
CA LEU F 30 -3.62 5.36 53.34
C LEU F 30 -2.22 5.93 53.28
N LEU F 31 -1.24 5.24 53.88
CA LEU F 31 0.15 5.65 53.75
C LEU F 31 0.59 5.68 52.30
N THR F 32 0.31 4.60 51.56
CA THR F 32 0.65 4.54 50.15
C THR F 32 -0.01 5.68 49.39
N LEU F 33 -1.28 5.94 49.65
CA LEU F 33 -1.99 7.02 48.96
C LEU F 33 -1.32 8.36 49.19
N ALA F 34 -1.04 8.69 50.46
CA ALA F 34 -0.44 9.98 50.78
C ALA F 34 0.94 10.12 50.16
N ILE F 35 1.80 9.12 50.36
CA ILE F 35 3.17 9.21 49.85
C ILE F 35 3.19 9.28 48.33
N GLY F 36 2.36 8.48 47.65
CA GLY F 36 2.31 8.52 46.21
C GLY F 36 1.79 9.82 45.66
N TRP F 37 0.74 10.37 46.30
CA TRP F 37 0.24 11.67 45.88
C TRP F 37 1.32 12.73 45.99
N TRP F 38 2.04 12.74 47.12
CA TRP F 38 3.11 13.72 47.29
C TRP F 38 4.19 13.55 46.23
N LEU F 39 4.61 12.31 45.99
CA LEU F 39 5.67 12.05 45.02
C LEU F 39 5.25 12.48 43.61
N ILE F 40 4.00 12.20 43.25
CA ILE F 40 3.51 12.61 41.92
C ILE F 40 3.49 14.13 41.81
N ASN F 41 3.07 14.82 42.87
CA ASN F 41 3.05 16.28 42.83
C ASN F 41 4.45 16.85 42.65
N THR F 42 5.43 16.35 43.42
CA THR F 42 6.79 16.86 43.26
C THR F 42 7.35 16.54 41.89
N LEU F 43 7.07 15.34 41.38
CA LEU F 43 7.60 14.97 40.07
C LEU F 43 7.02 15.85 38.97
N THR F 44 5.71 16.11 38.99
CA THR F 44 5.13 16.93 37.95
C THR F 44 5.58 18.38 38.06
N GLY F 45 5.76 18.88 39.30
CA GLY F 45 6.32 20.21 39.45
C GLY F 45 7.73 20.31 38.89
N ARG F 46 8.57 19.31 39.15
CA ARG F 46 9.92 19.30 38.62
C ARG F 46 9.92 19.24 37.10
N VAL F 47 9.06 18.40 36.52
CA VAL F 47 8.99 18.29 35.07
C VAL F 47 8.54 19.61 34.45
N GLY F 48 7.54 20.25 35.05
CA GLY F 48 7.10 21.54 34.56
C GLY F 48 8.21 22.59 34.63
N GLY F 49 8.98 22.58 35.73
CA GLY F 49 10.07 23.53 35.85
C GLY F 49 11.15 23.32 34.80
N LEU F 50 11.56 22.07 34.60
CA LEU F 50 12.57 21.80 33.57
C LEU F 50 12.04 22.05 32.16
N LEU F 51 10.74 21.92 31.93
CA LEU F 51 10.19 22.26 30.63
C LEU F 51 10.11 23.76 30.42
N ALA F 52 9.86 24.52 31.48
CA ALA F 52 9.86 25.97 31.37
C ALA F 52 11.26 26.52 31.15
N ARG F 53 12.26 25.91 31.81
CA ARG F 53 13.64 26.36 31.65
C ARG F 53 14.18 26.17 30.25
N ARG F 54 13.63 25.25 29.46
CA ARG F 54 14.11 24.98 28.11
C ARG F 54 13.41 25.82 27.06
N SER F 55 12.47 26.68 27.46
CA SER F 55 11.78 27.62 26.58
C SER F 55 11.03 26.88 25.46
N VAL F 56 10.12 26.01 25.87
CA VAL F 56 9.17 25.39 24.96
C VAL F 56 7.85 26.15 25.08
N ASP F 57 7.05 26.09 24.01
CA ASP F 57 5.79 26.81 23.99
C ASP F 57 4.87 26.32 25.10
N ARG F 58 4.11 27.26 25.68
CA ARG F 58 3.31 26.96 26.86
C ARG F 58 2.11 26.06 26.53
N THR F 59 1.74 25.97 25.26
CA THR F 59 0.72 24.99 24.88
C THR F 59 1.25 23.57 25.06
N LEU F 60 2.55 23.39 24.89
CA LEU F 60 3.18 22.07 24.99
C LEU F 60 3.62 21.72 26.41
N GLN F 61 3.33 22.58 27.38
CA GLN F 61 3.63 22.30 28.78
C GLN F 61 2.40 21.87 29.57
N GLY F 62 1.25 22.48 29.27
CA GLY F 62 0.02 22.15 29.95
C GLY F 62 -0.36 20.69 29.86
N PHE F 63 -0.51 20.16 28.65
CA PHE F 63 -0.90 18.77 28.49
C PHE F 63 0.28 17.81 28.51
N VAL F 64 1.45 18.27 28.95
CA VAL F 64 2.49 17.34 29.39
C VAL F 64 2.42 17.15 30.90
N GLY F 65 2.39 18.26 31.63
CA GLY F 65 2.23 18.17 33.08
C GLY F 65 0.93 17.50 33.48
N SER F 66 -0.18 17.93 32.88
CA SER F 66 -1.47 17.35 33.19
C SER F 66 -1.53 15.88 32.80
N LEU F 67 -0.97 15.53 31.63
CA LEU F 67 -0.94 14.13 31.21
C LEU F 67 -0.22 13.27 32.23
N VAL F 68 1.01 13.64 32.58
CA VAL F 68 1.79 12.85 33.53
C VAL F 68 1.04 12.72 34.85
N SER F 69 0.52 13.84 35.36
CA SER F 69 -0.13 13.82 36.67
C SER F 69 -1.36 12.92 36.66
N ILE F 70 -2.23 13.06 35.65
CA ILE F 70 -3.47 12.29 35.66
C ILE F 70 -3.20 10.81 35.45
N VAL F 71 -2.22 10.46 34.61
CA VAL F 71 -1.92 9.05 34.40
C VAL F 71 -1.40 8.41 35.68
N LEU F 72 -0.43 9.06 36.33
CA LEU F 72 0.13 8.49 37.55
C LEU F 72 -0.91 8.45 38.66
N LYS F 73 -1.80 9.45 38.71
CA LYS F 73 -2.82 9.47 39.75
C LYS F 73 -3.85 8.37 39.54
N ILE F 74 -4.24 8.12 38.28
CA ILE F 74 -5.15 7.01 38.00
C ILE F 74 -4.53 5.69 38.43
N LEU F 75 -3.25 5.47 38.07
CA LEU F 75 -2.59 4.23 38.46
C LEU F 75 -2.56 4.07 39.98
N LEU F 76 -2.19 5.14 40.70
CA LEU F 76 -2.09 5.04 42.16
C LEU F 76 -3.46 4.81 42.80
N VAL F 77 -4.50 5.48 42.30
CA VAL F 77 -5.83 5.32 42.88
C VAL F 77 -6.35 3.91 42.65
N VAL F 78 -6.14 3.36 41.45
CA VAL F 78 -6.54 1.97 41.20
C VAL F 78 -5.80 1.04 42.16
N SER F 79 -4.49 1.28 42.36
CA SER F 79 -3.71 0.41 43.24
C SER F 79 -4.23 0.44 44.67
N VAL F 80 -4.49 1.63 45.21
CA VAL F 80 -4.91 1.69 46.61
C VAL F 80 -6.34 1.18 46.78
N ALA F 81 -7.22 1.45 45.80
CA ALA F 81 -8.57 0.93 45.87
C ALA F 81 -8.57 -0.58 45.87
N SER F 82 -7.68 -1.20 45.09
CA SER F 82 -7.56 -2.65 45.17
C SER F 82 -6.88 -3.08 46.46
N MET F 83 -6.07 -2.20 47.06
CA MET F 83 -5.37 -2.57 48.28
C MET F 83 -6.29 -2.62 49.49
N ILE F 84 -7.36 -1.82 49.52
CA ILE F 84 -8.21 -1.89 50.71
C ILE F 84 -9.12 -3.11 50.64
N GLY F 85 -10.11 -3.09 49.76
CA GLY F 85 -10.94 -4.27 49.58
C GLY F 85 -11.57 -4.51 48.22
N ILE F 86 -11.37 -3.61 47.27
CA ILE F 86 -12.22 -3.52 46.09
C ILE F 86 -11.59 -4.31 44.95
N GLN F 87 -12.44 -4.97 44.17
CA GLN F 87 -12.02 -5.69 42.97
C GLN F 87 -11.90 -4.71 41.80
N THR F 88 -10.72 -4.65 41.19
CA THR F 88 -10.45 -3.67 40.15
C THR F 88 -9.93 -4.33 38.87
N THR F 89 -10.35 -5.56 38.58
CA THR F 89 -9.87 -6.22 37.37
C THR F 89 -10.41 -5.53 36.12
N SER F 90 -11.64 -5.02 36.17
CA SER F 90 -12.21 -4.31 35.03
C SER F 90 -11.46 -3.03 34.74
N PHE F 91 -11.08 -2.29 35.79
CA PHE F 91 -10.35 -1.06 35.60
C PHE F 91 -8.92 -1.33 35.12
N VAL F 92 -8.31 -2.43 35.56
CA VAL F 92 -6.99 -2.78 35.04
C VAL F 92 -7.08 -3.16 33.57
N ALA F 93 -8.14 -3.86 33.17
CA ALA F 93 -8.34 -4.17 31.76
C ALA F 93 -8.53 -2.91 30.94
N ALA F 94 -9.31 -1.96 31.45
CA ALA F 94 -9.51 -0.70 30.74
C ALA F 94 -8.22 0.10 30.63
N ILE F 95 -7.41 0.12 31.70
CA ILE F 95 -6.13 0.81 31.67
C ILE F 95 -5.21 0.17 30.65
N GLY F 96 -5.21 -1.16 30.59
CA GLY F 96 -4.38 -1.83 29.59
C GLY F 96 -4.81 -1.53 28.18
N ALA F 97 -6.12 -1.48 27.93
CA ALA F 97 -6.62 -1.14 26.61
C ALA F 97 -6.22 0.28 26.23
N ALA F 98 -6.36 1.23 27.16
CA ALA F 98 -5.99 2.61 26.87
C ALA F 98 -4.49 2.74 26.64
N GLY F 99 -3.68 2.02 27.41
CA GLY F 99 -2.25 2.05 27.20
C GLY F 99 -1.83 1.47 25.86
N LEU F 100 -2.48 0.38 25.45
CA LEU F 100 -2.19 -0.18 24.14
C LEU F 100 -2.62 0.76 23.02
N ALA F 101 -3.74 1.46 23.19
CA ALA F 101 -4.15 2.46 22.22
C ALA F 101 -3.12 3.57 22.10
N ILE F 102 -2.67 4.10 23.24
CA ILE F 102 -1.67 5.17 23.22
C ILE F 102 -0.36 4.68 22.61
N GLY F 103 -0.01 3.41 22.86
CA GLY F 103 1.21 2.88 22.30
C GLY F 103 1.13 2.71 20.79
N LEU F 104 -0.03 2.29 20.28
CA LEU F 104 -0.20 2.16 18.84
C LEU F 104 -0.30 3.51 18.16
N ALA F 105 -0.76 4.54 18.88
CA ALA F 105 -0.81 5.88 18.32
C ALA F 105 0.54 6.59 18.37
N LEU F 106 1.64 5.87 18.59
CA LEU F 106 2.96 6.46 18.72
C LEU F 106 3.99 5.79 17.82
N GLN F 107 3.58 4.85 16.98
CA GLN F 107 4.54 4.00 16.28
C GLN F 107 5.40 4.79 15.29
N GLY F 108 4.82 5.82 14.66
CA GLY F 108 5.58 6.57 13.67
C GLY F 108 6.75 7.33 14.27
N SER F 109 6.51 8.04 15.36
CA SER F 109 7.58 8.82 15.99
C SER F 109 8.65 7.92 16.58
N LEU F 110 8.25 6.82 17.23
CA LEU F 110 9.24 5.91 17.79
C LEU F 110 10.05 5.23 16.68
N ALA F 111 9.41 4.94 15.55
CA ALA F 111 10.15 4.41 14.41
C ALA F 111 11.15 5.44 13.88
N ASN F 112 10.77 6.72 13.90
CA ASN F 112 11.71 7.76 13.49
C ASN F 112 12.92 7.82 14.43
N PHE F 113 12.69 7.69 15.74
CA PHE F 113 13.80 7.74 16.68
C PHE F 113 14.71 6.52 16.54
N ALA F 114 14.12 5.35 16.28
CA ALA F 114 14.93 4.15 16.07
C ALA F 114 15.75 4.25 14.79
N GLY F 115 15.14 4.77 13.71
CA GLY F 115 15.89 5.00 12.49
C GLY F 115 17.00 6.01 12.66
N GLY F 116 16.78 7.02 13.50
CA GLY F 116 17.85 7.97 13.78
C GLY F 116 19.01 7.34 14.51
N VAL F 117 18.71 6.49 15.50
CA VAL F 117 19.77 5.75 16.19
C VAL F 117 20.53 4.89 15.20
N LEU F 118 19.83 4.22 14.29
CA LEU F 118 20.51 3.37 13.31
C LEU F 118 21.38 4.20 12.36
N ILE F 119 20.91 5.37 11.95
CA ILE F 119 21.70 6.22 11.07
C ILE F 119 22.95 6.73 11.78
N LEU F 120 22.86 6.98 13.09
CA LEU F 120 24.05 7.40 13.82
C LEU F 120 25.01 6.23 14.04
N LEU F 121 24.50 5.00 14.15
CA LEU F 121 25.36 3.85 14.42
C LEU F 121 26.14 3.43 13.18
N PHE F 122 25.46 2.97 12.15
CA PHE F 122 26.06 2.77 10.84
C PHE F 122 25.93 4.07 10.06
N ARG F 123 27.03 4.55 9.51
CA ARG F 123 27.00 5.86 8.88
C ARG F 123 26.90 5.75 7.37
N PRO F 124 25.69 5.82 6.79
CA PRO F 124 25.57 5.72 5.33
C PRO F 124 26.00 7.02 4.66
N PHE F 125 25.81 8.13 5.34
CA PHE F 125 26.17 9.44 4.81
C PHE F 125 26.63 10.33 5.96
N LYS F 126 27.33 11.39 5.60
CA LYS F 126 27.86 12.37 6.54
C LYS F 126 27.42 13.75 6.11
N VAL F 127 27.74 14.75 6.93
CA VAL F 127 27.39 16.13 6.61
C VAL F 127 28.26 16.59 5.44
N GLY F 128 27.61 17.14 4.42
CA GLY F 128 28.29 17.58 3.21
C GLY F 128 28.08 16.69 2.02
N ASP F 129 27.57 15.48 2.23
CA ASP F 129 27.37 14.54 1.13
C ASP F 129 26.09 14.87 0.36
N TRP F 130 26.16 14.73 -0.96
CA TRP F 130 24.98 14.79 -1.80
C TRP F 130 24.35 13.40 -1.84
N ILE F 131 23.13 13.29 -1.33
CA ILE F 131 22.42 12.01 -1.30
C ILE F 131 21.07 12.16 -1.98
N GLU F 132 20.43 11.02 -2.21
CA GLU F 132 19.13 10.96 -2.87
C GLU F 132 18.36 9.80 -2.28
N ALA F 133 17.20 10.09 -1.70
CA ALA F 133 16.41 9.06 -1.03
C ALA F 133 14.99 9.59 -0.84
N GLN F 134 14.03 8.67 -0.85
CA GLN F 134 12.63 8.96 -0.58
C GLN F 134 12.03 9.95 -1.57
N GLY F 135 12.55 9.99 -2.79
CA GLY F 135 12.04 10.88 -3.81
C GLY F 135 12.60 12.28 -3.81
N VAL F 136 13.57 12.58 -2.93
CA VAL F 136 14.20 13.89 -2.89
C VAL F 136 15.70 13.71 -2.98
N ALA F 137 16.41 14.82 -3.13
CA ALA F 137 17.86 14.80 -3.26
C ALA F 137 18.44 16.11 -2.77
N GLY F 138 19.68 16.07 -2.31
CA GLY F 138 20.34 17.28 -1.88
C GLY F 138 21.52 17.00 -0.98
N THR F 139 22.11 18.09 -0.50
CA THR F 139 23.29 18.04 0.35
C THR F 139 22.89 17.94 1.81
N VAL F 140 23.44 16.97 2.52
CA VAL F 140 23.15 16.77 3.94
C VAL F 140 23.69 17.97 4.73
N ASP F 141 22.81 18.64 5.45
CA ASP F 141 23.14 19.84 6.22
C ASP F 141 23.26 19.57 7.71
N SER F 142 22.49 18.63 8.23
CA SER F 142 22.51 18.28 9.64
C SER F 142 21.73 16.99 9.84
N ILE F 143 22.27 16.11 10.68
CA ILE F 143 21.63 14.84 11.02
C ILE F 143 21.23 14.91 12.48
N LEU F 144 19.94 14.76 12.75
CA LEU F 144 19.41 14.66 14.10
C LEU F 144 18.88 13.25 14.31
N ILE F 145 18.36 13.00 15.51
CA ILE F 145 17.86 11.66 15.79
C ILE F 145 16.43 11.51 15.26
N PHE F 146 15.72 12.61 15.04
CA PHE F 146 14.36 12.49 14.54
C PHE F 146 14.26 12.67 13.03
N HIS F 147 15.00 13.61 12.46
CA HIS F 147 14.96 13.85 11.03
C HIS F 147 16.33 14.28 10.51
N THR F 148 16.46 14.29 9.20
CA THR F 148 17.64 14.74 8.49
C THR F 148 17.28 15.95 7.64
N VAL F 149 18.18 16.91 7.55
CA VAL F 149 17.94 18.15 6.82
C VAL F 149 18.85 18.19 5.60
N LEU F 150 18.26 18.54 4.46
CA LEU F 150 18.96 18.61 3.18
C LEU F 150 18.78 20.00 2.60
N ARG F 151 19.79 20.45 1.86
CA ARG F 151 19.68 21.63 1.02
C ARG F 151 19.61 21.19 -0.43
N SER F 152 18.54 21.59 -1.12
CA SER F 152 18.33 21.18 -2.49
C SER F 152 19.32 21.88 -3.42
N GLY F 153 19.30 21.47 -4.69
CA GLY F 153 20.12 22.15 -5.69
C GLY F 153 19.74 23.60 -5.90
N ASP F 154 18.51 23.96 -5.57
CA ASP F 154 18.02 25.33 -5.62
C ASP F 154 18.14 26.04 -4.28
N ASN F 155 18.69 25.35 -3.27
CA ASN F 155 18.91 25.88 -1.92
C ASN F 155 17.61 26.05 -1.15
N LYS F 156 16.69 25.11 -1.32
CA LYS F 156 15.52 25.03 -0.46
C LYS F 156 15.67 23.85 0.49
N ARG F 157 15.10 23.99 1.68
CA ARG F 157 15.35 23.08 2.78
C ARG F 157 14.35 21.93 2.77
N ILE F 158 14.86 20.70 2.83
CA ILE F 158 14.06 19.49 2.83
C ILE F 158 14.28 18.78 4.16
N ILE F 159 13.19 18.33 4.78
CA ILE F 159 13.24 17.61 6.04
C ILE F 159 12.72 16.21 5.80
N VAL F 160 13.56 15.22 6.05
CA VAL F 160 13.24 13.81 5.80
C VAL F 160 13.21 13.09 7.14
N PRO F 161 12.11 12.44 7.51
CA PRO F 161 12.10 11.64 8.73
C PRO F 161 13.04 10.44 8.63
N ASN F 162 13.61 10.07 9.77
CA ASN F 162 14.70 9.10 9.79
C ASN F 162 14.24 7.65 9.72
N GLY F 163 12.99 7.36 10.03
CA GLY F 163 12.50 6.00 9.98
C GLY F 163 12.44 5.45 8.57
N ALA F 164 11.63 6.10 7.72
CA ALA F 164 11.57 5.70 6.32
C ALA F 164 12.90 5.89 5.62
N LEU F 165 13.71 6.85 6.07
CA LEU F 165 15.02 7.05 5.47
C LEU F 165 15.92 5.85 5.72
N SER F 166 15.97 5.37 6.97
CA SER F 166 16.82 4.24 7.29
C SER F 166 16.22 2.91 6.83
N ASN F 167 14.94 2.87 6.51
CA ASN F 167 14.32 1.64 6.02
C ASN F 167 14.21 1.58 4.50
N GLY F 168 14.83 2.51 3.77
CA GLY F 168 14.83 2.49 2.32
C GLY F 168 16.23 2.57 1.76
N THR F 169 16.32 2.63 0.44
CA THR F 169 17.59 2.74 -0.22
C THR F 169 18.06 4.19 -0.26
N VAL F 170 19.36 4.39 -0.13
CA VAL F 170 19.98 5.70 -0.14
C VAL F 170 21.13 5.65 -1.14
N THR F 171 21.13 6.59 -2.08
CA THR F 171 22.23 6.74 -3.04
C THR F 171 23.12 7.88 -2.60
N ASN F 172 24.40 7.59 -2.41
CA ASN F 172 25.37 8.57 -1.94
C ASN F 172 26.30 8.91 -3.10
N TYR F 173 26.22 10.14 -3.59
CA TYR F 173 27.00 10.57 -4.75
C TYR F 173 28.43 10.95 -4.40
N SER F 174 28.76 11.13 -3.12
CA SER F 174 30.06 11.64 -2.72
C SER F 174 30.90 10.63 -1.96
N ALA F 175 30.44 9.38 -1.82
CA ALA F 175 31.17 8.43 -1.00
C ALA F 175 32.43 7.92 -1.70
N GLU F 176 32.40 7.78 -3.02
CA GLU F 176 33.56 7.23 -3.71
C GLU F 176 34.49 8.32 -4.18
N PRO F 177 35.80 8.09 -4.15
CA PRO F 177 36.73 9.15 -4.57
C PRO F 177 36.78 9.38 -6.07
N VAL F 178 36.32 8.43 -6.88
CA VAL F 178 36.41 8.50 -8.32
C VAL F 178 35.06 8.10 -8.90
N ARG F 179 34.62 8.82 -9.93
CA ARG F 179 33.35 8.54 -10.58
C ARG F 179 33.55 8.36 -12.08
N ARG F 180 32.53 7.87 -12.76
CA ARG F 180 32.58 7.59 -14.18
C ARG F 180 31.59 8.49 -14.91
N VAL F 181 32.09 9.49 -15.60
CA VAL F 181 31.28 10.32 -16.49
C VAL F 181 31.09 9.54 -17.77
N ILE F 182 29.85 9.34 -18.20
CA ILE F 182 29.80 8.51 -19.38
C ILE F 182 29.79 9.41 -20.62
N PHE F 183 28.62 9.70 -21.19
CA PHE F 183 28.30 10.78 -22.14
C PHE F 183 27.13 10.20 -22.92
N ASP F 184 26.56 10.94 -23.87
CA ASP F 184 25.72 10.33 -24.89
C ASP F 184 25.51 11.33 -26.01
N VAL F 185 25.76 10.92 -27.26
CA VAL F 185 25.54 11.82 -28.39
C VAL F 185 25.02 11.03 -29.58
N GLY F 186 23.97 11.53 -30.22
CA GLY F 186 23.44 10.91 -31.43
C GLY F 186 24.04 11.54 -32.66
N ILE F 187 24.51 10.70 -33.58
CA ILE F 187 25.16 11.15 -34.79
C ILE F 187 24.39 10.60 -35.99
N ASP F 188 24.79 11.05 -37.18
CA ASP F 188 24.16 10.65 -38.43
C ASP F 188 24.23 9.13 -38.61
N TYR F 189 23.32 8.61 -39.43
CA TYR F 189 23.32 7.18 -39.71
C TYR F 189 24.38 6.82 -40.74
N ASP F 190 24.71 7.73 -41.64
CA ASP F 190 25.69 7.45 -42.70
C ASP F 190 27.13 7.76 -42.28
N ALA F 191 27.35 8.20 -41.05
CA ALA F 191 28.70 8.46 -40.59
C ALA F 191 29.44 7.16 -40.35
N ASP F 192 30.76 7.21 -40.47
CA ASP F 192 31.61 6.06 -40.18
C ASP F 192 31.96 6.07 -38.69
N LEU F 193 31.61 4.98 -38.00
CA LEU F 193 31.58 4.99 -36.55
C LEU F 193 32.97 4.91 -35.94
N LYS F 194 33.92 4.26 -36.62
CA LYS F 194 35.28 4.19 -36.09
C LYS F 194 35.91 5.58 -35.98
N ASN F 195 35.78 6.37 -37.04
CA ASN F 195 36.31 7.74 -37.02
C ASN F 195 35.60 8.58 -35.97
N ALA F 196 34.30 8.36 -35.79
CA ALA F 196 33.55 9.14 -34.81
C ALA F 196 34.00 8.83 -33.38
N GLN F 197 34.20 7.54 -33.06
CA GLN F 197 34.65 7.24 -31.71
C GLN F 197 36.12 7.60 -31.52
N ASN F 198 36.91 7.62 -32.59
CA ASN F 198 38.26 8.17 -32.47
C ASN F 198 38.23 9.65 -32.15
N ILE F 199 37.33 10.40 -32.80
CA ILE F 199 37.17 11.82 -32.50
C ILE F 199 36.74 12.01 -31.05
N LEU F 200 35.77 11.22 -30.59
CA LEU F 200 35.34 11.31 -29.20
C LEU F 200 36.46 10.96 -28.23
N LEU F 201 37.33 10.02 -28.62
CA LEU F 201 38.44 9.66 -27.74
C LEU F 201 39.51 10.74 -27.70
N ALA F 202 39.73 11.45 -28.81
CA ALA F 202 40.64 12.59 -28.78
C ALA F 202 39.91 13.86 -28.39
N MET F 203 39.09 13.73 -27.36
CA MET F 203 38.38 14.84 -26.74
C MET F 203 38.44 14.71 -25.22
N ALA F 204 38.91 13.58 -24.71
CA ALA F 204 39.11 13.36 -23.29
C ALA F 204 40.57 13.48 -22.89
N ASP F 205 41.35 14.29 -23.61
CA ASP F 205 42.74 14.53 -23.26
C ASP F 205 42.90 15.62 -22.20
N ASP F 206 41.81 16.03 -21.55
CA ASP F 206 41.91 17.01 -20.49
C ASP F 206 42.76 16.46 -19.35
N PRO F 207 43.49 17.31 -18.62
CA PRO F 207 44.22 16.82 -17.45
C PRO F 207 43.32 16.69 -16.24
N ARG F 208 42.11 16.16 -16.47
CA ARG F 208 41.16 15.85 -15.43
C ARG F 208 40.56 14.47 -15.61
N VAL F 209 40.77 13.85 -16.77
CA VAL F 209 40.29 12.50 -17.05
C VAL F 209 41.39 11.53 -16.64
N LEU F 210 41.07 10.66 -15.69
CA LEU F 210 42.05 9.68 -15.25
C LEU F 210 42.35 8.68 -16.36
N LYS F 211 43.56 8.16 -16.35
CA LYS F 211 43.98 7.11 -17.26
C LYS F 211 43.95 5.73 -16.62
N ASP F 212 43.50 5.65 -15.35
CA ASP F 212 43.66 4.39 -14.62
C ASP F 212 42.79 3.29 -15.22
N PRO F 213 41.44 3.37 -15.21
CA PRO F 213 40.67 2.61 -16.19
C PRO F 213 40.48 3.40 -17.48
N ALA F 214 41.42 3.27 -18.42
CA ALA F 214 41.52 4.04 -19.65
C ALA F 214 40.18 4.31 -20.32
N PRO F 215 40.00 5.49 -20.94
CA PRO F 215 38.69 5.85 -21.48
C PRO F 215 38.24 4.90 -22.59
N VAL F 216 36.93 4.91 -22.82
CA VAL F 216 36.30 3.98 -23.76
C VAL F 216 35.26 4.74 -24.57
N ALA F 217 35.08 4.34 -25.82
CA ALA F 217 34.05 4.93 -26.68
C ALA F 217 33.37 3.80 -27.45
N VAL F 218 32.05 3.67 -27.28
CA VAL F 218 31.32 2.53 -27.82
C VAL F 218 30.09 3.01 -28.57
N VAL F 219 29.55 2.11 -29.38
CA VAL F 219 28.29 2.33 -30.08
C VAL F 219 27.20 1.65 -29.27
N SER F 220 26.44 2.43 -28.51
CA SER F 220 25.25 1.92 -27.85
C SER F 220 24.13 1.86 -28.90
N ASN F 221 22.88 1.73 -28.44
CA ASN F 221 21.77 1.35 -29.31
C ASN F 221 21.71 2.20 -30.58
N LEU F 222 21.17 1.60 -31.64
CA LEU F 222 20.87 2.30 -32.88
C LEU F 222 19.47 2.89 -32.79
N GLY F 223 19.38 4.20 -32.63
CA GLY F 223 18.11 4.87 -32.42
C GLY F 223 17.29 4.97 -33.70
N GLU F 224 16.16 5.68 -33.58
CA GLU F 224 15.23 5.79 -34.70
C GLU F 224 15.65 6.87 -35.69
N SER F 225 16.37 7.90 -35.24
CA SER F 225 16.85 8.94 -36.12
C SER F 225 18.36 9.12 -36.10
N ALA F 226 19.04 8.64 -35.06
CA ALA F 226 20.48 8.84 -34.93
C ALA F 226 21.09 7.61 -34.29
N ILE F 227 22.37 7.39 -34.59
CA ILE F 227 23.15 6.33 -33.94
C ILE F 227 23.77 6.91 -32.68
N THR F 228 23.58 6.23 -31.55
CA THR F 228 24.00 6.76 -30.26
C THR F 228 25.41 6.27 -29.94
N LEU F 229 26.33 7.21 -29.79
CA LEU F 229 27.68 6.97 -29.32
C LEU F 229 27.77 7.31 -27.84
N SER F 230 28.61 6.58 -27.13
CA SER F 230 28.78 6.74 -25.68
C SER F 230 30.27 6.77 -25.35
N LEU F 231 30.75 7.92 -24.90
CA LEU F 231 32.05 8.02 -24.28
C LEU F 231 31.96 7.57 -22.83
N ARG F 232 33.09 7.21 -22.23
CA ARG F 232 33.09 6.68 -20.88
C ARG F 232 34.47 6.91 -20.27
N VAL F 233 34.53 7.82 -19.29
CA VAL F 233 35.80 8.22 -18.69
C VAL F 233 35.65 8.22 -17.17
N TRP F 234 36.79 8.16 -16.50
CA TRP F 234 36.85 8.22 -15.04
C TRP F 234 37.46 9.54 -14.61
N VAL F 235 36.80 10.22 -13.68
CA VAL F 235 37.26 11.49 -13.13
C VAL F 235 37.24 11.39 -11.62
N LYS F 236 37.78 12.43 -10.97
CA LYS F 236 37.61 12.54 -9.53
C LYS F 236 36.20 13.02 -9.20
N ASN F 237 35.74 12.67 -8.00
CA ASN F 237 34.35 12.89 -7.65
C ASN F 237 33.94 14.36 -7.69
N ALA F 238 34.90 15.28 -7.66
CA ALA F 238 34.60 16.71 -7.66
C ALA F 238 34.64 17.34 -9.05
N ASP F 239 35.16 16.64 -10.04
CA ASP F 239 35.24 17.16 -11.40
C ASP F 239 34.13 16.63 -12.30
N TYR F 240 33.13 15.96 -11.74
CA TYR F 240 32.11 15.30 -12.54
C TYR F 240 31.41 16.30 -13.47
N TRP F 241 30.79 17.34 -12.90
CA TRP F 241 29.93 18.21 -13.69
C TRP F 241 30.73 19.11 -14.62
N ASP F 242 31.92 19.55 -14.21
CA ASP F 242 32.76 20.34 -15.10
C ASP F 242 33.10 19.58 -16.36
N VAL F 243 33.49 18.31 -16.21
CA VAL F 243 33.83 17.48 -17.36
C VAL F 243 32.58 17.23 -18.21
N MET F 244 31.43 16.99 -17.56
CA MET F 244 30.21 16.77 -18.32
C MET F 244 29.84 17.98 -19.17
N PHE F 245 29.93 19.19 -18.62
CA PHE F 245 29.58 20.38 -19.38
C PHE F 245 30.59 20.66 -20.48
N MET F 246 31.88 20.46 -20.20
CA MET F 246 32.90 20.62 -21.22
C MET F 246 32.64 19.68 -22.39
N PHE F 247 32.24 18.43 -22.10
CA PHE F 247 31.85 17.51 -23.16
C PHE F 247 30.64 18.05 -23.92
N ASN F 248 29.63 18.52 -23.18
CA ASN F 248 28.40 19.03 -23.82
C ASN F 248 28.70 20.10 -24.87
N GLU F 249 29.75 20.89 -24.66
CA GLU F 249 30.12 21.90 -25.67
C GLU F 249 31.04 21.35 -26.77
N LYS F 250 32.19 20.81 -26.36
CA LYS F 250 33.18 20.38 -27.33
C LYS F 250 32.68 19.24 -28.20
N ALA F 251 31.65 18.51 -27.78
CA ALA F 251 31.18 17.37 -28.55
C ALA F 251 30.71 17.80 -29.94
N ARG F 252 29.71 18.68 -29.98
CA ARG F 252 29.29 19.21 -31.27
C ARG F 252 30.42 19.94 -31.95
N ASP F 253 31.14 20.81 -31.20
CA ASP F 253 32.12 21.63 -31.89
C ASP F 253 33.20 20.80 -32.57
N ALA F 254 33.49 19.60 -32.06
CA ALA F 254 34.54 18.75 -32.59
C ALA F 254 34.05 17.70 -33.56
N LEU F 255 32.85 17.16 -33.36
CA LEU F 255 32.29 16.23 -34.34
C LEU F 255 32.02 16.93 -35.66
N GLY F 256 31.45 18.14 -35.62
CA GLY F 256 31.12 18.82 -36.86
C GLY F 256 32.30 19.14 -37.74
N LYS F 257 33.52 19.04 -37.22
CA LYS F 257 34.69 19.46 -37.99
C LYS F 257 35.04 18.43 -39.07
N GLU F 258 34.90 17.14 -38.75
CA GLU F 258 35.22 16.08 -39.68
C GLU F 258 34.00 15.61 -40.47
N GLY F 259 32.95 16.41 -40.54
CA GLY F 259 31.79 16.08 -41.35
C GLY F 259 30.82 15.11 -40.72
N ILE F 260 30.67 15.15 -39.40
CA ILE F 260 29.72 14.32 -38.68
C ILE F 260 28.73 15.25 -38.00
N GLY F 261 27.47 15.19 -38.41
CA GLY F 261 26.47 16.04 -37.84
C GLY F 261 25.69 15.38 -36.72
N ILE F 262 24.91 16.20 -36.02
CA ILE F 262 23.96 15.75 -35.01
C ILE F 262 22.56 15.98 -35.56
N PRO F 263 21.83 14.93 -35.94
CA PRO F 263 20.65 15.11 -36.79
C PRO F 263 19.37 15.40 -36.00
N PHE F 264 18.39 15.95 -36.72
CA PHE F 264 17.06 16.25 -36.24
C PHE F 264 16.18 15.02 -36.38
N PRO F 265 14.89 15.08 -35.98
CA PRO F 265 14.00 13.93 -36.17
C PRO F 265 13.61 13.67 -37.61
N GLN F 266 14.41 12.85 -38.31
CA GLN F 266 14.18 12.50 -39.69
C GLN F 266 12.80 11.87 -39.91
N ARG F 267 12.35 11.92 -41.16
CA ARG F 267 11.08 11.33 -41.59
C ARG F 267 11.12 11.12 -43.08
N VAL F 268 10.49 10.03 -43.54
CA VAL F 268 10.36 9.72 -44.95
C VAL F 268 8.88 9.75 -45.30
N VAL F 269 8.51 10.59 -46.27
CA VAL F 269 7.12 10.85 -46.59
C VAL F 269 6.90 10.54 -48.06
N LYS F 270 5.95 9.65 -48.35
CA LYS F 270 5.55 9.33 -49.70
C LYS F 270 4.27 10.10 -50.01
N VAL F 271 4.33 11.00 -50.99
CA VAL F 271 3.23 11.89 -51.29
C VAL F 271 2.40 11.30 -52.42
N VAL F 272 1.12 11.07 -52.16
CA VAL F 272 0.15 10.66 -53.17
C VAL F 272 -0.79 11.83 -53.42
N GLN F 273 -0.89 12.25 -54.67
CA GLN F 273 -1.69 13.43 -55.02
C GLN F 273 -2.90 13.06 -55.85
N SER G 14 -23.15 -22.52 66.11
CA SER G 14 -22.96 -21.09 66.22
C SER G 14 -23.15 -20.40 64.88
N TRP G 15 -22.36 -20.82 63.89
CA TRP G 15 -22.43 -20.34 62.50
C TRP G 15 -22.40 -18.82 62.38
N LEU G 16 -21.93 -18.13 63.42
CA LEU G 16 -21.88 -16.68 63.43
C LEU G 16 -20.70 -16.10 62.64
N PRO G 17 -19.49 -16.66 62.74
CA PRO G 17 -18.37 -16.07 61.98
C PRO G 17 -18.60 -15.99 60.47
N ILE G 18 -19.15 -17.05 59.87
CA ILE G 18 -19.35 -17.03 58.42
C ILE G 18 -20.43 -16.02 58.04
N VAL G 19 -21.45 -15.87 58.88
CA VAL G 19 -22.52 -14.92 58.57
C VAL G 19 -21.98 -13.50 58.54
N LEU G 20 -21.18 -13.12 59.54
CA LEU G 20 -20.59 -11.78 59.54
C LEU G 20 -19.52 -11.65 58.45
N GLU G 21 -18.83 -12.73 58.11
CA GLU G 21 -17.82 -12.66 57.06
C GLU G 21 -18.47 -12.40 55.71
N TYR G 22 -19.67 -12.93 55.49
CA TYR G 22 -20.38 -12.61 54.26
C TYR G 22 -21.06 -11.25 54.34
N SER G 23 -21.53 -10.87 55.53
CA SER G 23 -22.20 -9.58 55.68
C SER G 23 -21.25 -8.42 55.45
N GLY G 24 -20.01 -8.54 55.90
CA GLY G 24 -19.03 -7.49 55.63
C GLY G 24 -18.78 -7.33 54.14
N LYS G 25 -18.67 -8.44 53.42
CA LYS G 25 -18.48 -8.39 51.98
C LYS G 25 -19.66 -7.72 51.29
N VAL G 26 -20.88 -8.11 51.69
CA VAL G 26 -22.06 -7.52 51.07
C VAL G 26 -22.17 -6.04 51.38
N ALA G 27 -21.85 -5.63 52.61
CA ALA G 27 -21.92 -4.22 52.96
C ALA G 27 -20.89 -3.41 52.20
N LEU G 28 -19.67 -3.94 52.07
CA LEU G 28 -18.65 -3.23 51.29
C LEU G 28 -19.03 -3.12 49.83
N ALA G 29 -19.62 -4.19 49.27
CA ALA G 29 -20.04 -4.14 47.88
C ALA G 29 -21.15 -3.11 47.66
N LEU G 30 -22.12 -3.04 48.58
CA LEU G 30 -23.20 -2.07 48.43
C LEU G 30 -22.70 -0.64 48.62
N LEU G 31 -21.79 -0.43 49.57
CA LEU G 31 -21.17 0.88 49.72
C LEU G 31 -20.44 1.30 48.46
N THR G 32 -19.62 0.41 47.90
CA THR G 32 -18.92 0.70 46.66
C THR G 32 -19.89 1.03 45.55
N LEU G 33 -20.96 0.25 45.42
CA LEU G 33 -21.94 0.50 44.37
C LEU G 33 -22.54 1.89 44.49
N ALA G 34 -23.02 2.23 45.69
CA ALA G 34 -23.66 3.53 45.89
C ALA G 34 -22.69 4.68 45.63
N ILE G 35 -21.51 4.62 46.24
CA ILE G 35 -20.55 5.72 46.09
C ILE G 35 -20.11 5.88 44.64
N GLY G 36 -19.83 4.76 43.96
CA GLY G 36 -19.42 4.83 42.57
C GLY G 36 -20.51 5.36 41.66
N TRP G 37 -21.75 4.92 41.88
CA TRP G 37 -22.86 5.45 41.10
C TRP G 37 -22.97 6.96 41.27
N TRP G 38 -22.89 7.43 42.51
CA TRP G 38 -22.97 8.87 42.75
C TRP G 38 -21.83 9.61 42.06
N LEU G 39 -20.61 9.09 42.19
CA LEU G 39 -19.46 9.76 41.60
C LEU G 39 -19.58 9.82 40.08
N ILE G 40 -20.04 8.73 39.47
CA ILE G 40 -20.20 8.72 38.01
C ILE G 40 -21.26 9.73 37.59
N ASN G 41 -22.35 9.83 38.34
CA ASN G 41 -23.39 10.80 38.01
C ASN G 41 -22.86 12.23 38.08
N THR G 42 -22.15 12.57 39.17
CA THR G 42 -21.61 13.92 39.26
C THR G 42 -20.58 14.20 38.18
N LEU G 43 -19.74 13.22 37.86
CA LEU G 43 -18.73 13.42 36.83
C LEU G 43 -19.36 13.65 35.46
N THR G 44 -20.37 12.87 35.10
CA THR G 44 -20.98 13.05 33.80
C THR G 44 -21.77 14.36 33.73
N GLY G 45 -22.41 14.75 34.84
CA GLY G 45 -23.04 16.06 34.87
C GLY G 45 -22.06 17.19 34.67
N ARG G 46 -20.91 17.12 35.34
CA ARG G 46 -19.88 18.14 35.19
C ARG G 46 -19.35 18.19 33.76
N VAL G 47 -19.11 17.01 33.17
CA VAL G 47 -18.61 16.98 31.79
C VAL G 47 -19.62 17.56 30.82
N GLY G 48 -20.90 17.22 31.01
CA GLY G 48 -21.93 17.81 30.17
C GLY G 48 -22.01 19.33 30.32
N GLY G 49 -21.88 19.81 31.55
CA GLY G 49 -21.90 21.25 31.76
C GLY G 49 -20.74 21.97 31.08
N LEU G 50 -19.53 21.44 31.25
CA LEU G 50 -18.37 22.06 30.59
C LEU G 50 -18.43 21.93 29.08
N LEU G 51 -19.08 20.89 28.55
CA LEU G 51 -19.25 20.78 27.11
C LEU G 51 -20.30 21.75 26.59
N ALA G 52 -21.34 22.02 27.37
CA ALA G 52 -22.34 23.00 26.97
C ALA G 52 -21.77 24.42 27.02
N ARG G 53 -20.93 24.70 28.02
CA ARG G 53 -20.33 26.03 28.14
C ARG G 53 -19.41 26.38 26.98
N ARG G 54 -18.84 25.40 26.29
CA ARG G 54 -17.92 25.65 25.19
C ARG G 54 -18.63 25.75 23.85
N SER G 55 -19.95 25.62 23.81
CA SER G 55 -20.76 25.79 22.61
C SER G 55 -20.35 24.82 21.51
N VAL G 56 -20.43 23.53 21.84
CA VAL G 56 -20.30 22.48 20.86
C VAL G 56 -21.69 22.00 20.48
N ASP G 57 -21.82 21.44 19.27
CA ASP G 57 -23.11 20.99 18.78
C ASP G 57 -23.70 19.92 19.70
N ARG G 58 -25.02 19.97 19.86
CA ARG G 58 -25.68 19.10 20.83
C ARG G 58 -25.69 17.65 20.40
N THR G 59 -25.46 17.37 19.11
CA THR G 59 -25.27 15.99 18.69
C THR G 59 -24.00 15.40 19.28
N LEU G 60 -22.99 16.25 19.50
CA LEU G 60 -21.71 15.82 20.01
C LEU G 60 -21.63 15.83 21.54
N GLN G 61 -22.73 16.14 22.21
CA GLN G 61 -22.80 16.09 23.67
C GLN G 61 -23.52 14.86 24.19
N GLY G 62 -24.57 14.43 23.48
CA GLY G 62 -25.32 13.26 23.88
C GLY G 62 -24.49 12.01 23.99
N PHE G 63 -23.83 11.61 22.91
CA PHE G 63 -23.04 10.38 22.93
C PHE G 63 -21.62 10.61 23.46
N VAL G 64 -21.35 11.75 24.08
CA VAL G 64 -20.19 11.86 24.94
C VAL G 64 -20.59 11.60 26.39
N GLY G 65 -21.63 12.30 26.86
CA GLY G 65 -22.12 12.03 28.20
C GLY G 65 -22.59 10.60 28.37
N SER G 66 -23.40 10.11 27.44
CA SER G 66 -23.90 8.75 27.53
C SER G 66 -22.76 7.73 27.43
N LEU G 67 -21.79 7.98 26.54
CA LEU G 67 -20.65 7.08 26.43
C LEU G 67 -19.90 6.97 27.75
N VAL G 68 -19.50 8.10 28.32
CA VAL G 68 -18.77 8.09 29.58
C VAL G 68 -19.57 7.37 30.66
N SER G 69 -20.85 7.72 30.78
CA SER G 69 -21.67 7.15 31.86
C SER G 69 -21.79 5.64 31.72
N ILE G 70 -22.10 5.16 30.51
CA ILE G 70 -22.35 3.72 30.36
C ILE G 70 -21.05 2.93 30.53
N VAL G 71 -19.92 3.47 30.05
CA VAL G 71 -18.66 2.74 30.21
C VAL G 71 -18.31 2.62 31.68
N LEU G 72 -18.36 3.74 32.42
CA LEU G 72 -18.00 3.70 33.83
C LEU G 72 -18.98 2.84 34.62
N LYS G 73 -20.26 2.85 34.24
CA LYS G 73 -21.25 2.06 34.96
C LYS G 73 -21.05 0.57 34.71
N ILE G 74 -20.71 0.19 33.48
CA ILE G 74 -20.40 -1.21 33.20
C ILE G 74 -19.21 -1.66 34.03
N LEU G 75 -18.15 -0.85 34.06
CA LEU G 75 -16.97 -1.23 34.85
C LEU G 75 -17.33 -1.40 36.32
N LEU G 76 -18.08 -0.45 36.89
CA LEU G 76 -18.42 -0.53 38.31
C LEU G 76 -19.32 -1.73 38.61
N VAL G 77 -20.28 -2.01 37.73
CA VAL G 77 -21.19 -3.13 37.97
C VAL G 77 -20.44 -4.44 37.91
N VAL G 78 -19.54 -4.60 36.94
CA VAL G 78 -18.72 -5.81 36.88
C VAL G 78 -17.90 -5.95 38.16
N SER G 79 -17.32 -4.84 38.64
CA SER G 79 -16.49 -4.91 39.84
C SER G 79 -17.29 -5.34 41.06
N VAL G 80 -18.47 -4.76 41.26
CA VAL G 80 -19.24 -5.11 42.47
C VAL G 80 -19.82 -6.52 42.36
N ALA G 81 -20.25 -6.93 41.16
CA ALA G 81 -20.75 -8.28 40.98
C ALA G 81 -19.67 -9.30 41.28
N SER G 82 -18.43 -9.02 40.89
CA SER G 82 -17.34 -9.90 41.30
C SER G 82 -17.05 -9.77 42.77
N MET G 83 -17.35 -8.62 43.38
CA MET G 83 -17.04 -8.42 44.78
C MET G 83 -17.96 -9.20 45.70
N ILE G 84 -19.21 -9.45 45.29
CA ILE G 84 -20.07 -10.18 46.21
C ILE G 84 -19.76 -11.68 46.15
N GLY G 85 -20.12 -12.35 45.06
CA GLY G 85 -19.74 -13.74 44.92
C GLY G 85 -19.53 -14.29 43.52
N ILE G 86 -19.74 -13.47 42.50
CA ILE G 86 -19.95 -13.98 41.14
C ILE G 86 -18.63 -13.99 40.38
N GLN G 87 -18.45 -15.01 39.55
CA GLN G 87 -17.27 -15.11 38.68
C GLN G 87 -17.52 -14.30 37.41
N THR G 88 -16.63 -13.36 37.12
CA THR G 88 -16.82 -12.45 36.01
C THR G 88 -15.61 -12.42 35.08
N THR G 89 -14.93 -13.55 34.93
CA THR G 89 -13.76 -13.58 34.04
C THR G 89 -14.18 -13.43 32.59
N SER G 90 -15.33 -14.00 32.21
CA SER G 90 -15.83 -13.88 30.85
C SER G 90 -16.18 -12.44 30.51
N PHE G 91 -16.80 -11.73 31.45
CA PHE G 91 -17.15 -10.35 31.21
C PHE G 91 -15.92 -9.45 31.18
N VAL G 92 -14.89 -9.77 31.97
CA VAL G 92 -13.65 -9.00 31.89
C VAL G 92 -12.97 -9.24 30.55
N ALA G 93 -13.00 -10.47 30.05
CA ALA G 93 -12.45 -10.75 28.73
C ALA G 93 -13.21 -9.99 27.65
N ALA G 94 -14.54 -9.95 27.73
CA ALA G 94 -15.33 -9.21 26.76
C ALA G 94 -15.05 -7.72 26.82
N ILE G 95 -14.90 -7.17 28.04
CA ILE G 95 -14.59 -5.76 28.20
C ILE G 95 -13.22 -5.45 27.61
N GLY G 96 -12.25 -6.34 27.81
CA GLY G 96 -10.94 -6.13 27.22
C GLY G 96 -10.97 -6.17 25.71
N ALA G 97 -11.75 -7.09 25.13
CA ALA G 97 -11.88 -7.14 23.68
C ALA G 97 -12.52 -5.87 23.14
N ALA G 98 -13.58 -5.40 23.79
CA ALA G 98 -14.23 -4.16 23.34
C ALA G 98 -13.31 -2.96 23.48
N GLY G 99 -12.53 -2.90 24.57
CA GLY G 99 -11.59 -1.81 24.73
C GLY G 99 -10.49 -1.82 23.69
N LEU G 100 -9.99 -3.01 23.35
CA LEU G 100 -8.99 -3.10 22.30
C LEU G 100 -9.56 -2.71 20.94
N ALA G 101 -10.83 -3.08 20.67
CA ALA G 101 -11.48 -2.66 19.45
C ALA G 101 -11.58 -1.14 19.37
N ILE G 102 -12.04 -0.51 20.47
CA ILE G 102 -12.17 0.95 20.48
C ILE G 102 -10.80 1.61 20.34
N GLY G 103 -9.77 1.00 20.93
CA GLY G 103 -8.44 1.57 20.81
C GLY G 103 -7.89 1.48 19.40
N LEU G 104 -8.15 0.37 18.71
CA LEU G 104 -7.70 0.24 17.33
C LEU G 104 -8.50 1.12 16.39
N ALA G 105 -9.75 1.44 16.74
CA ALA G 105 -10.56 2.34 15.93
C ALA G 105 -10.24 3.81 16.19
N LEU G 106 -9.12 4.11 16.82
CA LEU G 106 -8.74 5.48 17.16
C LEU G 106 -7.33 5.84 16.71
N GLN G 107 -6.65 4.94 16.00
CA GLN G 107 -5.22 5.13 15.76
C GLN G 107 -4.92 6.34 14.88
N GLY G 108 -5.81 6.64 13.93
CA GLY G 108 -5.56 7.76 13.04
C GLY G 108 -5.55 9.10 13.75
N SER G 109 -6.56 9.35 14.58
CA SER G 109 -6.65 10.62 15.29
C SER G 109 -5.53 10.77 16.31
N LEU G 110 -5.20 9.70 17.04
CA LEU G 110 -4.12 9.78 18.00
C LEU G 110 -2.78 9.98 17.30
N ALA G 111 -2.60 9.37 16.13
CA ALA G 111 -1.40 9.63 15.35
C ALA G 111 -1.33 11.08 14.89
N ASN G 112 -2.47 11.68 14.56
CA ASN G 112 -2.50 13.09 14.21
C ASN G 112 -2.09 13.96 15.39
N PHE G 113 -2.57 13.64 16.59
CA PHE G 113 -2.20 14.44 17.76
C PHE G 113 -0.72 14.28 18.10
N ALA G 114 -0.17 13.07 17.95
CA ALA G 114 1.25 12.87 18.19
C ALA G 114 2.10 13.61 17.17
N GLY G 115 1.69 13.58 15.89
CA GLY G 115 2.40 14.36 14.89
C GLY G 115 2.33 15.85 15.13
N GLY G 116 1.20 16.32 15.66
CA GLY G 116 1.10 17.73 16.01
C GLY G 116 2.05 18.12 17.13
N VAL G 117 2.14 17.27 18.16
CA VAL G 117 3.11 17.50 19.23
C VAL G 117 4.53 17.55 18.67
N LEU G 118 4.85 16.63 17.76
CA LEU G 118 6.18 16.61 17.17
C LEU G 118 6.45 17.86 16.33
N ILE G 119 5.45 18.34 15.59
CA ILE G 119 5.64 19.54 14.79
C ILE G 119 5.82 20.76 15.68
N LEU G 120 5.17 20.79 16.85
CA LEU G 120 5.39 21.91 17.76
C LEU G 120 6.74 21.81 18.45
N LEU G 121 7.26 20.60 18.67
CA LEU G 121 8.53 20.44 19.37
C LEU G 121 9.71 20.81 18.49
N PHE G 122 9.94 20.05 17.43
CA PHE G 122 10.88 20.43 16.38
C PHE G 122 10.13 21.25 15.35
N ARG G 123 10.66 22.42 15.02
CA ARG G 123 9.91 23.32 14.16
C ARG G 123 10.42 23.25 12.72
N PRO G 124 9.79 22.45 11.85
CA PRO G 124 10.25 22.37 10.46
C PRO G 124 9.81 23.60 9.67
N PHE G 125 8.68 24.18 10.05
CA PHE G 125 8.14 25.35 9.37
C PHE G 125 7.44 26.23 10.40
N LYS G 126 7.24 27.48 10.03
CA LYS G 126 6.58 28.47 10.85
C LYS G 126 5.46 29.11 10.06
N VAL G 127 4.68 29.97 10.71
CA VAL G 127 3.59 30.66 10.05
C VAL G 127 4.18 31.67 9.07
N GLY G 128 3.71 31.64 7.83
CA GLY G 128 4.21 32.49 6.77
C GLY G 128 5.10 31.80 5.77
N ASP G 129 5.58 30.60 6.08
CA ASP G 129 6.46 29.88 5.18
C ASP G 129 5.68 29.21 4.06
N TRP G 130 6.24 29.24 2.85
CA TRP G 130 5.73 28.45 1.74
C TRP G 130 6.33 27.06 1.82
N ILE G 131 5.49 26.05 2.01
CA ILE G 131 5.94 24.68 2.12
C ILE G 131 5.20 23.83 1.10
N GLU G 132 5.68 22.60 0.95
CA GLU G 132 5.13 21.64 0.00
C GLU G 132 5.28 20.25 0.59
N ALA G 133 4.16 19.56 0.79
CA ALA G 133 4.17 18.25 1.43
C ALA G 133 2.86 17.55 1.13
N GLN G 134 2.92 16.22 1.06
CA GLN G 134 1.74 15.37 0.90
C GLN G 134 0.98 15.65 -0.40
N GLY G 135 1.66 16.14 -1.42
CA GLY G 135 1.04 16.42 -2.69
C GLY G 135 0.40 17.78 -2.83
N VAL G 136 0.50 18.64 -1.81
CA VAL G 136 -0.05 19.99 -1.87
C VAL G 136 1.06 20.97 -1.54
N ALA G 137 0.76 22.26 -1.71
CA ALA G 137 1.73 23.32 -1.47
C ALA G 137 1.00 24.60 -1.11
N GLY G 138 1.66 25.45 -0.36
CA GLY G 138 1.08 26.74 -0.02
C GLY G 138 1.73 27.36 1.19
N THR G 139 1.17 28.51 1.58
CA THR G 139 1.67 29.29 2.69
C THR G 139 1.01 28.85 3.99
N VAL G 140 1.84 28.55 5.00
CA VAL G 140 1.32 28.13 6.30
C VAL G 140 0.58 29.28 6.95
N ASP G 141 -0.68 29.06 7.27
CA ASP G 141 -1.58 30.07 7.84
C ASP G 141 -1.79 29.89 9.33
N SER G 142 -1.78 28.64 9.82
CA SER G 142 -1.98 28.35 11.23
C SER G 142 -1.60 26.90 11.47
N ILE G 143 -0.91 26.65 12.58
CA ILE G 143 -0.52 25.31 12.99
C ILE G 143 -1.29 24.98 14.26
N LEU G 144 -2.08 23.91 14.21
CA LEU G 144 -2.77 23.38 15.37
C LEU G 144 -2.18 22.03 15.72
N ILE G 145 -2.71 21.41 16.77
CA ILE G 145 -2.17 20.11 17.18
C ILE G 145 -2.77 18.99 16.34
N PHE G 146 -3.93 19.22 15.73
CA PHE G 146 -4.53 18.17 14.93
C PHE G 146 -4.23 18.30 13.44
N HIS G 147 -4.27 19.52 12.90
CA HIS G 147 -4.00 19.73 11.49
C HIS G 147 -3.28 21.05 11.27
N THR G 148 -2.79 21.23 10.06
CA THR G 148 -2.14 22.45 9.60
C THR G 148 -2.95 23.04 8.46
N VAL G 149 -3.04 24.36 8.42
CA VAL G 149 -3.84 25.06 7.42
C VAL G 149 -2.90 25.83 6.49
N LEU G 150 -3.14 25.70 5.19
CA LEU G 150 -2.35 26.33 4.14
C LEU G 150 -3.26 27.17 3.26
N ARG G 151 -2.71 28.25 2.74
CA ARG G 151 -3.36 29.02 1.68
C ARG G 151 -2.62 28.75 0.38
N SER G 152 -3.35 28.28 -0.63
CA SER G 152 -2.76 27.92 -1.90
C SER G 152 -2.33 29.18 -2.66
N GLY G 153 -1.65 28.96 -3.79
CA GLY G 153 -1.29 30.07 -4.66
C GLY G 153 -2.49 30.78 -5.24
N ASP G 154 -3.63 30.10 -5.32
CA ASP G 154 -4.89 30.67 -5.77
C ASP G 154 -5.75 31.16 -4.61
N ASN G 155 -5.24 31.04 -3.38
CA ASN G 155 -5.91 31.49 -2.15
C ASN G 155 -7.09 30.60 -1.79
N LYS G 156 -6.95 29.30 -2.00
CA LYS G 156 -7.90 28.34 -1.47
C LYS G 156 -7.27 27.60 -0.29
N ARG G 157 -8.12 27.21 0.66
CA ARG G 157 -7.66 26.72 1.94
C ARG G 157 -7.46 25.20 1.91
N ILE G 158 -6.29 24.75 2.34
CA ILE G 158 -5.94 23.35 2.38
C ILE G 158 -5.71 22.95 3.83
N ILE G 159 -6.28 21.81 4.23
CA ILE G 159 -6.15 21.29 5.58
C ILE G 159 -5.40 19.97 5.50
N VAL G 160 -4.24 19.90 6.14
CA VAL G 160 -3.38 18.73 6.11
C VAL G 160 -3.31 18.14 7.52
N PRO G 161 -3.65 16.87 7.71
CA PRO G 161 -3.48 16.27 9.03
C PRO G 161 -2.01 16.15 9.41
N ASN G 162 -1.75 16.26 10.71
CA ASN G 162 -0.38 16.40 11.21
C ASN G 162 0.38 15.09 11.31
N GLY G 163 -0.31 13.96 11.34
CA GLY G 163 0.37 12.68 11.44
C GLY G 163 1.18 12.35 10.20
N ALA G 164 0.49 12.24 9.06
CA ALA G 164 1.17 12.00 7.80
C ALA G 164 2.10 13.14 7.44
N LEU G 165 1.78 14.36 7.88
CA LEU G 165 2.65 15.50 7.61
C LEU G 165 3.98 15.35 8.32
N SER G 166 3.95 14.98 9.61
CA SER G 166 5.19 14.82 10.36
C SER G 166 5.91 13.52 10.05
N ASN G 167 5.25 12.56 9.41
CA ASN G 167 5.89 11.31 9.04
C ASN G 167 6.33 11.26 7.59
N GLY G 168 6.30 12.39 6.87
CA GLY G 168 6.77 12.46 5.50
C GLY G 168 7.79 13.58 5.32
N THR G 169 8.21 13.74 4.07
CA THR G 169 9.15 14.81 3.76
C THR G 169 8.42 16.12 3.55
N VAL G 170 9.06 17.21 3.97
CA VAL G 170 8.52 18.56 3.85
C VAL G 170 9.60 19.43 3.22
N THR G 171 9.24 20.12 2.14
CA THR G 171 10.12 21.07 1.48
C THR G 171 9.73 22.48 1.89
N ASN G 172 10.67 23.21 2.46
CA ASN G 172 10.43 24.56 2.96
C ASN G 172 11.15 25.54 2.04
N TYR G 173 10.38 26.35 1.31
CA TYR G 173 10.94 27.27 0.33
C TYR G 173 11.45 28.56 0.95
N SER G 174 11.12 28.85 2.20
CA SER G 174 11.44 30.13 2.82
C SER G 174 12.45 30.02 3.94
N ALA G 175 12.99 28.83 4.22
CA ALA G 175 13.87 28.67 5.37
C ALA G 175 15.24 29.30 5.14
N GLU G 176 15.75 29.26 3.91
CA GLU G 176 17.09 29.77 3.66
C GLU G 176 17.04 31.23 3.23
N PRO G 177 18.02 32.03 3.64
CA PRO G 177 17.99 33.46 3.28
C PRO G 177 18.34 33.73 1.82
N VAL G 178 18.98 32.80 1.13
CA VAL G 178 19.46 32.99 -0.23
C VAL G 178 19.08 31.76 -1.03
N ARG G 179 18.62 31.99 -2.27
CA ARG G 179 18.23 30.90 -3.15
C ARG G 179 18.96 31.02 -4.48
N ARG G 180 18.88 29.97 -5.29
CA ARG G 180 19.58 29.89 -6.57
C ARG G 180 18.55 29.81 -7.69
N VAL G 181 18.38 30.91 -8.41
CA VAL G 181 17.56 30.92 -9.62
C VAL G 181 18.42 30.32 -10.73
N ILE G 182 17.91 29.30 -11.41
CA ILE G 182 18.85 28.76 -12.38
C ILE G 182 18.61 29.44 -13.73
N PHE G 183 17.84 28.80 -14.63
CA PHE G 183 17.18 29.35 -15.82
C PHE G 183 17.12 28.14 -16.75
N ASP G 184 16.53 28.28 -17.94
CA ASP G 184 16.76 27.30 -19.00
C ASP G 184 16.29 27.89 -20.32
N VAL G 185 17.13 27.86 -21.35
CA VAL G 185 16.72 28.37 -22.65
C VAL G 185 17.34 27.53 -23.75
N GLY G 186 16.53 27.12 -24.73
CA GLY G 186 17.02 26.39 -25.88
C GLY G 186 17.34 27.32 -27.02
N ILE G 187 18.54 27.15 -27.60
CA ILE G 187 19.02 28.01 -28.67
C ILE G 187 19.31 27.13 -29.89
N ASP G 188 19.62 27.80 -31.01
CA ASP G 188 19.91 27.14 -32.26
C ASP G 188 21.09 26.19 -32.11
N TYR G 189 21.15 25.20 -33.02
CA TYR G 189 22.26 24.25 -33.00
C TYR G 189 23.51 24.85 -33.63
N ASP G 190 23.36 25.76 -34.57
CA ASP G 190 24.50 26.35 -35.26
C ASP G 190 25.05 27.58 -34.57
N ALA G 191 24.48 27.99 -33.43
CA ALA G 191 25.00 29.13 -32.70
C ALA G 191 26.32 28.78 -32.02
N ASP G 192 27.15 29.80 -31.80
CA ASP G 192 28.40 29.62 -31.08
C ASP G 192 28.13 29.80 -29.59
N LEU G 193 28.46 28.77 -28.81
CA LEU G 193 27.98 28.68 -27.45
C LEU G 193 28.71 29.61 -26.49
N LYS G 194 29.98 29.92 -26.76
CA LYS G 194 30.72 30.83 -25.90
C LYS G 194 30.09 32.21 -25.92
N ASN G 195 29.79 32.73 -27.11
CA ASN G 195 29.14 34.03 -27.22
C ASN G 195 27.76 34.02 -26.59
N ALA G 196 27.05 32.91 -26.70
CA ALA G 196 25.71 32.82 -26.12
C ALA G 196 25.75 32.86 -24.60
N GLN G 197 26.68 32.13 -23.99
CA GLN G 197 26.75 32.18 -22.54
C GLN G 197 27.35 33.49 -22.05
N ASN G 198 28.17 34.15 -22.86
CA ASN G 198 28.59 35.50 -22.52
C ASN G 198 27.42 36.47 -22.52
N ILE G 199 26.53 36.34 -23.51
CA ILE G 199 25.33 37.16 -23.55
C ILE G 199 24.46 36.90 -22.33
N LEU G 200 24.27 35.62 -21.98
CA LEU G 200 23.48 35.28 -20.80
C LEU G 200 24.13 35.81 -19.53
N LEU G 201 25.46 35.86 -19.47
CA LEU G 201 26.14 36.37 -18.29
C LEU G 201 26.02 37.88 -18.20
N ALA G 202 26.01 38.58 -19.34
CA ALA G 202 25.78 40.03 -19.30
C ALA G 202 24.28 40.33 -19.37
N MET G 203 23.53 39.58 -18.58
CA MET G 203 22.10 39.77 -18.40
C MET G 203 21.74 39.64 -16.93
N ALA G 204 22.67 39.19 -16.09
CA ALA G 204 22.50 39.11 -14.65
C ALA G 204 23.20 40.24 -13.92
N ASP G 205 23.34 41.40 -14.57
CA ASP G 205 23.93 42.57 -13.93
C ASP G 205 22.91 43.36 -13.11
N ASP G 206 21.74 42.80 -12.85
CA ASP G 206 20.76 43.47 -12.02
C ASP G 206 21.32 43.67 -10.61
N PRO G 207 20.93 44.74 -9.91
CA PRO G 207 21.37 44.88 -8.51
C PRO G 207 20.51 44.05 -7.57
N ARG G 208 20.20 42.83 -8.00
CA ARG G 208 19.50 41.85 -7.19
C ARG G 208 20.16 40.49 -7.25
N VAL G 209 21.09 40.29 -8.17
CA VAL G 209 21.84 39.05 -8.29
C VAL G 209 23.09 39.17 -7.42
N LEU G 210 23.21 38.30 -6.43
CA LEU G 210 24.38 38.33 -5.56
C LEU G 210 25.62 37.95 -6.34
N LYS G 211 26.75 38.49 -5.91
CA LYS G 211 28.05 38.13 -6.45
C LYS G 211 28.80 37.15 -5.57
N ASP G 212 28.18 36.68 -4.48
CA ASP G 212 28.93 35.91 -3.49
C ASP G 212 29.37 34.57 -4.06
N PRO G 213 28.45 33.62 -4.41
CA PRO G 213 28.83 32.60 -5.39
C PRO G 213 28.57 33.07 -6.81
N ALA G 214 29.55 33.73 -7.43
CA ALA G 214 29.46 34.39 -8.73
C ALA G 214 28.63 33.62 -9.76
N PRO G 215 27.89 34.31 -10.62
CA PRO G 215 26.99 33.63 -11.55
C PRO G 215 27.72 32.72 -12.52
N VAL G 216 26.97 31.78 -13.08
CA VAL G 216 27.55 30.74 -13.93
C VAL G 216 26.62 30.54 -15.13
N ALA G 217 27.18 30.20 -16.27
CA ALA G 217 26.40 29.89 -17.47
C ALA G 217 27.03 28.67 -18.14
N VAL G 218 26.24 27.61 -18.29
CA VAL G 218 26.76 26.33 -18.76
C VAL G 218 25.88 25.79 -19.88
N VAL G 219 26.45 24.83 -20.61
CA VAL G 219 25.73 24.09 -21.64
C VAL G 219 25.26 22.78 -21.02
N SER G 220 23.99 22.71 -20.66
CA SER G 220 23.40 21.45 -20.24
C SER G 220 23.07 20.64 -21.50
N ASN G 221 22.24 19.62 -21.36
CA ASN G 221 22.10 18.60 -22.39
C ASN G 221 21.86 19.19 -23.78
N LEU G 222 22.28 18.45 -24.80
CA LEU G 222 22.00 18.77 -26.19
C LEU G 222 20.67 18.12 -26.58
N GLY G 223 19.63 18.94 -26.72
CA GLY G 223 18.29 18.45 -26.98
C GLY G 223 18.12 17.98 -28.42
N GLU G 224 16.87 17.63 -28.74
CA GLU G 224 16.57 17.08 -30.06
C GLU G 224 16.38 18.16 -31.10
N SER G 225 15.95 19.37 -30.70
CA SER G 225 15.80 20.48 -31.62
C SER G 225 16.61 21.71 -31.24
N ALA G 226 17.05 21.83 -29.99
CA ALA G 226 17.76 23.01 -29.54
C ALA G 226 18.82 22.60 -28.53
N ILE G 227 19.87 23.41 -28.43
CA ILE G 227 20.90 23.23 -27.41
C ILE G 227 20.48 24.01 -26.17
N THR G 228 20.48 23.34 -25.02
CA THR G 228 19.96 23.93 -23.80
C THR G 228 21.07 24.63 -23.04
N LEU G 229 20.93 25.93 -22.85
CA LEU G 229 21.81 26.72 -22.00
C LEU G 229 21.14 26.95 -20.65
N SER G 230 21.97 27.04 -19.62
CA SER G 230 21.49 27.18 -18.24
C SER G 230 22.30 28.27 -17.55
N LEU G 231 21.64 29.37 -17.23
CA LEU G 231 22.18 30.38 -16.33
C LEU G 231 21.99 29.91 -14.90
N ARG G 232 22.75 30.47 -13.97
CA ARG G 232 22.70 30.04 -12.58
C ARG G 232 23.20 31.17 -11.70
N VAL G 233 22.28 31.78 -10.94
CA VAL G 233 22.59 32.94 -10.13
C VAL G 233 22.01 32.75 -8.73
N TRP G 234 22.54 33.52 -7.79
CA TRP G 234 22.09 33.51 -6.41
C TRP G 234 21.39 34.84 -6.10
N VAL G 235 20.20 34.75 -5.53
CA VAL G 235 19.40 35.91 -5.15
C VAL G 235 18.97 35.74 -3.71
N LYS G 236 18.37 36.80 -3.16
CA LYS G 236 17.72 36.68 -1.87
C LYS G 236 16.40 35.94 -2.01
N ASN G 237 15.96 35.30 -0.93
CA ASN G 237 14.82 34.41 -1.00
C ASN G 237 13.54 35.10 -1.43
N ALA G 238 13.48 36.42 -1.34
CA ALA G 238 12.28 37.17 -1.71
C ALA G 238 12.30 37.70 -3.13
N ASP G 239 13.44 37.67 -3.80
CA ASP G 239 13.56 38.15 -5.18
C ASP G 239 13.53 37.03 -6.20
N TYR G 240 13.21 35.81 -5.79
CA TYR G 240 13.27 34.66 -6.69
C TYR G 240 12.43 34.87 -7.94
N TRP G 241 11.13 35.08 -7.77
CA TRP G 241 10.22 35.09 -8.90
C TRP G 241 10.39 36.33 -9.76
N ASP G 242 10.68 37.48 -9.16
CA ASP G 242 10.92 38.69 -9.94
C ASP G 242 12.09 38.49 -10.90
N VAL G 243 13.19 37.92 -10.40
CA VAL G 243 14.35 37.68 -11.23
C VAL G 243 14.03 36.63 -12.30
N MET G 244 13.27 35.59 -11.94
CA MET G 244 12.91 34.59 -12.93
C MET G 244 12.09 35.17 -14.07
N PHE G 245 11.11 36.01 -13.77
CA PHE G 245 10.27 36.62 -14.81
C PHE G 245 11.07 37.61 -15.65
N MET G 246 11.93 38.41 -15.01
CA MET G 246 12.79 39.32 -15.75
C MET G 246 13.67 38.56 -16.73
N PHE G 247 14.21 37.41 -16.31
CA PHE G 247 14.95 36.57 -17.23
C PHE G 247 14.06 36.08 -18.37
N ASN G 248 12.85 35.61 -18.03
CA ASN G 248 11.93 35.09 -19.04
C ASN G 248 11.69 36.09 -20.17
N GLU G 249 11.73 37.38 -19.87
CA GLU G 249 11.56 38.39 -20.93
C GLU G 249 12.88 38.76 -21.62
N LYS G 250 13.85 39.22 -20.83
CA LYS G 250 15.09 39.72 -21.41
C LYS G 250 15.87 38.63 -22.12
N ALA G 251 15.61 37.36 -21.85
CA ALA G 251 16.37 36.27 -22.47
C ALA G 251 16.21 36.31 -23.99
N ARG G 252 14.97 36.17 -24.46
CA ARG G 252 14.75 36.28 -25.90
C ARG G 252 15.15 37.65 -26.39
N ASP G 253 14.75 38.72 -25.68
CA ASP G 253 15.00 40.04 -26.24
C ASP G 253 16.49 40.32 -26.44
N ALA G 254 17.35 39.69 -25.64
CA ALA G 254 18.79 39.92 -25.70
C ALA G 254 19.54 38.90 -26.54
N LEU G 255 19.11 37.63 -26.55
CA LEU G 255 19.73 36.66 -27.43
C LEU G 255 19.49 37.01 -28.89
N GLY G 256 18.26 37.38 -29.24
CA GLY G 256 17.96 37.68 -30.63
C GLY G 256 18.76 38.82 -31.22
N LYS G 257 19.43 39.62 -30.40
CA LYS G 257 20.12 40.80 -30.91
C LYS G 257 21.40 40.43 -31.63
N GLU G 258 22.13 39.44 -31.11
CA GLU G 258 23.39 39.01 -31.70
C GLU G 258 23.21 37.84 -32.66
N GLY G 259 22.00 37.62 -33.16
CA GLY G 259 21.78 36.59 -34.15
C GLY G 259 21.65 35.18 -33.61
N ILE G 260 21.11 35.03 -32.40
CA ILE G 260 20.87 33.73 -31.80
C ILE G 260 19.37 33.58 -31.61
N GLY G 261 18.76 32.64 -32.31
CA GLY G 261 17.34 32.44 -32.19
C GLY G 261 16.96 31.36 -31.20
N ILE G 262 15.66 31.30 -30.91
CA ILE G 262 15.07 30.25 -30.10
C ILE G 262 14.20 29.40 -31.04
N PRO G 263 14.61 28.18 -31.37
CA PRO G 263 14.00 27.48 -32.51
C PRO G 263 12.76 26.68 -32.15
N PHE G 264 11.99 26.38 -33.19
CA PHE G 264 10.78 25.57 -33.15
C PHE G 264 11.14 24.09 -33.26
N PRO G 265 10.16 23.18 -33.21
CA PRO G 265 10.48 21.75 -33.39
C PRO G 265 10.89 21.36 -34.81
N GLN G 266 12.19 21.45 -35.10
CA GLN G 266 12.75 21.12 -36.39
C GLN G 266 12.40 19.69 -36.83
N ARG G 267 12.48 19.46 -38.13
CA ARG G 267 12.24 18.16 -38.74
C ARG G 267 12.90 18.13 -40.10
N VAL G 268 13.42 16.95 -40.48
CA VAL G 268 14.01 16.73 -41.79
C VAL G 268 13.18 15.68 -42.51
N VAL G 269 12.67 16.03 -43.68
CA VAL G 269 11.70 15.21 -44.40
C VAL G 269 12.26 14.91 -45.78
N LYS G 270 12.39 13.63 -46.12
CA LYS G 270 12.79 13.19 -47.44
C LYS G 270 11.54 12.79 -48.21
N VAL G 271 11.27 13.50 -49.30
CA VAL G 271 10.03 13.30 -50.05
C VAL G 271 10.30 12.36 -51.21
N VAL G 272 9.57 11.25 -51.24
CA VAL G 272 9.59 10.32 -52.37
C VAL G 272 8.25 10.43 -53.07
N GLN G 273 8.29 10.72 -54.37
CA GLN G 273 7.06 10.95 -55.14
C GLN G 273 6.83 9.84 -56.16
#